data_7X9O
# 
_entry.id   7X9O 
# 
_audit_conform.dict_name       mmcif_pdbx.dic 
_audit_conform.dict_version    5.380 
_audit_conform.dict_location   http://mmcif.pdb.org/dictionaries/ascii/mmcif_pdbx.dic 
# 
loop_
_database_2.database_id 
_database_2.database_code 
_database_2.pdbx_database_accession 
_database_2.pdbx_DOI 
PDB   7X9O         pdb_00007x9o 10.2210/pdb7x9o/pdb 
WWPDB D_1300028382 ?            ?                   
# 
_pdbx_database_status.status_code                     REL 
_pdbx_database_status.status_code_sf                  REL 
_pdbx_database_status.status_code_mr                  ? 
_pdbx_database_status.entry_id                        7X9O 
_pdbx_database_status.recvd_initial_deposition_date   2022-03-15 
_pdbx_database_status.SG_entry                        N 
_pdbx_database_status.deposit_site                    PDBJ 
_pdbx_database_status.process_site                    PDBJ 
_pdbx_database_status.status_code_cs                  ? 
_pdbx_database_status.status_code_nmr_data            ? 
_pdbx_database_status.methods_development_category    ? 
_pdbx_database_status.pdb_format_compatible           Y 
# 
loop_
_audit_author.name 
_audit_author.pdbx_ordinal 
_audit_author.identifier_ORCID 
'Nakamura, T.' 1 ? 
'Yamagata, Y.' 2 ? 
# 
_citation.abstract                  ? 
_citation.abstract_id_CAS           ? 
_citation.book_id_ISBN              ? 
_citation.book_publisher            ? 
_citation.book_publisher_city       ? 
_citation.book_title                ? 
_citation.coordinate_linkage        ? 
_citation.country                   US 
_citation.database_id_Medline       ? 
_citation.details                   ? 
_citation.id                        primary 
_citation.journal_abbrev            Proc.Natl.Acad.Sci.USA 
_citation.journal_id_ASTM           PNASA6 
_citation.journal_id_CSD            0040 
_citation.journal_id_ISSN           1091-6490 
_citation.journal_full              ? 
_citation.journal_issue             ? 
_citation.journal_volume            119 
_citation.language                  ? 
_citation.page_first                e2203118119 
_citation.page_last                 e2203118119 
_citation.title                     'Visualization of mutagenic nucleotide processing by Escherichia coli MutT, a Nudix hydrolase.' 
_citation.year                      2022 
_citation.database_id_CSD           ? 
_citation.pdbx_database_id_DOI      10.1073/pnas.2203118119 
_citation.pdbx_database_id_PubMed   35594391 
_citation.pdbx_database_id_patent   ? 
_citation.unpublished_flag          ? 
# 
loop_
_citation_author.citation_id 
_citation_author.name 
_citation_author.ordinal 
_citation_author.identifier_ORCID 
primary 'Nakamura, T.' 1 0000-0003-2013-3057 
primary 'Yamagata, Y.' 2 0000-0003-0007-4985 
# 
_cell.angle_alpha                  90.000 
_cell.angle_alpha_esd              ? 
_cell.angle_beta                   90.000 
_cell.angle_beta_esd               ? 
_cell.angle_gamma                  90.000 
_cell.angle_gamma_esd              ? 
_cell.entry_id                     7X9O 
_cell.details                      ? 
_cell.formula_units_Z              ? 
_cell.length_a                     38.449 
_cell.length_a_esd                 ? 
_cell.length_b                     56.014 
_cell.length_b_esd                 ? 
_cell.length_c                     59.126 
_cell.length_c_esd                 ? 
_cell.volume                       127338.619 
_cell.volume_esd                   ? 
_cell.Z_PDB                        4 
_cell.reciprocal_angle_alpha       ? 
_cell.reciprocal_angle_beta        ? 
_cell.reciprocal_angle_gamma       ? 
_cell.reciprocal_angle_alpha_esd   ? 
_cell.reciprocal_angle_beta_esd    ? 
_cell.reciprocal_angle_gamma_esd   ? 
_cell.reciprocal_length_a          ? 
_cell.reciprocal_length_b          ? 
_cell.reciprocal_length_c          ? 
_cell.reciprocal_length_a_esd      ? 
_cell.reciprocal_length_b_esd      ? 
_cell.reciprocal_length_c_esd      ? 
_cell.pdbx_unique_axis             ? 
# 
_symmetry.entry_id                         7X9O 
_symmetry.cell_setting                     ? 
_symmetry.Int_Tables_number                19 
_symmetry.space_group_name_Hall            'P 2ac 2ab' 
_symmetry.space_group_name_H-M             'P 21 21 21' 
_symmetry.pdbx_full_space_group_name_H-M   ? 
# 
loop_
_entity.id 
_entity.type 
_entity.src_method 
_entity.pdbx_description 
_entity.formula_weight 
_entity.pdbx_number_of_molecules 
_entity.pdbx_ec 
_entity.pdbx_mutation 
_entity.pdbx_fragment 
_entity.details 
1 polymer     man 7,8-dihydro-8-oxoguanine-triphosphatase             14945.029 1   3.6.1.55,3.6.1.- ? ? ? 
2 branched    man 'beta-D-fructofuranose-(2-1)-alpha-D-glucopyranose' 342.297   1   ?                ? ? ? 
3 non-polymer syn "8-OXO-2'-DEOXY-GUANOSINE-5'-MONOPHOSPHATE"         363.221   1   ?                ? ? ? 
4 non-polymer syn 'SULFATE ION'                                       96.063    1   ?                ? ? ? 
5 non-polymer syn 'MAGNESIUM ION'                                     24.305    2   ?                ? ? ? 
6 water       nat water                                               18.015    151 ?                ? ? ? 
# 
_entity_name_com.entity_id   1 
_entity_name_com.name        
;8-oxo-dGTP diphosphatase,8-oxo-dGTP diphosphatase MutT,Mutator MutT protein,Mutator mutT protein (7,8-dihydro-8-oxoguanine-triphosphatase),Nucleoside triphosphate hydrolase,Nucleoside triphosphate pyrophosphohydrolase,marked preference for dGTP,dGTP-preferring nucleoside triphosphate pyrophosphohydrolase
;
# 
_entity_poly.entity_id                      1 
_entity_poly.type                           'polypeptide(L)' 
_entity_poly.nstd_linkage                   no 
_entity_poly.nstd_monomer                   no 
_entity_poly.pdbx_seq_one_letter_code       
;MKKLQIAVGIIRNENNEIFITRRAADAHMANKLEFPGGKIEMGETPEQAVVRELQEEVGITPQHFSLFEKLEYEFPDRHI
TLWFWLVERWEGEPWGKEGQPGEWMSLVGLNADDFPPANEPVIAKLKRL
;
_entity_poly.pdbx_seq_one_letter_code_can   
;MKKLQIAVGIIRNENNEIFITRRAADAHMANKLEFPGGKIEMGETPEQAVVRELQEEVGITPQHFSLFEKLEYEFPDRHI
TLWFWLVERWEGEPWGKEGQPGEWMSLVGLNADDFPPANEPVIAKLKRL
;
_entity_poly.pdbx_strand_id                 A 
_entity_poly.pdbx_target_identifier         ? 
# 
loop_
_entity_poly_seq.entity_id 
_entity_poly_seq.num 
_entity_poly_seq.mon_id 
_entity_poly_seq.hetero 
1 1   MET n 
1 2   LYS n 
1 3   LYS n 
1 4   LEU n 
1 5   GLN n 
1 6   ILE n 
1 7   ALA n 
1 8   VAL n 
1 9   GLY n 
1 10  ILE n 
1 11  ILE n 
1 12  ARG n 
1 13  ASN n 
1 14  GLU n 
1 15  ASN n 
1 16  ASN n 
1 17  GLU n 
1 18  ILE n 
1 19  PHE n 
1 20  ILE n 
1 21  THR n 
1 22  ARG n 
1 23  ARG n 
1 24  ALA n 
1 25  ALA n 
1 26  ASP n 
1 27  ALA n 
1 28  HIS n 
1 29  MET n 
1 30  ALA n 
1 31  ASN n 
1 32  LYS n 
1 33  LEU n 
1 34  GLU n 
1 35  PHE n 
1 36  PRO n 
1 37  GLY n 
1 38  GLY n 
1 39  LYS n 
1 40  ILE n 
1 41  GLU n 
1 42  MET n 
1 43  GLY n 
1 44  GLU n 
1 45  THR n 
1 46  PRO n 
1 47  GLU n 
1 48  GLN n 
1 49  ALA n 
1 50  VAL n 
1 51  VAL n 
1 52  ARG n 
1 53  GLU n 
1 54  LEU n 
1 55  GLN n 
1 56  GLU n 
1 57  GLU n 
1 58  VAL n 
1 59  GLY n 
1 60  ILE n 
1 61  THR n 
1 62  PRO n 
1 63  GLN n 
1 64  HIS n 
1 65  PHE n 
1 66  SER n 
1 67  LEU n 
1 68  PHE n 
1 69  GLU n 
1 70  LYS n 
1 71  LEU n 
1 72  GLU n 
1 73  TYR n 
1 74  GLU n 
1 75  PHE n 
1 76  PRO n 
1 77  ASP n 
1 78  ARG n 
1 79  HIS n 
1 80  ILE n 
1 81  THR n 
1 82  LEU n 
1 83  TRP n 
1 84  PHE n 
1 85  TRP n 
1 86  LEU n 
1 87  VAL n 
1 88  GLU n 
1 89  ARG n 
1 90  TRP n 
1 91  GLU n 
1 92  GLY n 
1 93  GLU n 
1 94  PRO n 
1 95  TRP n 
1 96  GLY n 
1 97  LYS n 
1 98  GLU n 
1 99  GLY n 
1 100 GLN n 
1 101 PRO n 
1 102 GLY n 
1 103 GLU n 
1 104 TRP n 
1 105 MET n 
1 106 SER n 
1 107 LEU n 
1 108 VAL n 
1 109 GLY n 
1 110 LEU n 
1 111 ASN n 
1 112 ALA n 
1 113 ASP n 
1 114 ASP n 
1 115 PHE n 
1 116 PRO n 
1 117 PRO n 
1 118 ALA n 
1 119 ASN n 
1 120 GLU n 
1 121 PRO n 
1 122 VAL n 
1 123 ILE n 
1 124 ALA n 
1 125 LYS n 
1 126 LEU n 
1 127 LYS n 
1 128 ARG n 
1 129 LEU n 
# 
_entity_src_gen.entity_id                          1 
_entity_src_gen.pdbx_src_id                        1 
_entity_src_gen.pdbx_alt_source_flag               sample 
_entity_src_gen.pdbx_seq_type                      'Biological sequence' 
_entity_src_gen.pdbx_beg_seq_num                   1 
_entity_src_gen.pdbx_end_seq_num                   129 
_entity_src_gen.gene_src_common_name               ? 
_entity_src_gen.gene_src_genus                     ? 
_entity_src_gen.pdbx_gene_src_gene                 ? 
_entity_src_gen.gene_src_species                   ? 
_entity_src_gen.gene_src_strain                    ? 
_entity_src_gen.gene_src_tissue                    ? 
_entity_src_gen.gene_src_tissue_fraction           ? 
_entity_src_gen.gene_src_details                   ? 
_entity_src_gen.pdbx_gene_src_fragment             ? 
_entity_src_gen.pdbx_gene_src_scientific_name      'Escherichia coli' 
_entity_src_gen.pdbx_gene_src_ncbi_taxonomy_id     562 
_entity_src_gen.pdbx_gene_src_variant              ? 
_entity_src_gen.pdbx_gene_src_cell_line            ? 
_entity_src_gen.pdbx_gene_src_atcc                 ? 
_entity_src_gen.pdbx_gene_src_organ                ? 
_entity_src_gen.pdbx_gene_src_organelle            ? 
_entity_src_gen.pdbx_gene_src_cell                 ? 
_entity_src_gen.pdbx_gene_src_cellular_location    ? 
_entity_src_gen.host_org_common_name               ? 
_entity_src_gen.pdbx_host_org_scientific_name      'Escherichia coli' 
_entity_src_gen.pdbx_host_org_ncbi_taxonomy_id     562 
_entity_src_gen.host_org_genus                     ? 
_entity_src_gen.pdbx_host_org_gene                 ? 
_entity_src_gen.pdbx_host_org_organ                ? 
_entity_src_gen.host_org_species                   ? 
_entity_src_gen.pdbx_host_org_tissue               ? 
_entity_src_gen.pdbx_host_org_tissue_fraction      ? 
_entity_src_gen.pdbx_host_org_strain               ? 
_entity_src_gen.pdbx_host_org_variant              ? 
_entity_src_gen.pdbx_host_org_cell_line            ? 
_entity_src_gen.pdbx_host_org_atcc                 ? 
_entity_src_gen.pdbx_host_org_culture_collection   ? 
_entity_src_gen.pdbx_host_org_cell                 ? 
_entity_src_gen.pdbx_host_org_organelle            ? 
_entity_src_gen.pdbx_host_org_cellular_location    ? 
_entity_src_gen.pdbx_host_org_vector_type          ? 
_entity_src_gen.pdbx_host_org_vector               ? 
_entity_src_gen.host_org_details                   ? 
_entity_src_gen.expression_system_id               ? 
_entity_src_gen.plasmid_name                       ? 
_entity_src_gen.plasmid_details                    ? 
_entity_src_gen.pdbx_description                   ? 
# 
_struct_ref.id                         1 
_struct_ref.db_name                    UNP 
_struct_ref.db_code                    A0A037YRW7_ECOLX 
_struct_ref.pdbx_db_accession          A0A037YRW7 
_struct_ref.pdbx_db_isoform            ? 
_struct_ref.entity_id                  1 
_struct_ref.pdbx_seq_one_letter_code   
;MKKLQIAVGIIRNENNEIFITRRAADAHMANKLEFPGGKIEMGETPEQAVVRELQEEVGITPQHFSLFEKLEYEFPDRHI
TLWFWLVERWEGEPWGKEGQPGEWMSLVGLNADDFPPANEPVIAKLKRL
;
_struct_ref.pdbx_align_begin           1 
# 
_struct_ref_seq.align_id                      1 
_struct_ref_seq.ref_id                        1 
_struct_ref_seq.pdbx_PDB_id_code              7X9O 
_struct_ref_seq.pdbx_strand_id                A 
_struct_ref_seq.seq_align_beg                 1 
_struct_ref_seq.pdbx_seq_align_beg_ins_code   ? 
_struct_ref_seq.seq_align_end                 129 
_struct_ref_seq.pdbx_seq_align_end_ins_code   ? 
_struct_ref_seq.pdbx_db_accession             A0A037YRW7 
_struct_ref_seq.db_align_beg                  1 
_struct_ref_seq.pdbx_db_align_beg_ins_code    ? 
_struct_ref_seq.db_align_end                  129 
_struct_ref_seq.pdbx_db_align_end_ins_code    ? 
_struct_ref_seq.pdbx_auth_seq_align_beg       1 
_struct_ref_seq.pdbx_auth_seq_align_end       129 
# 
loop_
_chem_comp.id 
_chem_comp.type 
_chem_comp.mon_nstd_flag 
_chem_comp.name 
_chem_comp.pdbx_synonyms 
_chem_comp.formula 
_chem_comp.formula_weight 
8OG 'DNA linking'                 n "8-OXO-2'-DEOXY-GUANOSINE-5'-MONOPHOSPHATE" 
"8-OXO-7,8-DIHYDRO-2'-DEOXY-GUANOSINE-5'-MONOPHOSPHATE" 'C10 H14 N5 O8 P' 363.221 
ALA 'L-peptide linking'           y ALANINE                                     ? 'C3 H7 N O2'      89.093  
ARG 'L-peptide linking'           y ARGININE                                    ? 'C6 H15 N4 O2 1'  175.209 
ASN 'L-peptide linking'           y ASPARAGINE                                  ? 'C4 H8 N2 O3'     132.118 
ASP 'L-peptide linking'           y 'ASPARTIC ACID'                             ? 'C4 H7 N O4'      133.103 
FRU 'D-saccharide, beta linking'  . beta-D-fructofuranose                       'beta-D-fructose; D-fructose; fructose' 
'C6 H12 O6'       180.156 
GLC 'D-saccharide, alpha linking' . alpha-D-glucopyranose                       'alpha-D-glucose; D-glucose; glucose' 'C6 H12 O6' 
180.156 
GLN 'L-peptide linking'           y GLUTAMINE                                   ? 'C5 H10 N2 O3'    146.144 
GLU 'L-peptide linking'           y 'GLUTAMIC ACID'                             ? 'C5 H9 N O4'      147.129 
GLY 'peptide linking'             y GLYCINE                                     ? 'C2 H5 N O2'      75.067  
HIS 'L-peptide linking'           y HISTIDINE                                   ? 'C6 H10 N3 O2 1'  156.162 
HOH non-polymer                   . WATER                                       ? 'H2 O'            18.015  
ILE 'L-peptide linking'           y ISOLEUCINE                                  ? 'C6 H13 N O2'     131.173 
LEU 'L-peptide linking'           y LEUCINE                                     ? 'C6 H13 N O2'     131.173 
LYS 'L-peptide linking'           y LYSINE                                      ? 'C6 H15 N2 O2 1'  147.195 
MET 'L-peptide linking'           y METHIONINE                                  ? 'C5 H11 N O2 S'   149.211 
MG  non-polymer                   . 'MAGNESIUM ION'                             ? 'Mg 2'            24.305  
PHE 'L-peptide linking'           y PHENYLALANINE                               ? 'C9 H11 N O2'     165.189 
PRO 'L-peptide linking'           y PROLINE                                     ? 'C5 H9 N O2'      115.130 
SER 'L-peptide linking'           y SERINE                                      ? 'C3 H7 N O3'      105.093 
SO4 non-polymer                   . 'SULFATE ION'                               ? 'O4 S -2'         96.063  
THR 'L-peptide linking'           y THREONINE                                   ? 'C4 H9 N O3'      119.119 
TRP 'L-peptide linking'           y TRYPTOPHAN                                  ? 'C11 H12 N2 O2'   204.225 
TYR 'L-peptide linking'           y TYROSINE                                    ? 'C9 H11 N O3'     181.189 
VAL 'L-peptide linking'           y VALINE                                      ? 'C5 H11 N O2'     117.146 
# 
_exptl.absorpt_coefficient_mu     ? 
_exptl.absorpt_correction_T_max   ? 
_exptl.absorpt_correction_T_min   ? 
_exptl.absorpt_correction_type    ? 
_exptl.absorpt_process_details    ? 
_exptl.entry_id                   7X9O 
_exptl.crystals_number            1 
_exptl.details                    ? 
_exptl.method                     'X-RAY DIFFRACTION' 
_exptl.method_details             ? 
# 
_exptl_crystal.colour                      ? 
_exptl_crystal.density_diffrn              ? 
_exptl_crystal.density_Matthews            2.13 
_exptl_crystal.density_method              ? 
_exptl_crystal.density_percent_sol         42.26 
_exptl_crystal.description                 ? 
_exptl_crystal.F_000                       ? 
_exptl_crystal.id                          1 
_exptl_crystal.preparation                 ? 
_exptl_crystal.size_max                    ? 
_exptl_crystal.size_mid                    ? 
_exptl_crystal.size_min                    ? 
_exptl_crystal.size_rad                    ? 
_exptl_crystal.colour_lustre               ? 
_exptl_crystal.colour_modifier             ? 
_exptl_crystal.colour_primary              ? 
_exptl_crystal.density_meas                ? 
_exptl_crystal.density_meas_esd            ? 
_exptl_crystal.density_meas_gt             ? 
_exptl_crystal.density_meas_lt             ? 
_exptl_crystal.density_meas_temp           ? 
_exptl_crystal.density_meas_temp_esd       ? 
_exptl_crystal.density_meas_temp_gt        ? 
_exptl_crystal.density_meas_temp_lt        ? 
_exptl_crystal.pdbx_crystal_image_url      ? 
_exptl_crystal.pdbx_crystal_image_format   ? 
_exptl_crystal.pdbx_mosaicity              ? 
_exptl_crystal.pdbx_mosaicity_esd          ? 
# 
_exptl_crystal_grow.apparatus       ? 
_exptl_crystal_grow.atmosphere      ? 
_exptl_crystal_grow.crystal_id      1 
_exptl_crystal_grow.details         ? 
_exptl_crystal_grow.method          'VAPOR DIFFUSION, HANGING DROP' 
_exptl_crystal_grow.method_ref      ? 
_exptl_crystal_grow.pH              ? 
_exptl_crystal_grow.pressure        ? 
_exptl_crystal_grow.pressure_esd    ? 
_exptl_crystal_grow.seeding         ? 
_exptl_crystal_grow.seeding_ref     ? 
_exptl_crystal_grow.temp            288 
_exptl_crystal_grow.temp_details    ? 
_exptl_crystal_grow.temp_esd        ? 
_exptl_crystal_grow.time            ? 
_exptl_crystal_grow.pdbx_details    'potassium sodium tartrate, sodium citrate, ammonium sulfate' 
_exptl_crystal_grow.pdbx_pH_range   ? 
# 
_diffrn.ambient_environment              ? 
_diffrn.ambient_temp                     100 
_diffrn.ambient_temp_details             ? 
_diffrn.ambient_temp_esd                 ? 
_diffrn.crystal_id                       1 
_diffrn.crystal_support                  ? 
_diffrn.crystal_treatment                ? 
_diffrn.details                          ? 
_diffrn.id                               1 
_diffrn.ambient_pressure                 ? 
_diffrn.ambient_pressure_esd             ? 
_diffrn.ambient_pressure_gt              ? 
_diffrn.ambient_pressure_lt              ? 
_diffrn.ambient_temp_gt                  ? 
_diffrn.ambient_temp_lt                  ? 
_diffrn.pdbx_serial_crystal_experiment   N 
# 
_diffrn_detector.details                      ? 
_diffrn_detector.detector                     PIXEL 
_diffrn_detector.diffrn_id                    1 
_diffrn_detector.type                         'DECTRIS PILATUS 2M' 
_diffrn_detector.area_resol_mean              ? 
_diffrn_detector.dtime                        ? 
_diffrn_detector.pdbx_frames_total            ? 
_diffrn_detector.pdbx_collection_time_total   ? 
_diffrn_detector.pdbx_collection_date         2014-02-14 
_diffrn_detector.pdbx_frequency               ? 
# 
_diffrn_radiation.collimation                      ? 
_diffrn_radiation.diffrn_id                        1 
_diffrn_radiation.filter_edge                      ? 
_diffrn_radiation.inhomogeneity                    ? 
_diffrn_radiation.monochromator                    ? 
_diffrn_radiation.polarisn_norm                    ? 
_diffrn_radiation.polarisn_ratio                   ? 
_diffrn_radiation.probe                            ? 
_diffrn_radiation.type                             ? 
_diffrn_radiation.xray_symbol                      ? 
_diffrn_radiation.wavelength_id                    1 
_diffrn_radiation.pdbx_monochromatic_or_laue_m_l   M 
_diffrn_radiation.pdbx_wavelength_list             ? 
_diffrn_radiation.pdbx_wavelength                  ? 
_diffrn_radiation.pdbx_diffrn_protocol             'SINGLE WAVELENGTH' 
_diffrn_radiation.pdbx_analyzer                    ? 
_diffrn_radiation.pdbx_scattering_type             x-ray 
# 
_diffrn_radiation_wavelength.id           1 
_diffrn_radiation_wavelength.wavelength   1.1 
_diffrn_radiation_wavelength.wt           1.0 
# 
_diffrn_source.current                     ? 
_diffrn_source.details                     ? 
_diffrn_source.diffrn_id                   1 
_diffrn_source.power                       ? 
_diffrn_source.size                        ? 
_diffrn_source.source                      SYNCHROTRON 
_diffrn_source.target                      ? 
_diffrn_source.type                        'PHOTON FACTORY BEAMLINE BL-1A' 
_diffrn_source.voltage                     ? 
_diffrn_source.take-off_angle              ? 
_diffrn_source.pdbx_wavelength_list        1.1 
_diffrn_source.pdbx_wavelength             ? 
_diffrn_source.pdbx_synchrotron_beamline   BL-1A 
_diffrn_source.pdbx_synchrotron_site       'Photon Factory' 
# 
_reflns.B_iso_Wilson_estimate                          11.23 
_reflns.entry_id                                       7X9O 
_reflns.data_reduction_details                         ? 
_reflns.data_reduction_method                          ? 
_reflns.d_resolution_high                              1.58 
_reflns.d_resolution_low                               40.66 
_reflns.details                                        ? 
_reflns.limit_h_max                                    ? 
_reflns.limit_h_min                                    ? 
_reflns.limit_k_max                                    ? 
_reflns.limit_k_min                                    ? 
_reflns.limit_l_max                                    ? 
_reflns.limit_l_min                                    ? 
_reflns.number_all                                     ? 
_reflns.number_obs                                     17461 
_reflns.observed_criterion                             ? 
_reflns.observed_criterion_F_max                       ? 
_reflns.observed_criterion_F_min                       ? 
_reflns.observed_criterion_I_max                       ? 
_reflns.observed_criterion_I_min                       ? 
_reflns.observed_criterion_sigma_F                     ? 
_reflns.observed_criterion_sigma_I                     ? 
_reflns.percent_possible_obs                           96.2 
_reflns.R_free_details                                 ? 
_reflns.Rmerge_F_all                                   ? 
_reflns.Rmerge_F_obs                                   ? 
_reflns.Friedel_coverage                               ? 
_reflns.number_gt                                      ? 
_reflns.threshold_expression                           ? 
_reflns.pdbx_redundancy                                4.7 
_reflns.pdbx_Rmerge_I_obs                              0.087 
_reflns.pdbx_Rmerge_I_all                              ? 
_reflns.pdbx_Rsym_value                                ? 
_reflns.pdbx_netI_over_av_sigmaI                       ? 
_reflns.pdbx_netI_over_sigmaI                          13.1 
_reflns.pdbx_res_netI_over_av_sigmaI_2                 ? 
_reflns.pdbx_res_netI_over_sigmaI_2                    ? 
_reflns.pdbx_chi_squared                               ? 
_reflns.pdbx_scaling_rejects                           ? 
_reflns.pdbx_d_res_high_opt                            ? 
_reflns.pdbx_d_res_low_opt                             ? 
_reflns.pdbx_d_res_opt_method                          ? 
_reflns.phase_calculation_details                      ? 
_reflns.pdbx_Rrim_I_all                                ? 
_reflns.pdbx_Rpim_I_all                                ? 
_reflns.pdbx_d_opt                                     ? 
_reflns.pdbx_number_measured_all                       ? 
_reflns.pdbx_diffrn_id                                 1 
_reflns.pdbx_ordinal                                   1 
_reflns.pdbx_CC_half                                   ? 
_reflns.pdbx_CC_star                                   ? 
_reflns.pdbx_R_split                                   ? 
_reflns.pdbx_aniso_diffraction_limit_axis_1_ortho[1]   ? 
_reflns.pdbx_aniso_diffraction_limit_axis_1_ortho[2]   ? 
_reflns.pdbx_aniso_diffraction_limit_axis_1_ortho[3]   ? 
_reflns.pdbx_aniso_diffraction_limit_axis_2_ortho[1]   ? 
_reflns.pdbx_aniso_diffraction_limit_axis_2_ortho[2]   ? 
_reflns.pdbx_aniso_diffraction_limit_axis_2_ortho[3]   ? 
_reflns.pdbx_aniso_diffraction_limit_axis_3_ortho[1]   ? 
_reflns.pdbx_aniso_diffraction_limit_axis_3_ortho[2]   ? 
_reflns.pdbx_aniso_diffraction_limit_axis_3_ortho[3]   ? 
_reflns.pdbx_aniso_diffraction_limit_1                 ? 
_reflns.pdbx_aniso_diffraction_limit_2                 ? 
_reflns.pdbx_aniso_diffraction_limit_3                 ? 
_reflns.pdbx_aniso_B_tensor_eigenvector_1_ortho[1]     ? 
_reflns.pdbx_aniso_B_tensor_eigenvector_1_ortho[2]     ? 
_reflns.pdbx_aniso_B_tensor_eigenvector_1_ortho[3]     ? 
_reflns.pdbx_aniso_B_tensor_eigenvector_2_ortho[1]     ? 
_reflns.pdbx_aniso_B_tensor_eigenvector_2_ortho[2]     ? 
_reflns.pdbx_aniso_B_tensor_eigenvector_2_ortho[3]     ? 
_reflns.pdbx_aniso_B_tensor_eigenvector_3_ortho[1]     ? 
_reflns.pdbx_aniso_B_tensor_eigenvector_3_ortho[2]     ? 
_reflns.pdbx_aniso_B_tensor_eigenvector_3_ortho[3]     ? 
_reflns.pdbx_aniso_B_tensor_eigenvalue_1               ? 
_reflns.pdbx_aniso_B_tensor_eigenvalue_2               ? 
_reflns.pdbx_aniso_B_tensor_eigenvalue_3               ? 
_reflns.pdbx_orthogonalization_convention              ? 
_reflns.pdbx_percent_possible_ellipsoidal              ? 
_reflns.pdbx_percent_possible_spherical                ? 
_reflns.pdbx_percent_possible_ellipsoidal_anomalous    ? 
_reflns.pdbx_percent_possible_spherical_anomalous      ? 
_reflns.pdbx_redundancy_anomalous                      ? 
_reflns.pdbx_CC_half_anomalous                         ? 
_reflns.pdbx_absDiff_over_sigma_anomalous              ? 
_reflns.pdbx_percent_possible_anomalous                ? 
_reflns.pdbx_observed_signal_threshold                 ? 
_reflns.pdbx_signal_type                               ? 
_reflns.pdbx_signal_details                            ? 
_reflns.pdbx_signal_software_id                        ? 
# 
_reflns_shell.d_res_high                                    1.58 
_reflns_shell.d_res_low                                     1.61 
_reflns_shell.meanI_over_sigI_all                           ? 
_reflns_shell.meanI_over_sigI_obs                           ? 
_reflns_shell.number_measured_all                           ? 
_reflns_shell.number_measured_obs                           ? 
_reflns_shell.number_possible                               ? 
_reflns_shell.number_unique_all                             ? 
_reflns_shell.number_unique_obs                             792 
_reflns_shell.percent_possible_all                          ? 
_reflns_shell.percent_possible_obs                          ? 
_reflns_shell.Rmerge_F_all                                  ? 
_reflns_shell.Rmerge_F_obs                                  ? 
_reflns_shell.Rmerge_I_all                                  ? 
_reflns_shell.Rmerge_I_obs                                  0.443 
_reflns_shell.meanI_over_sigI_gt                            ? 
_reflns_shell.meanI_over_uI_all                             ? 
_reflns_shell.meanI_over_uI_gt                              ? 
_reflns_shell.number_measured_gt                            ? 
_reflns_shell.number_unique_gt                              ? 
_reflns_shell.percent_possible_gt                           ? 
_reflns_shell.Rmerge_F_gt                                   ? 
_reflns_shell.Rmerge_I_gt                                   ? 
_reflns_shell.pdbx_redundancy                               ? 
_reflns_shell.pdbx_Rsym_value                               ? 
_reflns_shell.pdbx_chi_squared                              ? 
_reflns_shell.pdbx_netI_over_sigmaI_all                     ? 
_reflns_shell.pdbx_netI_over_sigmaI_obs                     ? 
_reflns_shell.pdbx_Rrim_I_all                               ? 
_reflns_shell.pdbx_Rpim_I_all                               ? 
_reflns_shell.pdbx_rejects                                  ? 
_reflns_shell.pdbx_ordinal                                  1 
_reflns_shell.pdbx_diffrn_id                                1 
_reflns_shell.pdbx_CC_half                                  ? 
_reflns_shell.pdbx_CC_star                                  ? 
_reflns_shell.pdbx_R_split                                  ? 
_reflns_shell.pdbx_percent_possible_ellipsoidal             ? 
_reflns_shell.pdbx_percent_possible_spherical               ? 
_reflns_shell.pdbx_percent_possible_ellipsoidal_anomalous   ? 
_reflns_shell.pdbx_percent_possible_spherical_anomalous     ? 
_reflns_shell.pdbx_redundancy_anomalous                     ? 
_reflns_shell.pdbx_CC_half_anomalous                        ? 
_reflns_shell.pdbx_absDiff_over_sigma_anomalous             ? 
_reflns_shell.pdbx_percent_possible_anomalous               ? 
# 
_refine.aniso_B[1][1]                            ? 
_refine.aniso_B[1][2]                            ? 
_refine.aniso_B[1][3]                            ? 
_refine.aniso_B[2][2]                            ? 
_refine.aniso_B[2][3]                            ? 
_refine.aniso_B[3][3]                            ? 
_refine.B_iso_max                                ? 
_refine.B_iso_mean                               15.21 
_refine.B_iso_min                                ? 
_refine.correlation_coeff_Fo_to_Fc               ? 
_refine.correlation_coeff_Fo_to_Fc_free          ? 
_refine.details                                  ? 
_refine.diff_density_max                         ? 
_refine.diff_density_max_esd                     ? 
_refine.diff_density_min                         ? 
_refine.diff_density_min_esd                     ? 
_refine.diff_density_rms                         ? 
_refine.diff_density_rms_esd                     ? 
_refine.entry_id                                 7X9O 
_refine.pdbx_refine_id                           'X-RAY DIFFRACTION' 
_refine.ls_abs_structure_details                 ? 
_refine.ls_abs_structure_Flack                   ? 
_refine.ls_abs_structure_Flack_esd               ? 
_refine.ls_abs_structure_Rogers                  ? 
_refine.ls_abs_structure_Rogers_esd              ? 
_refine.ls_d_res_high                            1.58 
_refine.ls_d_res_low                             40.66 
_refine.ls_extinction_coef                       ? 
_refine.ls_extinction_coef_esd                   ? 
_refine.ls_extinction_expression                 ? 
_refine.ls_extinction_method                     ? 
_refine.ls_goodness_of_fit_all                   ? 
_refine.ls_goodness_of_fit_all_esd               ? 
_refine.ls_goodness_of_fit_obs                   ? 
_refine.ls_goodness_of_fit_obs_esd               ? 
_refine.ls_hydrogen_treatment                    ? 
_refine.ls_matrix_type                           ? 
_refine.ls_number_constraints                    ? 
_refine.ls_number_parameters                     ? 
_refine.ls_number_reflns_all                     ? 
_refine.ls_number_reflns_obs                     17429 
_refine.ls_number_reflns_R_free                  875 
_refine.ls_number_reflns_R_work                  16554 
_refine.ls_number_restraints                     ? 
_refine.ls_percent_reflns_obs                    96.21 
_refine.ls_percent_reflns_R_free                 5.02 
_refine.ls_R_factor_all                          ? 
_refine.ls_R_factor_obs                          0.1677 
_refine.ls_R_factor_R_free                       0.1887 
_refine.ls_R_factor_R_free_error                 ? 
_refine.ls_R_factor_R_free_error_details         ? 
_refine.ls_R_factor_R_work                       0.1666 
_refine.ls_R_Fsqd_factor_obs                     ? 
_refine.ls_R_I_factor_obs                        ? 
_refine.ls_redundancy_reflns_all                 ? 
_refine.ls_redundancy_reflns_obs                 ? 
_refine.ls_restrained_S_all                      ? 
_refine.ls_restrained_S_obs                      ? 
_refine.ls_shift_over_esd_max                    ? 
_refine.ls_shift_over_esd_mean                   ? 
_refine.ls_structure_factor_coef                 ? 
_refine.ls_weighting_details                     ? 
_refine.ls_weighting_scheme                      ? 
_refine.ls_wR_factor_all                         ? 
_refine.ls_wR_factor_obs                         ? 
_refine.ls_wR_factor_R_free                      ? 
_refine.ls_wR_factor_R_work                      ? 
_refine.occupancy_max                            ? 
_refine.occupancy_min                            ? 
_refine.solvent_model_details                    'FLAT BULK SOLVENT MODEL' 
_refine.solvent_model_param_bsol                 ? 
_refine.solvent_model_param_ksol                 ? 
_refine.pdbx_R_complete                          ? 
_refine.ls_R_factor_gt                           ? 
_refine.ls_goodness_of_fit_gt                    ? 
_refine.ls_goodness_of_fit_ref                   ? 
_refine.ls_shift_over_su_max                     ? 
_refine.ls_shift_over_su_max_lt                  ? 
_refine.ls_shift_over_su_mean                    ? 
_refine.ls_shift_over_su_mean_lt                 ? 
_refine.pdbx_ls_sigma_I                          ? 
_refine.pdbx_ls_sigma_F                          1.37 
_refine.pdbx_ls_sigma_Fsqd                       ? 
_refine.pdbx_data_cutoff_high_absF               ? 
_refine.pdbx_data_cutoff_high_rms_absF           ? 
_refine.pdbx_data_cutoff_low_absF                ? 
_refine.pdbx_isotropic_thermal_model             ? 
_refine.pdbx_ls_cross_valid_method               'FREE R-VALUE' 
_refine.pdbx_method_to_determine_struct          'FOURIER SYNTHESIS' 
_refine.pdbx_starting_model                      3A6T 
_refine.pdbx_stereochemistry_target_values       'GeoStd + Monomer Library' 
_refine.pdbx_R_Free_selection_details            ? 
_refine.pdbx_stereochem_target_val_spec_case     ? 
_refine.pdbx_overall_ESU_R                       ? 
_refine.pdbx_overall_ESU_R_Free                  ? 
_refine.pdbx_solvent_vdw_probe_radii             1.1100 
_refine.pdbx_solvent_ion_probe_radii             ? 
_refine.pdbx_solvent_shrinkage_radii             0.9000 
_refine.pdbx_real_space_R                        ? 
_refine.pdbx_density_correlation                 ? 
_refine.pdbx_pd_number_of_powder_patterns        ? 
_refine.pdbx_pd_number_of_points                 ? 
_refine.pdbx_pd_meas_number_of_points            ? 
_refine.pdbx_pd_proc_ls_prof_R_factor            ? 
_refine.pdbx_pd_proc_ls_prof_wR_factor           ? 
_refine.pdbx_pd_Marquardt_correlation_coeff      ? 
_refine.pdbx_pd_Fsqrd_R_factor                   ? 
_refine.pdbx_pd_ls_matrix_band_width             ? 
_refine.pdbx_overall_phase_error                 18.0319 
_refine.pdbx_overall_SU_R_free_Cruickshank_DPI   ? 
_refine.pdbx_overall_SU_R_free_Blow_DPI          ? 
_refine.pdbx_overall_SU_R_Blow_DPI               ? 
_refine.pdbx_TLS_residual_ADP_flag               ? 
_refine.pdbx_diffrn_id                           1 
_refine.overall_SU_B                             ? 
_refine.overall_SU_ML                            0.1163 
_refine.overall_SU_R_Cruickshank_DPI             ? 
_refine.overall_SU_R_free                        ? 
_refine.overall_FOM_free_R_set                   ? 
_refine.overall_FOM_work_R_set                   ? 
_refine.pdbx_average_fsc_overall                 ? 
_refine.pdbx_average_fsc_work                    ? 
_refine.pdbx_average_fsc_free                    ? 
# 
_refine_hist.pdbx_refine_id                   'X-RAY DIFFRACTION' 
_refine_hist.cycle_id                         LAST 
_refine_hist.details                          ? 
_refine_hist.d_res_high                       1.58 
_refine_hist.d_res_low                        40.66 
_refine_hist.number_atoms_solvent             151 
_refine_hist.number_atoms_total               1260 
_refine_hist.number_reflns_all                ? 
_refine_hist.number_reflns_obs                ? 
_refine_hist.number_reflns_R_free             ? 
_refine_hist.number_reflns_R_work             ? 
_refine_hist.R_factor_all                     ? 
_refine_hist.R_factor_obs                     ? 
_refine_hist.R_factor_R_free                  ? 
_refine_hist.R_factor_R_work                  ? 
_refine_hist.pdbx_number_residues_total       ? 
_refine_hist.pdbx_B_iso_mean_ligand           ? 
_refine_hist.pdbx_B_iso_mean_solvent          ? 
_refine_hist.pdbx_number_atoms_protein        1055 
_refine_hist.pdbx_number_atoms_nucleic_acid   0 
_refine_hist.pdbx_number_atoms_ligand         54 
_refine_hist.pdbx_number_atoms_lipid          ? 
_refine_hist.pdbx_number_atoms_carb           ? 
_refine_hist.pdbx_pseudo_atom_details         ? 
# 
loop_
_refine_ls_restr.pdbx_refine_id 
_refine_ls_restr.criterion 
_refine_ls_restr.dev_ideal 
_refine_ls_restr.dev_ideal_target 
_refine_ls_restr.number 
_refine_ls_restr.rejects 
_refine_ls_restr.type 
_refine_ls_restr.weight 
_refine_ls_restr.pdbx_restraint_function 
'X-RAY DIFFRACTION' ? 0.0065  ? 1142 ? f_bond_d           ? ? 
'X-RAY DIFFRACTION' ? 1.2101  ? 1555 ? f_angle_d          ? ? 
'X-RAY DIFFRACTION' ? 0.0645  ? 161  ? f_chiral_restr     ? ? 
'X-RAY DIFFRACTION' ? 0.0054  ? 196  ? f_plane_restr      ? ? 
'X-RAY DIFFRACTION' ? 14.7578 ? 434  ? f_dihedral_angle_d ? ? 
# 
loop_
_refine_ls_shell.pdbx_refine_id 
_refine_ls_shell.d_res_high 
_refine_ls_shell.d_res_low 
_refine_ls_shell.number_reflns_all 
_refine_ls_shell.number_reflns_obs 
_refine_ls_shell.number_reflns_R_free 
_refine_ls_shell.number_reflns_R_work 
_refine_ls_shell.percent_reflns_obs 
_refine_ls_shell.percent_reflns_R_free 
_refine_ls_shell.R_factor_all 
_refine_ls_shell.R_factor_obs 
_refine_ls_shell.R_factor_R_free 
_refine_ls_shell.R_factor_R_free_error 
_refine_ls_shell.R_factor_R_work 
_refine_ls_shell.redundancy_reflns_all 
_refine_ls_shell.redundancy_reflns_obs 
_refine_ls_shell.wR_factor_all 
_refine_ls_shell.wR_factor_obs 
_refine_ls_shell.wR_factor_R_free 
_refine_ls_shell.wR_factor_R_work 
_refine_ls_shell.pdbx_R_complete 
_refine_ls_shell.pdbx_total_number_of_bins_used 
_refine_ls_shell.pdbx_phase_error 
_refine_ls_shell.pdbx_fsc_work 
_refine_ls_shell.pdbx_fsc_free 
'X-RAY DIFFRACTION' 1.58 1.68  . . 132 2600 92.39 . . . 0.2185 . 0.1868 . . . . . . . . . . . 
'X-RAY DIFFRACTION' 1.68 1.81  . . 128 2708 95.20 . . . 0.2091 . 0.1818 . . . . . . . . . . . 
'X-RAY DIFFRACTION' 1.81 1.99  . . 132 2706 95.72 . . . 0.1947 . 0.1562 . . . . . . . . . . . 
'X-RAY DIFFRACTION' 1.99 2.28  . . 160 2769 97.44 . . . 0.1783 . 0.1587 . . . . . . . . . . . 
'X-RAY DIFFRACTION' 2.28 2.87  . . 141 2813 97.62 . . . 0.1812 . 0.1746 . . . . . . . . . . . 
'X-RAY DIFFRACTION' 2.87 40.66 . . 182 2958 98.71 . . . 0.1858 . 0.1615 . . . . . . . . . . . 
# 
_struct.entry_id                     7X9O 
_struct.title                        'Crystal structure of MutT-8-oxo-dGMP complex with Mg2+ ions: Reaction using Mg2+' 
_struct.pdbx_model_details           ? 
_struct.pdbx_formula_weight          ? 
_struct.pdbx_formula_weight_method   ? 
_struct.pdbx_model_type_details      ? 
_struct.pdbx_CASP_flag               N 
# 
_struct_keywords.entry_id        7X9O 
_struct_keywords.text            'Nudix hydrolase, HYDROLASE' 
_struct_keywords.pdbx_keywords   HYDROLASE 
# 
loop_
_struct_asym.id 
_struct_asym.pdbx_blank_PDB_chainid_flag 
_struct_asym.pdbx_modified 
_struct_asym.entity_id 
_struct_asym.details 
A N N 1 ? 
B N N 2 ? 
C N N 3 ? 
D N N 4 ? 
E N N 5 ? 
F N N 5 ? 
G N N 6 ? 
# 
loop_
_struct_conf.conf_type_id 
_struct_conf.id 
_struct_conf.pdbx_PDB_helix_id 
_struct_conf.beg_label_comp_id 
_struct_conf.beg_label_asym_id 
_struct_conf.beg_label_seq_id 
_struct_conf.pdbx_beg_PDB_ins_code 
_struct_conf.end_label_comp_id 
_struct_conf.end_label_asym_id 
_struct_conf.end_label_seq_id 
_struct_conf.pdbx_end_PDB_ins_code 
_struct_conf.beg_auth_comp_id 
_struct_conf.beg_auth_asym_id 
_struct_conf.beg_auth_seq_id 
_struct_conf.end_auth_comp_id 
_struct_conf.end_auth_asym_id 
_struct_conf.end_auth_seq_id 
_struct_conf.pdbx_PDB_helix_class 
_struct_conf.details 
_struct_conf.pdbx_PDB_helix_length 
HELX_P HELX_P1 AA1 THR A 45  ? GLY A 59  ? THR A 45  GLY A 59  1 ? 15 
HELX_P HELX_P2 AA2 ASN A 111 ? PHE A 115 ? ASN A 111 PHE A 115 5 ? 5  
HELX_P HELX_P3 AA3 PRO A 116 ? ALA A 118 ? PRO A 116 ALA A 118 5 ? 3  
HELX_P HELX_P4 AA4 ASN A 119 ? LEU A 129 ? ASN A 119 LEU A 129 1 ? 11 
# 
_struct_conf_type.id          HELX_P 
_struct_conf_type.criteria    ? 
_struct_conf_type.reference   ? 
# 
loop_
_struct_conn.id 
_struct_conn.conn_type_id 
_struct_conn.pdbx_leaving_atom_flag 
_struct_conn.pdbx_PDB_id 
_struct_conn.ptnr1_label_asym_id 
_struct_conn.ptnr1_label_comp_id 
_struct_conn.ptnr1_label_seq_id 
_struct_conn.ptnr1_label_atom_id 
_struct_conn.pdbx_ptnr1_label_alt_id 
_struct_conn.pdbx_ptnr1_PDB_ins_code 
_struct_conn.pdbx_ptnr1_standard_comp_id 
_struct_conn.ptnr1_symmetry 
_struct_conn.ptnr2_label_asym_id 
_struct_conn.ptnr2_label_comp_id 
_struct_conn.ptnr2_label_seq_id 
_struct_conn.ptnr2_label_atom_id 
_struct_conn.pdbx_ptnr2_label_alt_id 
_struct_conn.pdbx_ptnr2_PDB_ins_code 
_struct_conn.ptnr1_auth_asym_id 
_struct_conn.ptnr1_auth_comp_id 
_struct_conn.ptnr1_auth_seq_id 
_struct_conn.ptnr2_auth_asym_id 
_struct_conn.ptnr2_auth_comp_id 
_struct_conn.ptnr2_auth_seq_id 
_struct_conn.ptnr2_symmetry 
_struct_conn.pdbx_ptnr3_label_atom_id 
_struct_conn.pdbx_ptnr3_label_seq_id 
_struct_conn.pdbx_ptnr3_label_comp_id 
_struct_conn.pdbx_ptnr3_label_asym_id 
_struct_conn.pdbx_ptnr3_label_alt_id 
_struct_conn.pdbx_ptnr3_PDB_ins_code 
_struct_conn.details 
_struct_conn.pdbx_dist_value 
_struct_conn.pdbx_value_order 
_struct_conn.pdbx_role 
covale1  covale both ? B GLC .  C1  ? ? ? 1_555 B FRU . O2 ? ? B GLC 1   B FRU 2   1_555 ? ? ? ? ? ? ? 1.415 ? ? 
metalc1  metalc ?    ? A GLY 37 O   ? ? ? 1_555 E MG  . MG ? ? A GLY 37  A MG  203 1_555 ? ? ? ? ? ? ? 2.031 ? ? 
metalc2  metalc ?    ? A GLU 53 OE1 ? ? ? 1_555 F MG  . MG ? ? A GLU 53  A MG  204 1_555 ? ? ? ? ? ? ? 2.429 ? ? 
metalc3  metalc ?    ? A GLU 57 OE2 ? ? ? 1_555 E MG  . MG ? ? A GLU 57  A MG  203 1_555 ? ? ? ? ? ? ? 2.089 ? ? 
metalc4  metalc ?    ? A GLU 57 OE2 ? ? ? 1_555 F MG  . MG ? ? A GLU 57  A MG  204 1_555 ? ? ? ? ? ? ? 2.313 ? ? 
metalc5  metalc ?    ? C 8OG .  OP2 ? ? ? 1_555 E MG  . MG ? ? A 8OG 201 A MG  203 1_555 ? ? ? ? ? ? ? 2.091 ? ? 
metalc6  metalc ?    ? E MG  .  MG  ? ? ? 1_555 G HOH . O  ? ? A MG  203 A HOH 343 1_555 ? ? ? ? ? ? ? 2.018 ? ? 
metalc7  metalc ?    ? E MG  .  MG  ? ? ? 1_555 G HOH . O  ? ? A MG  203 A HOH 356 1_555 ? ? ? ? ? ? ? 2.079 ? ? 
metalc8  metalc ?    ? E MG  .  MG  ? ? ? 1_555 G HOH . O  ? ? A MG  203 A HOH 386 1_555 ? ? ? ? ? ? ? 2.175 ? ? 
metalc9  metalc ?    ? F MG  .  MG  ? ? ? 1_555 G HOH . O  ? ? A MG  204 A HOH 311 1_555 ? ? ? ? ? ? ? 2.158 ? ? 
metalc10 metalc ?    ? F MG  .  MG  ? ? ? 1_555 G HOH . O  ? ? A MG  204 A HOH 343 1_555 ? ? ? ? ? ? ? 2.061 ? ? 
metalc11 metalc ?    ? F MG  .  MG  ? ? ? 1_555 G HOH . O  ? ? A MG  204 A HOH 348 1_555 ? ? ? ? ? ? ? 2.253 ? ? 
# 
loop_
_struct_conn_type.id 
_struct_conn_type.criteria 
_struct_conn_type.reference 
covale ? ? 
metalc ? ? 
# 
loop_
_struct_sheet.id 
_struct_sheet.type 
_struct_sheet.number_strands 
_struct_sheet.details 
AA1 ? 4 ? 
AA2 ? 3 ? 
AA3 ? 2 ? 
# 
loop_
_struct_sheet_order.sheet_id 
_struct_sheet_order.range_id_1 
_struct_sheet_order.range_id_2 
_struct_sheet_order.offset 
_struct_sheet_order.sense 
AA1 1 2 ? anti-parallel 
AA1 2 3 ? parallel      
AA1 3 4 ? anti-parallel 
AA2 1 2 ? anti-parallel 
AA2 2 3 ? anti-parallel 
AA3 1 2 ? anti-parallel 
# 
loop_
_struct_sheet_range.sheet_id 
_struct_sheet_range.id 
_struct_sheet_range.beg_label_comp_id 
_struct_sheet_range.beg_label_asym_id 
_struct_sheet_range.beg_label_seq_id 
_struct_sheet_range.pdbx_beg_PDB_ins_code 
_struct_sheet_range.end_label_comp_id 
_struct_sheet_range.end_label_asym_id 
_struct_sheet_range.end_label_seq_id 
_struct_sheet_range.pdbx_end_PDB_ins_code 
_struct_sheet_range.beg_auth_comp_id 
_struct_sheet_range.beg_auth_asym_id 
_struct_sheet_range.beg_auth_seq_id 
_struct_sheet_range.end_auth_comp_id 
_struct_sheet_range.end_auth_asym_id 
_struct_sheet_range.end_auth_seq_id 
AA1 1 GLY A 37  ? LYS A 39  ? GLY A 37  LYS A 39  
AA1 2 LYS A 2   ? ILE A 11  ? LYS A 2   ILE A 11  
AA1 3 ARG A 78  ? VAL A 87  ? ARG A 78  VAL A 87  
AA1 4 SER A 66  ? GLU A 74  ? SER A 66  GLU A 74  
AA2 1 LEU A 33  ? GLU A 34  ? LEU A 33  GLU A 34  
AA2 2 GLU A 17  ? ARG A 22  ? GLU A 17  ARG A 22  
AA2 3 GLY A 102 ? SER A 106 ? GLY A 102 SER A 106 
AA3 1 THR A 61  ? GLN A 63  ? THR A 61  GLN A 63  
AA3 2 ARG A 89  ? GLU A 91  ? ARG A 89  GLU A 91  
# 
loop_
_pdbx_struct_sheet_hbond.sheet_id 
_pdbx_struct_sheet_hbond.range_id_1 
_pdbx_struct_sheet_hbond.range_id_2 
_pdbx_struct_sheet_hbond.range_1_label_atom_id 
_pdbx_struct_sheet_hbond.range_1_label_comp_id 
_pdbx_struct_sheet_hbond.range_1_label_asym_id 
_pdbx_struct_sheet_hbond.range_1_label_seq_id 
_pdbx_struct_sheet_hbond.range_1_PDB_ins_code 
_pdbx_struct_sheet_hbond.range_1_auth_atom_id 
_pdbx_struct_sheet_hbond.range_1_auth_comp_id 
_pdbx_struct_sheet_hbond.range_1_auth_asym_id 
_pdbx_struct_sheet_hbond.range_1_auth_seq_id 
_pdbx_struct_sheet_hbond.range_2_label_atom_id 
_pdbx_struct_sheet_hbond.range_2_label_comp_id 
_pdbx_struct_sheet_hbond.range_2_label_asym_id 
_pdbx_struct_sheet_hbond.range_2_label_seq_id 
_pdbx_struct_sheet_hbond.range_2_PDB_ins_code 
_pdbx_struct_sheet_hbond.range_2_auth_atom_id 
_pdbx_struct_sheet_hbond.range_2_auth_comp_id 
_pdbx_struct_sheet_hbond.range_2_auth_asym_id 
_pdbx_struct_sheet_hbond.range_2_auth_seq_id 
AA1 1 2 O GLY A 38 ? O GLY A 38 N ALA A 7   ? N ALA A 7   
AA1 2 3 N ILE A 10 ? N ILE A 10 O TRP A 85  ? O TRP A 85  
AA1 3 4 O PHE A 84 ? O PHE A 84 N GLU A 69  ? N GLU A 69  
AA2 1 2 O GLU A 34 ? O GLU A 34 N THR A 21  ? N THR A 21  
AA2 2 3 N ILE A 18 ? N ILE A 18 O MET A 105 ? O MET A 105 
AA3 1 2 N GLN A 63 ? N GLN A 63 O ARG A 89  ? O ARG A 89  
# 
_atom_sites.entry_id                    7X9O 
_atom_sites.Cartn_transf_matrix[1][1]   ? 
_atom_sites.Cartn_transf_matrix[1][2]   ? 
_atom_sites.Cartn_transf_matrix[1][3]   ? 
_atom_sites.Cartn_transf_matrix[2][1]   ? 
_atom_sites.Cartn_transf_matrix[2][2]   ? 
_atom_sites.Cartn_transf_matrix[2][3]   ? 
_atom_sites.Cartn_transf_matrix[3][1]   ? 
_atom_sites.Cartn_transf_matrix[3][2]   ? 
_atom_sites.Cartn_transf_matrix[3][3]   ? 
_atom_sites.Cartn_transf_vector[1]      ? 
_atom_sites.Cartn_transf_vector[2]      ? 
_atom_sites.Cartn_transf_vector[3]      ? 
_atom_sites.fract_transf_matrix[1][1]   0.01643270 
_atom_sites.fract_transf_matrix[1][2]   -0.01949340 
_atom_sites.fract_transf_matrix[1][3]   -0.00513710 
_atom_sites.fract_transf_matrix[2][1]   -0.01380676 
_atom_sites.fract_transf_matrix[2][2]   -0.01118841 
_atom_sites.fract_transf_matrix[2][3]   -0.00170959 
_atom_sites.fract_transf_matrix[3][1]   -0.00087968 
_atom_sites.fract_transf_matrix[3][2]   0.00360682 
_atom_sites.fract_transf_matrix[3][3]   -0.01650050 
_atom_sites.fract_transf_vector[1]      0.003262 
_atom_sites.fract_transf_vector[2]      0.039138 
_atom_sites.fract_transf_vector[3]      0.381006 
_atom_sites.solution_primary            ? 
_atom_sites.solution_secondary          ? 
_atom_sites.solution_hydrogens          ? 
_atom_sites.special_details             ? 
# 
loop_
_atom_type.symbol 
_atom_type.scat_dispersion_real 
_atom_type.scat_dispersion_imag 
_atom_type.scat_Cromer_Mann_a1 
_atom_type.scat_Cromer_Mann_a2 
_atom_type.scat_Cromer_Mann_b1 
_atom_type.scat_Cromer_Mann_b2 
_atom_type.scat_Cromer_Mann_c 
_atom_type.scat_source 
_atom_type.scat_dispersion_source 
C  ? ? 3.54356 2.42580 25.62398 1.50364  0.0 
;2-Gaussian fit: Grosse-Kunstleve RW, Sauter NK, Adams PD: Newsletter of the IUCr Commission on Crystallographic Computing 2004, 3, 22-31.
;
? 
MG ? ? 9.41153 2.53737 2.59044  63.03566 0.0 
;2-Gaussian fit: Grosse-Kunstleve RW, Sauter NK, Adams PD: Newsletter of the IUCr Commission on Crystallographic Computing 2004, 3, 22-31.
;
? 
N  ? ? 4.01032 2.96436 19.97189 1.75589  0.0 
;2-Gaussian fit: Grosse-Kunstleve RW, Sauter NK, Adams PD: Newsletter of the IUCr Commission on Crystallographic Computing 2004, 3, 22-31.
;
? 
O  ? ? 4.49882 3.47563 15.80542 1.70748  0.0 
;2-Gaussian fit: Grosse-Kunstleve RW, Sauter NK, Adams PD: Newsletter of the IUCr Commission on Crystallographic Computing 2004, 3, 22-31.
;
? 
P  ? ? 9.51135 5.44231 1.42069  35.72801 0.0 
;2-Gaussian fit: Grosse-Kunstleve RW, Sauter NK, Adams PD: Newsletter of the IUCr Commission on Crystallographic Computing 2004, 3, 22-31.
;
? 
S  ? ? 9.55732 6.39887 1.23737  29.19336 0.0 
;2-Gaussian fit: Grosse-Kunstleve RW, Sauter NK, Adams PD: Newsletter of the IUCr Commission on Crystallographic Computing 2004, 3, 22-31.
;
? 
# 
loop_
_atom_site.group_PDB 
_atom_site.id 
_atom_site.type_symbol 
_atom_site.label_atom_id 
_atom_site.label_alt_id 
_atom_site.label_comp_id 
_atom_site.label_asym_id 
_atom_site.label_entity_id 
_atom_site.label_seq_id 
_atom_site.pdbx_PDB_ins_code 
_atom_site.Cartn_x 
_atom_site.Cartn_y 
_atom_site.Cartn_z 
_atom_site.occupancy 
_atom_site.B_iso_or_equiv 
_atom_site.pdbx_formal_charge 
_atom_site.auth_seq_id 
_atom_site.auth_comp_id 
_atom_site.auth_asym_id 
_atom_site.auth_atom_id 
_atom_site.pdbx_PDB_model_num 
ATOM   1    N  N     . MET A 1 1   ? 0.55350   23.68247  -4.19317  1.000 47.97281 ? 1   MET A N     1 
ATOM   2    C  CA    . MET A 1 1   ? 0.02948   22.33027  -4.35318  1.000 39.72492 ? 1   MET A CA    1 
ATOM   3    C  C     . MET A 1 1   ? 0.22953   21.50222  -3.08730  1.000 35.53571 ? 1   MET A C     1 
ATOM   4    O  O     . MET A 1 1   ? 1.28420   21.57799  -2.45149  1.000 39.19373 ? 1   MET A O     1 
ATOM   5    C  CB    . MET A 1 1   ? 0.69637   21.63767  -5.54053  1.000 35.04134 ? 1   MET A CB    1 
ATOM   6    C  CG    . MET A 1 1   ? 0.41578   20.15305  -5.59896  1.000 27.50393 ? 1   MET A CG    1 
ATOM   7    S  SD    . MET A 1 1   ? 1.05529   19.32548  -7.06035  1.000 32.65493 ? 1   MET A SD    1 
ATOM   8    C  CE    . MET A 1 1   ? 0.02922   20.06307  -8.34195  1.000 23.56667 ? 1   MET A CE    1 
ATOM   9    N  N     . LYS A 1 2   ? -0.79281  20.72505  -2.72503  1.000 31.80109 ? 2   LYS A N     1 
ATOM   10   C  CA    . LYS A 1 2   ? -0.69418  19.82398  -1.58245  1.000 30.59502 ? 2   LYS A CA    1 
ATOM   11   C  C     . LYS A 1 2   ? 0.49821   18.88601  -1.74240  1.000 26.76468 ? 2   LYS A C     1 
ATOM   12   O  O     . LYS A 1 2   ? 0.73845   18.33851  -2.82506  1.000 19.77694 ? 2   LYS A O     1 
ATOM   13   C  CB    . LYS A 1 2   ? -1.98050  19.00867  -1.43892  1.000 31.19744 ? 2   LYS A CB    1 
ATOM   14   C  CG    . LYS A 1 2   ? -3.22583  19.70304  -1.96182  1.000 36.78277 ? 2   LYS A CG    1 
ATOM   15   C  CD    . LYS A 1 2   ? -4.38555  18.72589  -2.10538  1.000 36.69976 ? 2   LYS A CD    1 
ATOM   16   C  CE    . LYS A 1 2   ? -4.62594  17.95877  -0.81398  1.000 37.57273 ? 2   LYS A CE    1 
ATOM   17   N  NZ    . LYS A 1 2   ? -5.91825  17.21286  -0.84663  1.000 45.70266 ? 2   LYS A NZ    1 
ATOM   18   N  N     . LYS A 1 3   ? 1.25721   18.72324  -0.65609  1.000 28.10114 ? 3   LYS A N     1 
ATOM   19   C  CA    . LYS A 1 3   ? 2.38247   17.79653  -0.57733  1.000 24.68929 ? 3   LYS A CA    1 
ATOM   20   C  C     . LYS A 1 3   ? 2.14345   16.83326  0.57683   1.000 24.18448 ? 3   LYS A C     1 
ATOM   21   O  O     . LYS A 1 3   ? 1.91983   17.26784  1.71080   1.000 28.01980 ? 3   LYS A O     1 
ATOM   22   C  CB    . LYS A 1 3   ? 3.70822   18.53291  -0.36609  1.000 27.54527 ? 3   LYS A CB    1 
ATOM   23   C  CG    . LYS A 1 3   ? 4.15443   19.37011  -1.54348  1.000 35.68641 ? 3   LYS A CG    1 
ATOM   24   C  CD    . LYS A 1 3   ? 5.58168   19.86008  -1.34334  1.000 42.32200 ? 3   LYS A CD    1 
ATOM   25   C  CE    . LYS A 1 3   ? 6.04558   20.71010  -2.51784  1.000 47.30845 ? 3   LYS A CE    1 
ATOM   26   N  NZ    . LYS A 1 3   ? 7.42014   21.25731  -2.30853  1.000 48.16365 ? 3   LYS A NZ    1 
ATOM   27   N  N     . LEU A 1 4   ? 2.21028   15.53479  0.29559   1.000 19.37358 ? 4   LEU A N     1 
ATOM   28   C  CA    . LEU A 1 4   ? 1.84003   14.50960  1.26486   1.000 17.47732 ? 4   LEU A CA    1 
ATOM   29   C  C     . LEU A 1 4   ? 2.90570   13.42556  1.32983   1.000 13.32204 ? 4   LEU A C     1 
ATOM   30   O  O     . LEU A 1 4   ? 3.51063   13.08820  0.31261   1.000 14.84417 ? 4   LEU A O     1 
ATOM   31   C  CB    . LEU A 1 4   ? 0.49776   13.86659  0.89964   1.000 18.70092 ? 4   LEU A CB    1 
ATOM   32   C  CG    . LEU A 1 4   ? -0.73990  14.76187  0.86919   1.000 23.23351 ? 4   LEU A CG    1 
ATOM   33   C  CD1   . LEU A 1 4   ? -1.80623  14.15584  -0.03463  1.000 25.96706 ? 4   LEU A CD1   1 
ATOM   34   C  CD2   . LEU A 1 4   ? -1.28021  14.96337  2.27454   1.000 28.69971 ? 4   LEU A CD2   1 
ATOM   35   N  N     . GLN A 1 5   ? 3.12954   12.87883  2.52576   1.000 12.78545 ? 5   GLN A N     1 
ATOM   36   C  CA    . GLN A 1 5   ? 3.90688   11.65559  2.70791   1.000 11.36792 ? 5   GLN A CA    1 
ATOM   37   C  C     . GLN A 1 5   ? 2.94539   10.51941  3.01717   1.000 10.15002 ? 5   GLN A C     1 
ATOM   38   O  O     . GLN A 1 5   ? 2.15320   10.61759  3.95826   1.000 10.97132 ? 5   GLN A O     1 
ATOM   39   C  CB    . GLN A 1 5   ? 4.91346   11.77465  3.85595   1.000 12.56562 ? 5   GLN A CB    1 
ATOM   40   C  CG    . GLN A 1 5   ? 5.84855   12.96019  3.77107   1.000 13.28224 ? 5   GLN A CG    1 
ATOM   41   C  CD    . GLN A 1 5   ? 6.99817   12.75321  2.80661   1.000 14.91533 ? 5   GLN A CD    1 
ATOM   42   O  OE1   . GLN A 1 5   ? 7.65521   11.71249  2.80752   1.000 14.83935 ? 5   GLN A OE1   1 
ATOM   43   N  NE2   . GLN A 1 5   ? 7.25879   13.76000  1.98676   1.000 22.22700 ? 5   GLN A NE2   1 
ATOM   44   N  N     . ILE A 1 6   ? 3.02776   9.44156   2.24212   1.000 9.26674  ? 6   ILE A N     1 
ATOM   45   C  CA    . ILE A 1 6   ? 2.10652   8.31340   2.34085   1.000 9.26819  ? 6   ILE A CA    1 
ATOM   46   C  C     . ILE A 1 6   ? 2.90523   7.04257   2.62011   1.000 7.14878  ? 6   ILE A C     1 
ATOM   47   O  O     . ILE A 1 6   ? 3.88942   6.76023   1.92885   1.000 9.56661  ? 6   ILE A O     1 
ATOM   48   C  CB    . ILE A 1 6   ? 1.30256   8.14399   1.03469   1.000 8.04517  ? 6   ILE A CB    1 
ATOM   49   C  CG1   . ILE A 1 6   ? 0.59160   9.43665   0.61407   1.000 9.49905  ? 6   ILE A CG1   1 
ATOM   50   C  CG2   . ILE A 1 6   ? 0.35359   6.97695   1.13152   1.000 10.63287 ? 6   ILE A CG2   1 
ATOM   51   C  CD1   . ILE A 1 6   ? -0.47961  9.92563   1.56424   1.000 10.99156 ? 6   ILE A CD1   1 
ATOM   52   N  N     . ALA A 1 7   ? 2.45379   6.24523   3.57893   1.000 8.13275  ? 7   ALA A N     1 
ATOM   53   C  CA    . ALA A 1 7   ? 3.07689   4.95975   3.86845   1.000 7.68698  ? 7   ALA A CA    1 
ATOM   54   C  C     . ALA A 1 7   ? 2.11221   3.84725   3.50552   1.000 7.60355  ? 7   ALA A C     1 
ATOM   55   O  O     . ALA A 1 7   ? 0.95274   3.88180   3.91314   1.000 9.23405  ? 7   ALA A O     1 
ATOM   56   C  CB    . ALA A 1 7   ? 3.44935   4.83762   5.34607   1.000 9.84088  ? 7   ALA A CB    1 
ATOM   57   N  N     . VAL A 1 8   ? 2.59502   2.86220   2.75299   1.000 7.34645  ? 8   VAL A N     1 
ATOM   58   C  CA    . VAL A 1 8   ? 1.76413   1.74219   2.34029   1.000 6.56816  ? 8   VAL A CA    1 
ATOM   59   C  C     . VAL A 1 8   ? 2.50600   0.44099   2.59851   1.000 7.14114  ? 8   VAL A C     1 
ATOM   60   O  O     . VAL A 1 8   ? 3.74108   0.39504   2.68867   1.000 7.65010  ? 8   VAL A O     1 
ATOM   61   C  CB    . VAL A 1 8   ? 1.33060   1.83855   0.85619   1.000 8.34430  ? 8   VAL A CB    1 
ATOM   62   C  CG1   . VAL A 1 8   ? 0.78224   3.23117   0.53589   1.000 9.15899  ? 8   VAL A CG1   1 
ATOM   63   C  CG2   . VAL A 1 8   ? 2.47477   1.48108   -0.06092  1.000 8.82290  ? 8   VAL A CG2   1 
ATOM   64   N  N     . GLY A 1 9   ? 1.72737   -0.62043  2.74831   1.000 6.50422  ? 9   GLY A N     1 
ATOM   65   C  CA    . GLY A 1 9   ? 2.30605   -1.92263  3.00476   1.000 6.82026  ? 9   GLY A CA    1 
ATOM   66   C  C     . GLY A 1 9   ? 2.01388   -2.93865  1.92597   1.000 7.42471  ? 9   GLY A C     1 
ATOM   67   O  O     . GLY A 1 9   ? 0.84427   -3.13946  1.55391   1.000 7.79490  ? 9   GLY A O     1 
ATOM   68   N  N     . ILE A 1 10  ? 3.07424   -3.57387  1.42514   1.000 7.61242  ? 10  ILE A N     1 
ATOM   69   C  CA    . ILE A 1 10  ? 2.98369   -4.66054  0.45444   1.000 6.72644  ? 10  ILE A CA    1 
ATOM   70   C  C     . ILE A 1 10  ? 2.93977   -5.94736  1.27327   1.000 9.04632  ? 10  ILE A C     1 
ATOM   71   O  O     . ILE A 1 10  ? 3.96048   -6.40496  1.78917   1.000 8.37114  ? 10  ILE A O     1 
ATOM   72   C  CB    . ILE A 1 10  ? 4.16397   -4.66085  -0.52285  1.000 7.70286  ? 10  ILE A CB    1 
ATOM   73   C  CG1   . ILE A 1 10  ? 4.25403   -3.35690  -1.31478  1.000 8.43963  ? 10  ILE A CG1   1 
ATOM   74   C  CG2   . ILE A 1 10  ? 4.08972   -5.87104  -1.44353  1.000 9.11736  ? 10  ILE A CG2   1 
ATOM   75   C  CD1   . ILE A 1 10  ? 5.62968   -3.14807  -1.95952  1.000 11.31380 ? 10  ILE A CD1   1 
ATOM   76   N  N     . ILE A 1 11  ? 1.75265   -6.53095  1.39656   1.000 7.09090  ? 11  ILE A N     1 
ATOM   77   C  CA    . ILE A 1 11  ? 1.50094   -7.62655  2.32875   1.000 7.22021  ? 11  ILE A CA    1 
ATOM   78   C  C     . ILE A 1 11  ? 1.59038   -8.92561  1.54494   1.000 8.83964  ? 11  ILE A C     1 
ATOM   79   O  O     . ILE A 1 11  ? 0.67664   -9.25688  0.78530   1.000 8.91744  ? 11  ILE A O     1 
ATOM   80   C  CB    . ILE A 1 11  ? 0.12807   -7.47999  2.99567   1.000 7.16413  ? 11  ILE A CB    1 
ATOM   81   C  CG1   . ILE A 1 11  ? 0.01869   -6.13506  3.72394   1.000 8.02001  ? 11  ILE A CG1   1 
ATOM   82   C  CG2   . ILE A 1 11  ? -0.12318  -8.64270  3.95621   1.000 9.05876  ? 11  ILE A CG2   1 
ATOM   83   C  CD1   . ILE A 1 11  ? -1.39380  -5.65835  3.89730   1.000 8.12619  ? 11  ILE A CD1   1 
ATOM   84   N  N     . ARG A 1 12  ? 2.67674   -9.67288  1.73471   1.000 9.13570  ? 12  ARG A N     1 
ATOM   85   C  CA    . ARG A 1 12  ? 2.97937   -10.84420 0.92031   1.000 8.92086  ? 12  ARG A CA    1 
ATOM   86   C  C     . ARG A 1 12  ? 2.92079   -12.11093 1.76789   1.000 10.59746 ? 12  ARG A C     1 
ATOM   87   O  O     . ARG A 1 12  ? 3.60688   -12.21120 2.79385   1.000 12.35793 ? 12  ARG A O     1 
ATOM   88   C  CB    . ARG A 1 12  ? 4.35967   -10.70728 0.25961   1.000 9.68992  ? 12  ARG A CB    1 
ATOM   89   C  CG    . ARG A 1 12  ? 4.65304   -11.87385 -0.68856  1.000 13.05011 ? 12  ARG A CG    1 
ATOM   90   C  CD    . ARG A 1 12  ? 5.80317   -11.61220 -1.61210  1.000 23.12371 ? 12  ARG A CD    1 
ATOM   91   N  NE    . ARG A 1 12  ? 7.08340   -11.89056 -0.98168  1.000 28.97648 ? 12  ARG A NE    1 
ATOM   92   C  CZ    . ARG A 1 12  ? 8.15306   -12.32967 -1.64001  1.000 32.97211 ? 12  ARG A CZ    1 
ATOM   93   N  NH1   . ARG A 1 12  ? 8.08673   -12.56052 -2.94564  1.000 37.20343 ? 12  ARG A NH1   1 
ATOM   94   N  NH2   . ARG A 1 12  ? 9.28764   -12.54766 -0.99068  1.000 32.44285 ? 12  ARG A NH2   1 
ATOM   95   N  N     . ASN A 1 13  ? 2.13042   -13.08692 1.32814   1.000 10.12751 ? 13  ASN A N     1 
ATOM   96   C  CA    . ASN A 1 13  ? 2.02955   -14.33887 2.06538   1.000 10.98871 ? 13  ASN A CA    1 
ATOM   97   C  C     . ASN A 1 13  ? 3.05056   -15.34801 1.54129   1.000 14.32326 ? 13  ASN A C     1 
ATOM   98   O  O     . ASN A 1 13  ? 3.86376   -15.05997 0.65992   1.000 15.52799 ? 13  ASN A O     1 
ATOM   99   C  CB    . ASN A 1 13  ? 0.59533   -14.89587 2.03649   1.000 11.36208 ? 13  ASN A CB    1 
ATOM   100  C  CG    . ASN A 1 13  ? 0.13450   -15.39076 0.65318   1.000 12.82432 ? 13  ASN A CG    1 
ATOM   101  O  OD1   . ASN A 1 13  ? 0.91224   -15.50795 -0.29745  1.000 12.50971 ? 13  ASN A OD1   1 
ATOM   102  N  ND2   . ASN A 1 13  ? -1.16243  -15.70269 0.55369   1.000 11.40569 ? 13  ASN A ND2   1 
ATOM   103  N  N     . GLU A 1 14  ? 2.98257   -16.56789 2.07468   1.000 15.79979 ? 14  GLU A N     1 
ATOM   104  C  CA    . GLU A 1 14  ? 3.95040   -17.59898 1.72698   1.000 20.07184 ? 14  GLU A CA    1 
ATOM   105  C  C     . GLU A 1 14  ? 3.76030   -18.14927 0.32635   1.000 19.96887 ? 14  GLU A C     1 
ATOM   106  O  O     . GLU A 1 14  ? 4.65273   -18.84618 -0.16876  1.000 22.19540 ? 14  GLU A O     1 
ATOM   107  C  CB    . GLU A 1 14  ? 3.86776   -18.74604 2.72705   1.000 24.09309 ? 14  GLU A CB    1 
ATOM   108  C  CG    . GLU A 1 14  ? 4.34775   -18.39544 4.11674   1.000 30.61652 ? 14  GLU A CG    1 
ATOM   109  C  CD    . GLU A 1 14  ? 4.04784   -19.49823 5.10937   1.000 39.16083 ? 14  GLU A CD    1 
ATOM   110  O  OE1   . GLU A 1 14  ? 3.22268   -20.38207 4.77567   1.000 40.50907 ? 14  GLU A OE1   1 
ATOM   111  O  OE2   . GLU A 1 14  ? 4.63648   -19.48384 6.21376   1.000 48.28687 ? 14  GLU A OE2   1 
ATOM   112  N  N     . ASN A 1 15  ? 2.62613   -17.87542 -0.31592  1.000 15.19539 ? 15  ASN A N     1 
ATOM   113  C  CA    . ASN A 1 15  ? 2.35531   -18.37167 -1.65841  1.000 15.81785 ? 15  ASN A CA    1 
ATOM   114  C  C     . ASN A 1 15  ? 2.51526   -17.28571 -2.71593  1.000 12.83575 ? 15  ASN A C     1 
ATOM   115  O  O     . ASN A 1 15  ? 1.91893   -17.37964 -3.79117  1.000 16.98403 ? 15  ASN A O     1 
ATOM   116  C  CB    . ASN A 1 15  ? 0.95743   -18.98113 -1.73145  1.000 17.81478 ? 15  ASN A CB    1 
ATOM   117  C  CG    . ASN A 1 15  ? 0.84626   -20.27337 -0.95020  1.000 27.52495 ? 15  ASN A CG    1 
ATOM   118  O  OD1   . ASN A 1 15  ? 1.84669   -20.81445 -0.47606  1.000 30.45740 ? 15  ASN A OD1   1 
ATOM   119  N  ND2   . ASN A 1 15  ? -0.36470  -20.78163 -0.82454  1.000 29.09101 ? 15  ASN A ND2   1 
ATOM   120  N  N     . ASN A 1 16  ? 3.32863   -16.26813 -2.43129  1.000 12.39476 ? 16  ASN A N     1 
ATOM   121  C  CA    . ASN A 1 16  ? 3.62962   -15.20725 -3.38804  1.000 14.30012 ? 16  ASN A CA    1 
ATOM   122  C  C     . ASN A 1 16  ? 2.36064   -14.49535 -3.85562  1.000 12.80462 ? 16  ASN A C     1 
ATOM   123  O  O     . ASN A 1 16  ? 2.21396   -14.15097 -5.02917  1.000 14.21321 ? 16  ASN A O     1 
ATOM   124  C  CB    . ASN A 1 16  ? 4.41958   -15.74930 -4.58081  1.000 16.80876 ? 16  ASN A CB    1 
ATOM   125  C  CG    . ASN A 1 16  ? 5.28692   -14.68641 -5.22702  1.000 22.52205 ? 16  ASN A CG    1 
ATOM   126  O  OD1   . ASN A 1 16  ? 5.87290   -13.84583 -4.53741  1.000 27.18891 ? 16  ASN A OD1   1 
ATOM   127  N  ND2   . ASN A 1 16  ? 5.36521   -14.70930 -6.55537  1.000 27.30383 ? 16  ASN A ND2   1 
ATOM   128  N  N     . GLU A 1 17  ? 1.43674   -14.27240 -2.92841  1.000 9.63704  ? 17  GLU A N     1 
ATOM   129  C  CA    . GLU A 1 17  ? 0.23731   -13.48738 -3.17257  1.000 9.91858  ? 17  GLU A CA    1 
ATOM   130  C  C     . GLU A 1 17  ? 0.29714   -12.23341 -2.30715  1.000 9.89666  ? 17  GLU A C     1 
ATOM   131  O  O     . GLU A 1 17  ? 0.89495   -12.24710 -1.22887  1.000 8.85304  ? 17  GLU A O     1 
ATOM   132  C  CB    . GLU A 1 17  ? -1.02853  -14.30199 -2.86494  1.000 10.55198 ? 17  GLU A CB    1 
ATOM   133  C  CG    . GLU A 1 17  ? -1.21290  -15.50851 -3.79740  1.000 10.12925 ? 17  GLU A CG    1 
ATOM   134  C  CD    . GLU A 1 17  ? -2.13391  -16.57856 -3.23497  1.000 14.74069 ? 17  GLU A CD    1 
ATOM   135  O  OE1   . GLU A 1 17  ? -2.26091  -16.68149 -1.99508  1.000 12.61978 ? 17  GLU A OE1   1 
ATOM   136  O  OE2   . GLU A 1 17  ? -2.71413  -17.34218 -4.03618  1.000 17.00274 ? 17  GLU A OE2   1 
ATOM   137  N  N     . ILE A 1 18  ? -0.29493  -11.14206 -2.79861  1.000 8.19018  ? 18  ILE A N     1 
ATOM   138  C  CA    . ILE A 1 18  ? -0.28201  -9.84628  -2.12040  1.000 9.47015  ? 18  ILE A CA    1 
ATOM   139  C  C     . ILE A 1 18  ? -1.70879  -9.49186  -1.74137  1.000 8.13043  ? 18  ILE A C     1 
ATOM   140  O  O     . ILE A 1 18  ? -2.62655  -9.68917  -2.54122  1.000 10.23239 ? 18  ILE A O     1 
ATOM   141  C  CB    . ILE A 1 18  ? 0.30036   -8.73115  -3.02084  1.000 10.79601 ? 18  ILE A CB    1 
ATOM   142  C  CG1   . ILE A 1 18  ? 1.57915   -9.19575  -3.71845  1.000 13.33062 ? 18  ILE A CG1   1 
ATOM   143  C  CG2   . ILE A 1 18  ? 0.50689   -7.45325  -2.21235  1.000 9.41147  ? 18  ILE A CG2   1 
ATOM   144  C  CD1   . ILE A 1 18  ? 2.70252   -9.51058  -2.77296  1.000 14.39855 ? 18  ILE A CD1   1 
ATOM   145  N  N     . PHE A 1 19  ? -1.89934  -8.93750  -0.54096  1.000 7.41737  ? 19  PHE A N     1 
ATOM   146  C  CA    . PHE A 1 19  ? -3.23404  -8.51435  -0.12311  1.000 6.40399  ? 19  PHE A CA    1 
ATOM   147  C  C     . PHE A 1 19  ? -3.49605  -7.10203  -0.65015  1.000 7.59900  ? 19  PHE A C     1 
ATOM   148  O  O     . PHE A 1 19  ? -2.85838  -6.12282  -0.22000  1.000 8.05259  ? 19  PHE A O     1 
ATOM   149  C  CB    . PHE A 1 19  ? -3.41201  -8.59808  1.39225   1.000 7.84422  ? 19  PHE A CB    1 
ATOM   150  C  CG    . PHE A 1 19  ? -4.81832  -8.38122  1.81701   1.000 7.16763  ? 19  PHE A CG    1 
ATOM   151  C  CD1   . PHE A 1 19  ? -5.72729  -9.44598  1.86129   1.000 7.63241  ? 19  PHE A CD1   1 
ATOM   152  C  CD2   . PHE A 1 19  ? -5.27025  -7.10643  2.11565   1.000 7.90137  ? 19  PHE A CD2   1 
ATOM   153  C  CE1   . PHE A 1 19  ? -7.05887  -9.23528  2.23459   1.000 9.38202  ? 19  PHE A CE1   1 
ATOM   154  C  CE2   . PHE A 1 19  ? -6.60699  -6.89313  2.50312   1.000 7.55744  ? 19  PHE A CE2   1 
ATOM   155  C  CZ    . PHE A 1 19  ? -7.49830  -7.95674  2.55389   1.000 7.03886  ? 19  PHE A CZ    1 
ATOM   156  N  N     . ILE A 1 20  ? -4.45447  -7.00195  -1.57450  1.000 7.90780  ? 20  ILE A N     1 
ATOM   157  C  CA    . ILE A 1 20  ? -4.73049  -5.79390  -2.34327  1.000 7.04925  ? 20  ILE A CA    1 
ATOM   158  C  C     . ILE A 1 20  ? -6.15685  -5.34720  -2.05990  1.000 8.45688  ? 20  ILE A C     1 
ATOM   159  O  O     . ILE A 1 20  ? -7.08056  -6.16664  -2.10266  1.000 8.53333  ? 20  ILE A O     1 
ATOM   160  C  CB    . ILE A 1 20  ? -4.53993  -6.05623  -3.84679  1.000 6.59336  ? 20  ILE A CB    1 
ATOM   161  C  CG1   . ILE A 1 20  ? -3.10605  -6.49984  -4.13808  1.000 7.90900  ? 20  ILE A CG1   1 
ATOM   162  C  CG2   . ILE A 1 20  ? -4.91983  -4.81879  -4.69995  1.000 7.43198  ? 20  ILE A CG2   1 
ATOM   163  C  CD1   . ILE A 1 20  ? -2.10322  -5.43740  -3.79735  1.000 7.51797  ? 20  ILE A CD1   1 
ATOM   164  N  N     . THR A 1 21  ? -6.34179  -4.05026  -1.79627  1.000 7.33092  ? 21  THR A N     1 
ATOM   165  C  CA    . THR A 1 21  ? -7.67828  -3.49145  -1.63567  1.000 7.08542  ? 21  THR A CA    1 
ATOM   166  C  C     . THR A 1 21  ? -8.01517  -2.58877  -2.81747  1.000 7.89219  ? 21  THR A C     1 
ATOM   167  O  O     . THR A 1 21  ? -7.15237  -2.25441  -3.62986  1.000 7.33859  ? 21  THR A O     1 
ATOM   168  C  CB    . THR A 1 21  ? -7.80922  -2.73086  -0.30316  1.000 8.33742  ? 21  THR A CB    1 
ATOM   169  O  OG1   . THR A 1 21  ? -6.79864  -1.72656  -0.19798  1.000 9.10662  ? 21  THR A OG1   1 
ATOM   170  C  CG2   . THR A 1 21  ? -7.68692  -3.69212  0.87522   1.000 9.60355  ? 21  THR A CG2   1 
ATOM   171  N  N     . ARG A 1 22  ? -9.29345  -2.22150  -2.93862  1.000 9.43092  ? 22  ARG A N     1 
ATOM   172  C  CA    . ARG A 1 22  ? -9.73389  -1.35029  -4.02850  1.000 8.55082  ? 22  ARG A CA    1 
ATOM   173  C  C     . ARG A 1 22  ? -10.28849 -0.05303  -3.45502  1.000 9.22435  ? 22  ARG A C     1 
ATOM   174  O  O     . ARG A 1 22  ? -11.12844 -0.08412  -2.54578  1.000 9.74868  ? 22  ARG A O     1 
ATOM   175  C  CB    . ARG A 1 22  ? -10.78462 -2.01768  -4.91786  1.000 9.38889  ? 22  ARG A CB    1 
ATOM   176  C  CG    . ARG A 1 22  ? -10.98501 -1.22417  -6.20563  1.000 9.14674  ? 22  ARG A CG    1 
ATOM   177  C  CD    . ARG A 1 22  ? -12.00131 -1.84052  -7.14307  1.000 12.73566 ? 22  ARG A CD    1 
ATOM   178  N  NE    . ARG A 1 22  ? -11.50549 -3.05901  -7.77820  1.000 11.57549 ? 22  ARG A NE    1 
ATOM   179  C  CZ    . ARG A 1 22  ? -10.77841 -3.10394  -8.88663  1.000 13.53716 ? 22  ARG A CZ    1 
ATOM   180  N  NH1   . ARG A 1 22  ? -10.40610 -1.99027  -9.51175  1.000 13.17012 ? 22  ARG A NH1   1 
ATOM   181  N  NH2   . ARG A 1 22  ? -10.39856 -4.28159  -9.36418  1.000 15.71998 ? 22  ARG A NH2   1 
ATOM   182  N  N     . ARG A 1 23  ? -9.81905  1.07828   -3.99842  1.000 8.17521  ? 23  ARG A N     1 
ATOM   183  C  CA    . ARG A 1 23  ? -10.16102 2.39433   -3.47932  1.000 7.78711  ? 23  ARG A CA    1 
ATOM   184  C  C     . ARG A 1 23  ? -11.59543 2.77124   -3.81246  1.000 9.68731  ? 23  ARG A C     1 
ATOM   185  O  O     . ARG A 1 23  ? -12.14376 2.35932   -4.83369  1.000 11.58518 ? 23  ARG A O     1 
ATOM   186  C  CB    . ARG A 1 23  ? -9.19369  3.43678   -4.03692  1.000 9.92961  ? 23  ARG A CB    1 
ATOM   187  C  CG    . ARG A 1 23  ? -7.76302  3.15875   -3.58972  1.000 9.80292  ? 23  ARG A CG    1 
ATOM   188  C  CD    . ARG A 1 23  ? -6.77344  4.18721   -4.07879  1.000 9.44708  ? 23  ARG A CD    1 
ATOM   189  N  NE    . ARG A 1 23  ? -7.06513  5.55083   -3.64012  1.000 9.69952  ? 23  ARG A NE    1 
ATOM   190  C  CZ    . ARG A 1 23  ? -6.74721  6.05594   -2.45401  1.000 11.45170 ? 23  ARG A CZ    1 
ATOM   191  N  NH1   . ARG A 1 23  ? -6.13494  5.31094   -1.54147  1.000 11.53969 ? 23  ARG A NH1   1 
ATOM   192  N  NH2   . ARG A 1 23  ? -7.06273  7.31617   -2.18017  1.000 12.48089 ? 23  ARG A NH2   1 
ATOM   193  N  N     . ALA A 1 24  ? -12.18761 3.58950   -2.94398  1.000 9.12435  ? 24  ALA A N     1 
ATOM   194  C  CA    . ALA A 1 24  ? -13.57241 4.01012   -3.09699  1.000 10.21632 ? 24  ALA A CA    1 
ATOM   195  C  C     . ALA A 1 24  ? -13.75444 4.83159   -4.37141  1.000 12.92637 ? 24  ALA A C     1 
ATOM   196  O  O     . ALA A 1 24  ? -12.81423 5.41397   -4.91539  1.000 12.13028 ? 24  ALA A O     1 
ATOM   197  C  CB    . ALA A 1 24  ? -14.01938 4.82588   -1.88111  1.000 14.88422 ? 24  ALA A CB    1 
ATOM   198  N  N     . ALA A 1 25  ? -15.00184 4.87656   -4.84653  1.000 14.14802 ? 25  ALA A N     1 
ATOM   199  C  CA    . ALA A 1 25  ? -15.29046 5.55979   -6.09937  1.000 12.99415 ? 25  ALA A CA    1 
ATOM   200  C  C     . ALA A 1 25  ? -15.19581 7.07502   -5.98231  1.000 15.76283 ? 25  ALA A C     1 
ATOM   201  O  O     . ALA A 1 25  ? -15.09838 7.75295   -7.00781  1.000 17.81310 ? 25  ALA A O     1 
ATOM   202  C  CB    . ALA A 1 25  ? -16.68012 5.17164   -6.60111  1.000 14.58226 ? 25  ALA A CB    1 
ATOM   203  N  N     . ASP A 1 26  ? -15.23437 7.62532   -4.77141  1.000 14.36299 ? 26  ASP A N     1 
ATOM   204  C  CA    . ASP A 1 26  ? -15.16768 9.06971   -4.59147  1.000 16.63134 ? 26  ASP A CA    1 
ATOM   205  C  C     . ASP A 1 26  ? -13.83775 9.51068   -4.00530  1.000 18.60458 ? 26  ASP A C     1 
ATOM   206  O  O     . ASP A 1 26  ? -13.71596 10.65073  -3.54222  1.000 20.70382 ? 26  ASP A O     1 
ATOM   207  C  CB    . ASP A 1 26  ? -16.32163 9.55040   -3.71250  1.000 20.72692 ? 26  ASP A CB    1 
ATOM   208  C  CG    . ASP A 1 26  ? -16.41602 8.78925   -2.40707  1.000 25.86889 ? 26  ASP A CG    1 
ATOM   209  O  OD1   . ASP A 1 26  ? -15.49691 8.00247   -2.09095  1.000 23.99138 ? 26  ASP A OD1   1 
ATOM   210  O  OD2   . ASP A 1 26  ? -17.42593 8.97065   -1.69346  1.000 33.50926 ? 26  ASP A OD2   1 
ATOM   211  N  N     . ALA A 1 27  ? -12.83993 8.63973   -4.01415  1.000 14.10774 ? 27  ALA A N     1 
ATOM   212  C  CA    . ALA A 1 27  ? -11.54313 8.97362   -3.45168  1.000 12.74527 ? 27  ALA A CA    1 
ATOM   213  C  C     . ALA A 1 27  ? -10.61004 9.46707   -4.54669  1.000 12.90647 ? 27  ALA A C     1 
ATOM   214  O  O     . ALA A 1 27  ? -10.85379 9.27230   -5.74169  1.000 12.38689 ? 27  ALA A O     1 
ATOM   215  C  CB    . ALA A 1 27  ? -10.92891 7.75922   -2.75153  1.000 13.53590 ? 27  ALA A CB    1 
ATOM   216  N  N     . HIS A 1 28  ? -9.52205  10.11459  -4.13105  1.000 11.56844 ? 28  HIS A N     1 
ATOM   217  C  CA    . HIS A 1 28  ? -8.42489  10.29949  -5.06445  1.000 12.94237 ? 28  HIS A CA    1 
ATOM   218  C  C     . HIS A 1 28  ? -7.98821  8.93323   -5.58113  1.000 10.51991 ? 28  HIS A C     1 
ATOM   219  O  O     . HIS A 1 28  ? -7.98079  7.95539   -4.83894  1.000 11.41887 ? 28  HIS A O     1 
ATOM   220  C  CB    . HIS A 1 28  ? -7.26254  11.02949  -4.38977  1.000 11.11889 ? 28  HIS A CB    1 
ATOM   221  C  CG    . HIS A 1 28  ? -6.14531  11.34985  -5.32743  1.000 11.28062 ? 28  HIS A CG    1 
ATOM   222  N  ND1   . HIS A 1 28  ? -4.90121  10.76686  -5.23112  1.000 10.69047 ? 28  HIS A ND1   1 
ATOM   223  C  CD2   . HIS A 1 28  ? -6.09619  12.17457  -6.40130  1.000 13.20005 ? 28  HIS A CD2   1 
ATOM   224  C  CE1   . HIS A 1 28  ? -4.12670  11.22905  -6.19843  1.000 11.75669 ? 28  HIS A CE1   1 
ATOM   225  N  NE2   . HIS A 1 28  ? -4.82921  12.08262  -6.92560  1.000 12.06884 ? 28  HIS A NE2   1 
ATOM   226  N  N     . MET A 1 29  ? -7.64749  8.85182   -6.87066  1.000 9.61180  ? 29  MET A N     1 
ATOM   227  C  CA    . MET A 1 29  ? -7.33788  7.56136   -7.49417  1.000 11.03604 ? 29  MET A CA    1 
ATOM   228  C  C     . MET A 1 29  ? -8.50079  6.58615   -7.30094  1.000 12.16645 ? 29  MET A C     1 
ATOM   229  O  O     . MET A 1 29  ? -8.33417  5.43815   -6.87709  1.000 10.12763 ? 29  MET A O     1 
ATOM   230  C  CB    . MET A 1 29  ? -6.02460  6.98817   -6.95558  1.000 10.04822 ? 29  MET A CB    1 
ATOM   231  C  CG    . MET A 1 29  ? -4.77895  7.68889   -7.49304  1.000 11.26858 ? 29  MET A CG    1 
ATOM   232  S  SD    . MET A 1 29  ? -4.65757  7.53752   -9.29970  1.000 12.25333 ? 29  MET A SD    1 
ATOM   233  C  CE    . MET A 1 29  ? -5.12064  9.19586   -9.83399  1.000 16.50330 ? 29  MET A CE    1 
ATOM   234  N  N     . ALA A 1 30  ? -9.70107  7.07048   -7.60669  1.000 11.28696 ? 30  ALA A N     1 
ATOM   235  C  CA    . ALA A 1 30  ? -10.91464 6.30299   -7.36125  1.000 11.21443 ? 30  ALA A CA    1 
ATOM   236  C  C     . ALA A 1 30  ? -10.89150 4.97937   -8.11716  1.000 9.08824  ? 30  ALA A C     1 
ATOM   237  O  O     . ALA A 1 30  ? -10.43098 4.90173   -9.26056  1.000 11.09980 ? 30  ALA A O     1 
ATOM   238  C  CB    . ALA A 1 30  ? -12.13983 7.11388   -7.78596  1.000 16.63292 ? 30  ALA A CB    1 
ATOM   239  N  N     . ASN A 1 31  ? -11.40545 3.93862   -7.46241  1.000 10.74918 ? 31  ASN A N     1 
ATOM   240  C  CA    . ASN A 1 31  ? -11.60985 2.59905   -8.00980  1.000 9.00358  ? 31  ASN A CA    1 
ATOM   241  C  C     . ASN A 1 31  ? -10.31448 1.86274   -8.33718  1.000 10.44735 ? 31  ASN A C     1 
ATOM   242  O  O     . ASN A 1 31  ? -10.38016 0.75121   -8.86570  1.000 9.51877  ? 31  ASN A O     1 
ATOM   243  C  CB    . ASN A 1 31  ? -12.47793 2.60403   -9.28161  1.000 10.97083 ? 31  ASN A CB    1 
ATOM   244  C  CG    . ASN A 1 31  ? -13.85175 3.20003   -9.05246  1.000 10.90169 ? 31  ASN A CG    1 
ATOM   245  O  OD1   . ASN A 1 31  ? -14.55659 2.83528   -8.10549  1.000 10.78599 ? 31  ASN A OD1   1 
ATOM   246  N  ND2   . ASN A 1 31  ? -14.23422 4.13496   -9.91011  1.000 10.04770 ? 31  ASN A ND2   1 
ATOM   247  N  N     . LYS A 1 32  ? -9.14718  2.43763   -8.05543  1.000 8.07022  ? 32  LYS A N     1 
ATOM   248  C  CA    . LYS A 1 32  ? -7.88308  1.75986   -8.32530  1.000 8.30013  ? 32  LYS A CA    1 
ATOM   249  C  C     . LYS A 1 32  ? -7.56928  0.69948   -7.27206  1.000 8.33545  ? 32  LYS A C     1 
ATOM   250  O  O     . LYS A 1 32  ? -7.97235  0.80291   -6.10354  1.000 8.89362  ? 32  LYS A O     1 
ATOM   251  C  CB    . LYS A 1 32  ? -6.73960  2.77135   -8.35888  1.000 9.19313  ? 32  LYS A CB    1 
ATOM   252  C  CG    . LYS A 1 32  ? -6.84495  3.78707   -9.47707  1.000 11.69988 ? 32  LYS A CG    1 
ATOM   253  C  CD    . LYS A 1 32  ? -6.49796  3.11673   -10.78497 1.000 12.17642 ? 32  LYS A CD    1 
ATOM   254  C  CE    . LYS A 1 32  ? -6.34355  4.11662   -11.91328 1.000 21.45761 ? 32  LYS A CE    1 
ATOM   255  N  NZ    . LYS A 1 32  ? -6.04873  3.37660   -13.17931 1.000 27.06007 ? 32  LYS A NZ    1 
ATOM   256  N  N     . LEU A 1 33  ? -6.84108  -0.33048  -7.69695  1.000 7.42164  ? 33  LEU A N     1 
ATOM   257  C  CA    . LEU A 1 33  ? -6.24528  -1.24376  -6.73012  1.000 7.77135  ? 33  LEU A CA    1 
ATOM   258  C  C     . LEU A 1 33  ? -5.10646  -0.53652  -6.00894  1.000 8.22589  ? 33  LEU A C     1 
ATOM   259  O  O     . LEU A 1 33  ? -4.49862  0.39945   -6.53785  1.000 8.07984  ? 33  LEU A O     1 
ATOM   260  C  CB    . LEU A 1 33  ? -5.73328  -2.50906  -7.41940  1.000 8.23835  ? 33  LEU A CB    1 
ATOM   261  C  CG    . LEU A 1 33  ? -6.80717  -3.38102  -8.06729  1.000 8.89443  ? 33  LEU A CG    1 
ATOM   262  C  CD1   . LEU A 1 33  ? -6.14877  -4.62090  -8.63274  1.000 9.03354  ? 33  LEU A CD1   1 
ATOM   263  C  CD2   . LEU A 1 33  ? -7.90506  -3.75656  -7.07098  1.000 9.63528  ? 33  LEU A CD2   1 
ATOM   264  N  N     . GLU A 1 34  ? -4.83180  -0.97904  -4.77756  1.000 7.88904  ? 34  GLU A N     1 
ATOM   265  C  CA    . GLU A 1 34  ? -3.86134  -0.27885  -3.94542  1.000 6.09886  ? 34  GLU A CA    1 
ATOM   266  C  C     . GLU A 1 34  ? -3.24067  -1.22967  -2.93380  1.000 7.16201  ? 34  GLU A C     1 
ATOM   267  O  O     . GLU A 1 34  ? -3.85106  -2.22966  -2.53970  1.000 7.36621  ? 34  GLU A O     1 
ATOM   268  C  CB    . GLU A 1 34  ? -4.51194  0.88195   -3.18653  1.000 7.80478  ? 34  GLU A CB    1 
ATOM   269  C  CG    . GLU A 1 34  ? -5.69601  0.38278   -2.36639  1.000 8.57977  ? 34  GLU A CG    1 
ATOM   270  C  CD    . GLU A 1 34  ? -6.16524  1.34658   -1.30250  1.000 13.04985 ? 34  GLU A CD    1 
ATOM   271  O  OE1   . GLU A 1 34  ? -5.62652  2.47541   -1.23002  1.000 10.62697 ? 34  GLU A OE1   1 
ATOM   272  O  OE2   . GLU A 1 34  ? -7.08846  0.95129   -0.54326  1.000 11.90685 ? 34  GLU A OE2   1 
ATOM   273  N  N     . PHE A 1 35  ? -2.02387  -0.89082  -2.49923  1.000 5.96040  ? 35  PHE A N     1 
ATOM   274  C  CA    . PHE A 1 35  ? -1.51210  -1.41942  -1.24088  1.000 6.64162  ? 35  PHE A CA    1 
ATOM   275  C  C     . PHE A 1 35  ? -2.15195  -0.64773  -0.08997  1.000 5.17092  ? 35  PHE A C     1 
ATOM   276  O  O     . PHE A 1 35  ? -2.23130  0.57977   -0.15157  1.000 8.02918  ? 35  PHE A O     1 
ATOM   277  C  CB    . PHE A 1 35  ? 0.01596   -1.28176  -1.18873  1.000 6.55666  ? 35  PHE A CB    1 
ATOM   278  C  CG    . PHE A 1 35  ? 0.71757   -1.86664  -2.39026  1.000 7.59415  ? 35  PHE A CG    1 
ATOM   279  C  CD1   . PHE A 1 35  ? 0.62935   -3.22516  -2.67636  1.000 7.17537  ? 35  PHE A CD1   1 
ATOM   280  C  CD2   . PHE A 1 35  ? 1.46927   -1.05623  -3.22796  1.000 7.25944  ? 35  PHE A CD2   1 
ATOM   281  C  CE1   . PHE A 1 35  ? 1.28463   -3.77520  -3.77350  1.000 9.00972  ? 35  PHE A CE1   1 
ATOM   282  C  CE2   . PHE A 1 35  ? 2.13091   -1.59606  -4.32834  1.000 8.96980  ? 35  PHE A CE2   1 
ATOM   283  C  CZ    . PHE A 1 35  ? 2.03719   -2.95653  -4.60945  1.000 8.78714  ? 35  PHE A CZ    1 
ATOM   284  N  N     . PRO A 1 36  ? -2.63404  -1.31140  0.96224   1.000 7.02555  ? 36  PRO A N     1 
ATOM   285  C  CA    . PRO A 1 36  ? -3.21288  -0.55579  2.08076   1.000 6.70675  ? 36  PRO A CA    1 
ATOM   286  C  C     . PRO A 1 36  ? -2.21268  0.45895   2.62953   1.000 6.64599  ? 36  PRO A C     1 
ATOM   287  O  O     . PRO A 1 36  ? -1.01178  0.19144   2.70178   1.000 8.16105  ? 36  PRO A O     1 
ATOM   288  C  CB    . PRO A 1 36  ? -3.54884  -1.64725  3.10239   1.000 8.11876  ? 36  PRO A CB    1 
ATOM   289  C  CG    . PRO A 1 36  ? -3.78474  -2.86826  2.24230   1.000 7.51009  ? 36  PRO A CG    1 
ATOM   290  C  CD    . PRO A 1 36  ? -2.71444  -2.76712  1.18645   1.000 7.11849  ? 36  PRO A CD    1 
ATOM   291  N  N     . GLY A 1 37  ? -2.70784  1.64529   2.96855   1.000 7.09080  ? 37  GLY A N     1 
ATOM   292  C  CA    . GLY A 1 37  ? -1.84425  2.65572   3.55235   1.000 7.37017  ? 37  GLY A CA    1 
ATOM   293  C  C     . GLY A 1 37  ? -2.52537  4.01154   3.60520   1.000 9.61920  ? 37  GLY A C     1 
ATOM   294  O  O     . GLY A 1 37  ? -3.72561  4.13901   3.34753   1.000 9.37167  ? 37  GLY A O     1 
ATOM   295  N  N     . GLY A 1 38  ? -1.73802  5.02144   3.96233   1.000 8.93446  ? 38  GLY A N     1 
ATOM   296  C  CA    . GLY A 1 38  ? -2.29093  6.35735   4.06037   1.000 9.45064  ? 38  GLY A CA    1 
ATOM   297  C  C     . GLY A 1 38  ? -1.27567  7.34648   4.59248   1.000 7.92290  ? 38  GLY A C     1 
ATOM   298  O  O     . GLY A 1 38  ? -0.07503  7.07199   4.64990   1.000 9.86874  ? 38  GLY A O     1 
ATOM   299  N  N     . LYS A 1 39  ? -1.77731  8.51761   4.96850   1.000 9.14598  ? 39  LYS A N     1 
ATOM   300  C  CA    . LYS A 1 39  ? -0.89846  9.64890   5.24375   1.000 11.63592 ? 39  LYS A CA    1 
ATOM   301  C  C     . LYS A 1 39  ? -0.13045  9.47962   6.55058   1.000 11.83316 ? 39  LYS A C     1 
ATOM   302  O  O     . LYS A 1 39  ? -0.69782  9.09102   7.57726   1.000 11.11516 ? 39  LYS A O     1 
ATOM   303  C  CB    . LYS A 1 39  ? -1.71228  10.94133  5.28983   1.000 12.99682 ? 39  LYS A CB    1 
ATOM   304  C  CG    . LYS A 1 39  ? -0.87412  12.17378  5.61807   1.000 18.62283 ? 39  LYS A CG    1 
ATOM   305  C  CD    . LYS A 1 39  ? -1.76266  13.36772  5.93052   1.000 26.42537 ? 39  LYS A CD    1 
ATOM   306  C  CE    . LYS A 1 39  ? -0.94263  14.51097  6.51903   1.000 30.66722 ? 39  LYS A CE    1 
ATOM   307  N  NZ    . LYS A 1 39  ? -1.81136  15.55543  7.13805   1.000 36.23044 ? 39  LYS A NZ    1 
ATOM   308  N  N     . ILE A 1 40  ? 1.16617   9.79303   6.49666   1.000 8.85326  ? 40  ILE A N     1 
ATOM   309  C  CA    . ILE A 1 40  ? 2.01088   9.88018   7.68838   1.000 10.11760 ? 40  ILE A CA    1 
ATOM   310  C  C     . ILE A 1 40  ? 1.66378   11.15957  8.43652   1.000 13.93189 ? 40  ILE A C     1 
ATOM   311  O  O     . ILE A 1 40  ? 1.78019   12.26323  7.88641   1.000 15.00821 ? 40  ILE A O     1 
ATOM   312  C  CB    . ILE A 1 40  ? 3.49505   9.85910   7.30637   1.000 10.37066 ? 40  ILE A CB    1 
ATOM   313  C  CG1   . ILE A 1 40  ? 3.83755   8.58540   6.53717   1.000 10.94552 ? 40  ILE A CG1   1 
ATOM   314  C  CG2   . ILE A 1 40  ? 4.36754   10.02519  8.55076   1.000 11.47120 ? 40  ILE A CG2   1 
ATOM   315  C  CD1   . ILE A 1 40  ? 5.20185   8.63061   5.86444   1.000 14.00897 ? 40  ILE A CD1   1 
ATOM   316  N  N     . GLU A 1 41  ? 1.24211   11.02095  9.68944   1.000 12.31945 ? 41  GLU A N     1 
ATOM   317  C  CA    . GLU A 1 41  ? 0.77216   12.16102  10.46185  1.000 13.30547 ? 41  GLU A CA    1 
ATOM   318  C  C     . GLU A 1 41  ? 1.92188   12.85689  11.19022  1.000 15.05298 ? 41  GLU A C     1 
ATOM   319  O  O     . GLU A 1 41  ? 2.99528   12.28912  11.41684  1.000 12.39164 ? 41  GLU A O     1 
ATOM   320  C  CB    . GLU A 1 41  ? -0.30943  11.72094  11.45652  1.000 16.92162 ? 41  GLU A CB    1 
ATOM   321  C  CG    A GLU A 1 41  ? -1.52614  11.08097  10.76752  0.520 16.02481 ? 41  GLU A CG    1 
ATOM   322  C  CG    B GLU A 1 41  ? -1.53663  11.07715  10.80414  0.480 16.02428 ? 41  GLU A CG    1 
ATOM   323  C  CD    A GLU A 1 41  ? -2.45338  10.33620  11.71605  0.520 17.30034 ? 41  GLU A CD    1 
ATOM   324  C  CD    B GLU A 1 41  ? -2.32532  12.04760  9.93492   0.480 18.95593 ? 41  GLU A CD    1 
ATOM   325  O  OE1   A GLU A 1 41  ? -2.19090  10.31733  12.93613  0.520 18.45937 ? 41  GLU A OE1   1 
ATOM   326  O  OE1   B GLU A 1 41  ? -2.14424  13.27480  10.07975  0.480 22.35789 ? 41  GLU A OE1   1 
ATOM   327  O  OE2   A GLU A 1 41  ? -3.44800  9.75651   11.23032  0.520 20.23268 ? 41  GLU A OE2   1 
ATOM   328  O  OE2   B GLU A 1 41  ? -3.13605  11.58369  9.10696   0.480 20.51568 ? 41  GLU A OE2   1 
ATOM   329  N  N     . MET A 1 42  ? 1.68191   14.11882  11.53216  1.000 14.78413 ? 42  MET A N     1 
ATOM   330  C  CA    . MET A 1 42  ? 2.63314   14.86410  12.33930  1.000 16.99025 ? 42  MET A CA    1 
ATOM   331  C  C     . MET A 1 42  ? 2.89132   14.11261  13.63727  1.000 13.86193 ? 42  MET A C     1 
ATOM   332  O  O     . MET A 1 42  ? 1.96431   13.59924  14.27045  1.000 15.34870 ? 42  MET A O     1 
ATOM   333  C  CB    . MET A 1 42  ? 2.09366   16.26534  12.63233  1.000 19.55259 ? 42  MET A CB    1 
ATOM   334  C  CG    . MET A 1 42  ? 3.02712   17.12541  13.45834  1.000 22.60053 ? 42  MET A CG    1 
ATOM   335  S  SD    . MET A 1 42  ? 4.32529   17.88949  12.47888  1.000 42.36132 ? 42  MET A SD    1 
ATOM   336  C  CE    . MET A 1 42  ? 3.34611   18.99504  11.45972  1.000 38.01803 ? 42  MET A CE    1 
ATOM   337  N  N     . GLY A 1 43  ? 4.16010   14.02367  14.01861  1.000 13.17667 ? 43  GLY A N     1 
ATOM   338  C  CA    . GLY A 1 43  ? 4.51439   13.34199  15.24267  1.000 13.98073 ? 43  GLY A CA    1 
ATOM   339  C  C     . GLY A 1 43  ? 4.67364   11.84428  15.12204  1.000 11.79780 ? 43  GLY A C     1 
ATOM   340  O  O     . GLY A 1 43  ? 4.97000   11.18422  16.12944  1.000 10.42189 ? 43  GLY A O     1 
ATOM   341  N  N     . GLU A 1 44  ? 4.47732   11.27188  13.93729  1.000 12.01239 ? 44  GLU A N     1 
ATOM   342  C  CA    . GLU A 1 44  ? 4.68538   9.84644   13.77451  1.000 12.01003 ? 44  GLU A CA    1 
ATOM   343  C  C     . GLU A 1 44  ? 5.68901   9.60590   12.65266  1.000 8.31316  ? 44  GLU A C     1 
ATOM   344  O  O     . GLU A 1 44  ? 5.85020   10.43235  11.74847  1.000 10.74450 ? 44  GLU A O     1 
ATOM   345  C  CB    . GLU A 1 44  ? 3.34150   9.12268   13.54343  1.000 16.80377 ? 44  GLU A CB    1 
ATOM   346  C  CG    . GLU A 1 44  ? 3.12600   8.51223   12.19866  1.000 15.25055 ? 44  GLU A CG    1 
ATOM   347  C  CD    . GLU A 1 44  ? 1.67917   8.09681   11.98203  1.000 12.24754 ? 44  GLU A CD    1 
ATOM   348  O  OE1   . GLU A 1 44  ? 1.08837   7.39461   12.82764  1.000 13.22848 ? 44  GLU A OE1   1 
ATOM   349  O  OE2   . GLU A 1 44  ? 1.12411   8.49996   10.96507  1.000 10.48389 ? 44  GLU A OE2   1 
ATOM   350  N  N     . THR A 1 45  ? 6.42454   8.50703   12.76582  1.000 9.28361  ? 45  THR A N     1 
ATOM   351  C  CA    . THR A 1 45  ? 7.44889   8.15485   11.78962  1.000 8.09361  ? 45  THR A CA    1 
ATOM   352  C  C     . THR A 1 45  ? 6.84094   7.35817   10.64544  1.000 9.81233  ? 45  THR A C     1 
ATOM   353  O  O     . THR A 1 45  ? 5.72332   6.84107   10.75394  1.000 9.16070  ? 45  THR A O     1 
ATOM   354  C  CB    . THR A 1 45  ? 8.52951   7.32498   12.46184  1.000 8.69256  ? 45  THR A CB    1 
ATOM   355  O  OG1   . THR A 1 45  ? 7.95068   6.08143   12.85842  1.000 9.34447  ? 45  THR A OG1   1 
ATOM   356  C  CG2   . THR A 1 45  ? 9.07336   8.05855   13.70122  1.000 11.34896 ? 45  THR A CG2   1 
ATOM   357  N  N     . PRO A 1 46  ? 7.56646   7.22264   9.52651   1.000 8.14720  ? 46  PRO A N     1 
ATOM   358  C  CA    . PRO A 1 46  ? 7.04981   6.38317   8.43678   1.000 8.65699  ? 46  PRO A CA    1 
ATOM   359  C  C     . PRO A 1 46  ? 6.80236   4.94968   8.87258   1.000 9.58526  ? 46  PRO A C     1 
ATOM   360  O  O     . PRO A 1 46  ? 5.82097   4.33312   8.42728   1.000 9.16738  ? 46  PRO A O     1 
ATOM   361  C  CB    . PRO A 1 46  ? 8.14408   6.50354   7.36438   1.000 9.26560  ? 46  PRO A CB    1 
ATOM   362  C  CG    . PRO A 1 46  ? 8.75814   7.87462   7.63442   1.000 9.32053  ? 46  PRO A CG    1 
ATOM   363  C  CD    . PRO A 1 46  ? 8.77757   7.96715   9.12756   1.000 8.47356  ? 46  PRO A CD    1 
ATOM   364  N  N     . GLU A 1 47  ? 7.65338   4.41649   9.76026   1.000 7.15974  ? 47  GLU A N     1 
ATOM   365  C  CA    . GLU A 1 47  ? 7.45967   3.06117   10.27383  1.000 7.06292  ? 47  GLU A CA    1 
ATOM   366  C  C     . GLU A 1 47  ? 6.21000   2.97705   11.13182  1.000 8.55136  ? 47  GLU A C     1 
ATOM   367  O  O     . GLU A 1 47  ? 5.44283   2.01584   11.02410  1.000 10.16804 ? 47  GLU A O     1 
ATOM   368  C  CB    . GLU A 1 47  ? 8.68533   2.61990   11.07451  1.000 10.64904 ? 47  GLU A CB    1 
ATOM   369  C  CG    . GLU A 1 47  ? 9.99660   2.58295   10.25032  1.000 9.25532  ? 47  GLU A CG    1 
ATOM   370  C  CD    . GLU A 1 47  ? 10.81311  3.86447   10.33829  1.000 10.65122 ? 47  GLU A CD    1 
ATOM   371  O  OE1   . GLU A 1 47  ? 10.25792  4.94248   10.61788  1.000 10.08933 ? 47  GLU A OE1   1 
ATOM   372  O  OE2   . GLU A 1 47  ? 12.03795  3.78767   10.11783  1.000 11.17105 ? 47  GLU A OE2   1 
ATOM   373  N  N     . GLN A 1 48  ? 5.99300   3.96338   12.00576  1.000 8.73310  ? 48  GLN A N     1 
ATOM   374  C  CA    . GLN A 1 48  ? 4.77338   3.96310   12.81384  1.000 8.83385  ? 48  GLN A CA    1 
ATOM   375  C  C     . GLN A 1 48  ? 3.53628   4.11961   11.94333  1.000 9.87028  ? 48  GLN A C     1 
ATOM   376  O  O     . GLN A 1 48  ? 2.48576   3.52483   12.22705  1.000 10.52907 ? 48  GLN A O     1 
ATOM   377  C  CB    . GLN A 1 48  ? 4.82873   5.07581   13.85669  1.000 9.95239  ? 48  GLN A CB    1 
ATOM   378  C  CG    . GLN A 1 48  ? 5.83635   4.80096   14.96367  1.000 9.75324  ? 48  GLN A CG    1 
ATOM   379  C  CD    . GLN A 1 48  ? 6.09841   6.01010   15.82592  1.000 12.93117 ? 48  GLN A CD    1 
ATOM   380  O  OE1   . GLN A 1 48  ? 5.90128   7.13716   15.39912  1.000 10.68423 ? 48  GLN A OE1   1 
ATOM   381  N  NE2   . GLN A 1 48  ? 6.53112   5.77344   17.06517  1.000 17.83064 ? 48  GLN A NE2   1 
ATOM   382  N  N     . ALA A 1 49  ? 3.63808   4.91910   10.88061  1.000 8.75492  ? 49  ALA A N     1 
ATOM   383  C  CA    . ALA A 1 49  ? 2.48190   5.14268   10.02455  1.000 7.68729  ? 49  ALA A CA    1 
ATOM   384  C  C     . ALA A 1 49  ? 2.04963   3.86351   9.31391   1.000 7.33667  ? 49  ALA A C     1 
ATOM   385  O  O     . ALA A 1 49  ? 0.85109   3.59249   9.20684   1.000 8.55113  ? 49  ALA A O     1 
ATOM   386  C  CB    . ALA A 1 49  ? 2.78135   6.25322   9.01621   1.000 9.27896  ? 49  ALA A CB    1 
ATOM   387  N  N     . VAL A 1 50  ? 2.99183   3.07018   8.79712   1.000 8.37556  ? 50  VAL A N     1 
ATOM   388  C  CA    . VAL A 1 50  ? 2.54190   1.87922   8.08005   1.000 8.07705  ? 50  VAL A CA    1 
ATOM   389  C  C     . VAL A 1 50  ? 1.91550   0.87386   9.04578   1.000 8.22555  ? 50  VAL A C     1 
ATOM   390  O  O     . VAL A 1 50  ? 0.94836   0.19083   8.69076   1.000 8.63794  ? 50  VAL A O     1 
ATOM   391  C  CB    . VAL A 1 50  ? 3.67862   1.26302   7.23491   1.000 7.26972  ? 50  VAL A CB    1 
ATOM   392  C  CG1   . VAL A 1 50  ? 4.73672   0.57642   8.09134   1.000 7.72862  ? 50  VAL A CG1   1 
ATOM   393  C  CG2   . VAL A 1 50  ? 3.08634   0.27113   6.21839   1.000 8.45433  ? 50  VAL A CG2   1 
ATOM   394  N  N     . VAL A 1 51  ? 2.39421   0.82344   10.29254  1.000 6.88290  ? 51  VAL A N     1 
ATOM   395  C  CA    . VAL A 1 51  ? 1.75650   -0.02131  11.30116  1.000 7.19980  ? 51  VAL A CA    1 
ATOM   396  C  C     . VAL A 1 51  ? 0.33352   0.44836   11.57399  1.000 7.34221  ? 51  VAL A C     1 
ATOM   397  O  O     . VAL A 1 51  ? -0.61987  -0.34411  11.52129  1.000 8.05834  ? 51  VAL A O     1 
ATOM   398  C  CB    . VAL A 1 51  ? 2.59871   -0.04327  12.59011  1.000 9.96523  ? 51  VAL A CB    1 
ATOM   399  C  CG1   . VAL A 1 51  ? 1.78383   -0.64629  13.73993  1.000 9.61601  ? 51  VAL A CG1   1 
ATOM   400  C  CG2   . VAL A 1 51  ? 3.88598   -0.81675  12.36266  1.000 8.63897  ? 51  VAL A CG2   1 
ATOM   401  N  N     . ARG A 1 52  ? 0.16817   1.74239   11.87591  1.000 8.22866  ? 52  ARG A N     1 
ATOM   402  C  CA    . ARG A 1 52  ? -1.15770  2.28668   12.17115  1.000 8.68271  ? 52  ARG A CA    1 
ATOM   403  C  C     . ARG A 1 52  ? -2.11119  2.09258   11.00183  1.000 9.45934  ? 52  ARG A C     1 
ATOM   404  O  O     . ARG A 1 52  ? -3.25641  1.66194   11.18502  1.000 8.87434  ? 52  ARG A O     1 
ATOM   405  C  CB    . ARG A 1 52  ? -1.05602  3.77231   12.51917  1.000 10.32132 ? 52  ARG A CB    1 
ATOM   406  C  CG    . ARG A 1 52  ? -2.38941  4.39783   12.90738  1.000 10.81144 ? 52  ARG A CG    1 
ATOM   407  C  CD    . ARG A 1 52  ? -2.27714  5.91322   13.10042  1.000 10.72169 ? 52  ARG A CD    1 
ATOM   408  N  NE    . ARG A 1 52  ? -1.52888  6.52518   12.01247  1.000 10.60906 ? 52  ARG A NE    1 
ATOM   409  C  CZ    . ARG A 1 52  ? -2.00705  6.73427   10.78807  1.000 11.61660 ? 52  ARG A CZ    1 
ATOM   410  N  NH1   . ARG A 1 52  ? -3.25941  6.40382   10.48125  1.000 13.84362 ? 52  ARG A NH1   1 
ATOM   411  N  NH2   . ARG A 1 52  ? -1.22949  7.27708   9.86384   1.000 10.89807 ? 52  ARG A NH2   1 
ATOM   412  N  N     . GLU A 1 53  ? -1.65004  2.40827   9.78550   1.000 7.58128  ? 53  GLU A N     1 
ATOM   413  C  CA    . GLU A 1 53  ? -2.53456  2.32889   8.62425   1.000 8.18455  ? 53  GLU A CA    1 
ATOM   414  C  C     . GLU A 1 53  ? -2.98509  0.89775   8.35594   1.000 8.42191  ? 53  GLU A C     1 
ATOM   415  O  O     . GLU A 1 53  ? -4.15192  0.66551   8.02093   1.000 8.36758  ? 53  GLU A O     1 
ATOM   416  C  CB    . GLU A 1 53  ? -1.85407  2.91259   7.39127   1.000 10.42853 ? 53  GLU A CB    1 
ATOM   417  C  CG    . GLU A 1 53  ? -1.72335  4.42574   7.42908   1.000 10.39531 ? 53  GLU A CG    1 
ATOM   418  C  CD    . GLU A 1 53  ? -3.04349  5.13515   7.17176   1.000 12.63629 ? 53  GLU A CD    1 
ATOM   419  O  OE1   . GLU A 1 53  ? -3.97934  4.51474   6.60326   1.000 15.02910 ? 53  GLU A OE1   1 
ATOM   420  O  OE2   . GLU A 1 53  ? -3.13347  6.34176   7.49975   1.000 15.81229 ? 53  GLU A OE2   1 
ATOM   421  N  N     . LEU A 1 54  ? -2.07971  -0.07405  8.47962   1.000 8.33843  ? 54  LEU A N     1 
ATOM   422  C  CA    . LEU A 1 54  ? -2.49625  -1.45708  8.25897   1.000 7.84838  ? 54  LEU A CA    1 
ATOM   423  C  C     . LEU A 1 54  ? -3.40454  -1.95222  9.38406   1.000 8.60173  ? 54  LEU A C     1 
ATOM   424  O  O     . LEU A 1 54  ? -4.32728  -2.73667  9.13570   1.000 7.69039  ? 54  LEU A O     1 
ATOM   425  C  CB    . LEU A 1 54  ? -1.27054  -2.36067  8.08528   1.000 9.94421  ? 54  LEU A CB    1 
ATOM   426  C  CG    . LEU A 1 54  ? -0.84273  -2.58251  6.62511   1.000 7.07527  ? 54  LEU A CG    1 
ATOM   427  C  CD1   . LEU A 1 54  ? -0.71340  -1.28742  5.84556   1.000 8.45772  ? 54  LEU A CD1   1 
ATOM   428  C  CD2   . LEU A 1 54  ? 0.45078   -3.38078  6.58256   1.000 9.31963  ? 54  LEU A CD2   1 
ATOM   429  N  N     . GLN A 1 55  ? -3.19490  -1.48452  10.61389  1.000 8.08520  ? 55  GLN A N     1 
ATOM   430  C  CA    . GLN A 1 55  ? -4.12764  -1.83093  11.68362  1.000 7.48324  ? 55  GLN A CA    1 
ATOM   431  C  C     . GLN A 1 55  ? -5.52052  -1.28387  11.38443  1.000 9.67984  ? 55  GLN A C     1 
ATOM   432  O  O     . GLN A 1 55  ? -6.52568  -1.99698  11.53327  1.000 8.45597  ? 55  GLN A O     1 
ATOM   433  C  CB    . GLN A 1 55  ? -3.61492  -1.29104  13.02172  1.000 8.92341  ? 55  GLN A CB    1 
ATOM   434  C  CG    . GLN A 1 55  ? -2.42037  -2.04937  13.56922  1.000 8.60487  ? 55  GLN A CG    1 
ATOM   435  C  CD    . GLN A 1 55  ? -1.72935  -1.31815  14.71107  1.000 10.02361 ? 55  GLN A CD    1 
ATOM   436  O  OE1   . GLN A 1 55  ? -1.86408  -0.09881  14.85769  1.000 10.57072 ? 55  GLN A OE1   1 
ATOM   437  N  NE2   . GLN A 1 55  ? -0.98128  -2.06206  15.52230  1.000 11.36308 ? 55  GLN A NE2   1 
ATOM   438  N  N     . GLU A 1 56  ? -5.59475  -0.01951  10.94624  1.000 8.61521  ? 56  GLU A N     1 
ATOM   439  C  CA    . GLU A 1 56  ? -6.88227  0.61596   10.65871  1.000 10.35242 ? 56  GLU A CA    1 
ATOM   440  C  C     . GLU A 1 56  ? -7.56464  -0.01442  9.45542   1.000 9.66716  ? 56  GLU A C     1 
ATOM   441  O  O     . GLU A 1 56  ? -8.77675  -0.27284  9.47996   1.000 9.15057  ? 56  GLU A O     1 
ATOM   442  C  CB    . GLU A 1 56  ? -6.69504  2.11144   10.39753  1.000 11.04257 ? 56  GLU A CB    1 
ATOM   443  C  CG    . GLU A 1 56  ? -6.24467  2.92132   11.60014  1.000 11.51939 ? 56  GLU A CG    1 
ATOM   444  C  CD    . GLU A 1 56  ? -5.98875  4.37681   11.25480  1.000 17.13422 ? 56  GLU A CD    1 
ATOM   445  O  OE1   . GLU A 1 56  ? -6.25205  4.77908   10.10115  1.000 21.08561 ? 56  GLU A OE1   1 
ATOM   446  O  OE2   . GLU A 1 56  ? -5.52480  5.12418   12.14066  1.000 19.52420 ? 56  GLU A OE2   1 
ATOM   447  N  N     . GLU A 1 57  ? -6.80998  -0.22792  8.37120   1.000 8.53445  ? 57  GLU A N     1 
ATOM   448  C  CA    . GLU A 1 57  ? -7.44585  -0.55605  7.10132   1.000 7.56538  ? 57  GLU A CA    1 
ATOM   449  C  C     . GLU A 1 57  ? -7.71681  -2.03967  6.95854   1.000 8.30740  ? 57  GLU A C     1 
ATOM   450  O  O     . GLU A 1 57  ? -8.75275  -2.41964  6.40796   1.000 8.13093  ? 57  GLU A O     1 
ATOM   451  C  CB    . GLU A 1 57  ? -6.58946  -0.05941  5.92603   1.000 8.56454  ? 57  GLU A CB    1 
ATOM   452  C  CG    . GLU A 1 57  ? -6.61716  1.45003   5.79518   1.000 10.02944 ? 57  GLU A CG    1 
ATOM   453  C  CD    . GLU A 1 57  ? -6.16627  1.96130   4.44687   1.000 11.73250 ? 57  GLU A CD    1 
ATOM   454  O  OE1   . GLU A 1 57  ? -5.74039  1.16146   3.57898   1.000 11.17714 ? 57  GLU A OE1   1 
ATOM   455  O  OE2   . GLU A 1 57  ? -6.24204  3.19562   4.25947   1.000 14.22384 ? 57  GLU A OE2   1 
ATOM   456  N  N     . VAL A 1 58  ? -6.82325  -2.90248  7.44595   1.000 6.89700  ? 58  VAL A N     1 
ATOM   457  C  CA    . VAL A 1 58  ? -6.94961  -4.33190  7.19046   1.000 8.88117  ? 58  VAL A CA    1 
ATOM   458  C  C     . VAL A 1 58  ? -6.76466  -5.17820  8.43676   1.000 7.59279  ? 58  VAL A C     1 
ATOM   459  O  O     . VAL A 1 58  ? -6.84258  -6.40425  8.34921   1.000 8.73482  ? 58  VAL A O     1 
ATOM   460  C  CB    . VAL A 1 58  ? -6.00214  -4.81388  6.06597   1.000 6.02782  ? 58  VAL A CB    1 
ATOM   461  C  CG1   . VAL A 1 58  ? -6.31041  -4.07620  4.75125   1.000 8.15279  ? 58  VAL A CG1   1 
ATOM   462  C  CG2   . VAL A 1 58  ? -4.53126  -4.64130  6.45578   1.000 6.83735  ? 58  VAL A CG2   1 
ATOM   463  N  N     . GLY A 1 59  ? -6.54756  -4.56490  9.60372   1.000 8.06919  ? 59  GLY A N     1 
ATOM   464  C  CA    . GLY A 1 59  ? -6.57859  -5.29296  10.85970  1.000 8.26263  ? 59  GLY A CA    1 
ATOM   465  C  C     . GLY A 1 59  ? -5.37858  -6.17150  11.12643  1.000 8.03335  ? 59  GLY A C     1 
ATOM   466  O  O     . GLY A 1 59  ? -5.51112  -7.18388  11.81523  1.000 9.57480  ? 59  GLY A O     1 
ATOM   467  N  N     . ILE A 1 60  ? -4.20441  -5.82060  10.59421  1.000 10.16848 ? 60  ILE A N     1 
ATOM   468  C  CA    . ILE A 1 60  ? -2.97079  -6.52415  10.92714  1.000 10.37680 ? 60  ILE A CA    1 
ATOM   469  C  C     . ILE A 1 60  ? -1.94439  -5.53154  11.46146  1.000 11.14369 ? 60  ILE A C     1 
ATOM   470  O  O     . ILE A 1 60  ? -1.99488  -4.32620  11.18643  1.000 9.32220  ? 60  ILE A O     1 
ATOM   471  C  CB    . ILE A 1 60  ? -2.37678  -7.30459  9.73370   1.000 8.84956  ? 60  ILE A CB    1 
ATOM   472  C  CG1   . ILE A 1 60  ? -1.80887  -6.34311  8.68154   1.000 9.13351  ? 60  ILE A CG1   1 
ATOM   473  C  CG2   . ILE A 1 60  ? -3.42279  -8.24517  9.11134   1.000 9.63987  ? 60  ILE A CG2   1 
ATOM   474  C  CD1   . ILE A 1 60  ? -1.23973  -7.06609  7.44869   1.000 8.74417  ? 60  ILE A CD1   1 
ATOM   475  N  N     . THR A 1 61  ? -1.00656  -6.06624  12.24271  1.000 10.78983 ? 61  THR A N     1 
ATOM   476  C  CA    . THR A 1 61  ? 0.15076   -5.32280  12.72379  1.000 9.49598  ? 61  THR A CA    1 
ATOM   477  C  C     . THR A 1 61  ? 1.37743   -5.85206  12.00356  1.000 9.77178  ? 61  THR A C     1 
ATOM   478  O  O     . THR A 1 61  ? 1.79119   -6.99286  12.26411  1.000 12.00693 ? 61  THR A O     1 
ATOM   479  C  CB    . THR A 1 61  ? 0.30194   -5.48406  14.23951  1.000 12.93498 ? 61  THR A CB    1 
ATOM   480  O  OG1   . THR A 1 61  ? -0.82179  -4.87489  14.87947  1.000 12.36150 ? 61  THR A OG1   1 
ATOM   481  C  CG2   . THR A 1 61  ? 1.59092   -4.83117  14.75118  1.000 14.03071 ? 61  THR A CG2   1 
ATOM   482  N  N     . PRO A 1 62  ? 1.95948   -5.09309  11.07653  1.000 8.38605  ? 62  PRO A N     1 
ATOM   483  C  CA    . PRO A 1 62  ? 3.15676   -5.56848  10.37681  1.000 11.93750 ? 62  PRO A CA    1 
ATOM   484  C  C     . PRO A 1 62  ? 4.33340   -5.58767  11.32771  1.000 14.36858 ? 62  PRO A C     1 
ATOM   485  O  O     . PRO A 1 62  ? 4.44972   -4.73255  12.20645  1.000 14.74273 ? 62  PRO A O     1 
ATOM   486  C  CB    . PRO A 1 62  ? 3.35160   -4.52881  9.26733   1.000 14.34309 ? 62  PRO A CB    1 
ATOM   487  C  CG    . PRO A 1 62  ? 2.77221   -3.28339  9.81646   1.000 13.14551 ? 62  PRO A CG    1 
ATOM   488  C  CD    . PRO A 1 62  ? 1.63324   -3.69857  10.73557  1.000 11.10757 ? 62  PRO A CD    1 
ATOM   489  N  N     . GLN A 1 63  ? 5.20748   -6.57258  11.15295  1.000 13.65269 ? 63  GLN A N     1 
ATOM   490  C  CA    . GLN A 1 63  ? 6.40319   -6.66178  11.97990  1.000 13.26059 ? 63  GLN A CA    1 
ATOM   491  C  C     . GLN A 1 63  ? 7.58127   -7.10758  11.12675  1.000 15.32266 ? 63  GLN A C     1 
ATOM   492  O  O     . GLN A 1 63  ? 7.41452   -7.78200  10.10979  1.000 15.65789 ? 63  GLN A O     1 
ATOM   493  C  CB    . GLN A 1 63  ? 6.19863   -7.61085  13.17017  1.000 20.17654 ? 63  GLN A CB    1 
ATOM   494  C  CG    . GLN A 1 63  ? 5.54423   -8.91950  12.82778  1.000 20.89449 ? 63  GLN A CG    1 
ATOM   495  C  CD    . GLN A 1 63  ? 4.65512   -9.47582  13.94770  1.000 19.15437 ? 63  GLN A CD    1 
ATOM   496  O  OE1   . GLN A 1 63  ? 4.30253   -8.77158  14.90148  1.000 29.53376 ? 63  GLN A OE1   1 
ATOM   497  N  NE2   . GLN A 1 63  ? 4.30261   -10.74541 13.83555  1.000 26.41206 ? 63  GLN A NE2   1 
ATOM   498  N  N     . HIS A 1 64  ? 8.77577   -6.68448  11.53480  1.000 16.21066 ? 64  HIS A N     1 
ATOM   499  C  CA    . HIS A 1 64  ? 10.01529  -7.06434  10.86089  1.000 16.28356 ? 64  HIS A CA    1 
ATOM   500  C  C     . HIS A 1 64  ? 9.94520   -6.78513  9.35946   1.000 17.10676 ? 64  HIS A C     1 
ATOM   501  O  O     . HIS A 1 64  ? 10.26600  -7.63238  8.52268   1.000 17.14866 ? 64  HIS A O     1 
ATOM   502  C  CB    . HIS A 1 64  ? 10.34468  -8.52904  11.12381  1.000 16.28169 ? 64  HIS A CB    1 
ATOM   503  C  CG    . HIS A 1 64  ? 11.75637  -8.88119  10.78912  1.000 24.83174 ? 64  HIS A CG    1 
ATOM   504  N  ND1   . HIS A 1 64  ? 12.08555  -9.89017  9.90937   1.000 32.15625 ? 64  HIS A ND1   1 
ATOM   505  C  CD2   . HIS A 1 64  ? 12.92447  -8.32822  11.18700  1.000 24.15293 ? 64  HIS A CD2   1 
ATOM   506  C  CE1   . HIS A 1 64  ? 13.40032  -9.95953  9.80157   1.000 27.23707 ? 64  HIS A CE1   1 
ATOM   507  N  NE2   . HIS A 1 64  ? 13.93186  -9.01965  10.56293  1.000 26.33512 ? 64  HIS A NE2   1 
ATOM   508  N  N     . PHE A 1 65  ? 9.49967   -5.58529  9.02126   1.000 15.42458 ? 65  PHE A N     1 
ATOM   509  C  CA    . PHE A 1 65  ? 9.29084   -5.20303  7.63175   1.000 11.75559 ? 65  PHE A CA    1 
ATOM   510  C  C     . PHE A 1 65  ? 10.44365  -4.32432  7.16992   1.000 13.37871 ? 65  PHE A C     1 
ATOM   511  O  O     . PHE A 1 65  ? 11.27451  -3.88437  7.96081   1.000 16.07721 ? 65  PHE A O     1 
ATOM   512  C  CB    . PHE A 1 65  ? 7.94172   -4.49840  7.45180   1.000 11.54917 ? 65  PHE A CB    1 
ATOM   513  C  CG    . PHE A 1 65  ? 7.69491   -3.35646  8.40439   1.000 10.91776 ? 65  PHE A CG    1 
ATOM   514  C  CD1   . PHE A 1 65  ? 7.09272   -3.58025  9.62578   1.000 11.86637 ? 65  PHE A CD1   1 
ATOM   515  C  CD2   . PHE A 1 65  ? 8.02476   -2.05589  8.05815   1.000 12.37671 ? 65  PHE A CD2   1 
ATOM   516  C  CE1   . PHE A 1 65  ? 6.82894   -2.53261  10.49717  1.000 12.73972 ? 65  PHE A CE1   1 
ATOM   517  C  CE2   . PHE A 1 65  ? 7.76708   -1.00483  8.93099   1.000 12.11203 ? 65  PHE A CE2   1 
ATOM   518  C  CZ    . PHE A 1 65  ? 7.17337   -1.24547  10.15234  1.000 12.22621 ? 65  PHE A CZ    1 
ATOM   519  N  N     . SER A 1 66  ? 10.50807  -4.09846  5.86080   1.000 10.91196 ? 66  SER A N     1 
ATOM   520  C  CA    . SER A 1 66  ? 11.62148  -3.36846  5.27017   1.000 12.25767 ? 66  SER A CA    1 
ATOM   521  C  C     . SER A 1 66  ? 11.08941  -2.38413  4.24269   1.000 10.03343 ? 66  SER A C     1 
ATOM   522  O  O     . SER A 1 66  ? 9.99909   -2.55673  3.69319   1.000 10.37366 ? 66  SER A O     1 
ATOM   523  C  CB    . SER A 1 66  ? 12.62584  -4.30915  4.61022   1.000 14.49458 ? 66  SER A CB    1 
ATOM   524  O  OG    . SER A 1 66  ? 11.97941  -5.11386  3.65186   1.000 17.79226 ? 66  SER A OG    1 
ATOM   525  N  N     . LEU A 1 67  ? 11.88157  -1.34274  3.98940   1.000 12.18956 ? 67  LEU A N     1 
ATOM   526  C  CA    . LEU A 1 67  ? 11.54001  -0.35244  2.97153   1.000 10.57075 ? 67  LEU A CA    1 
ATOM   527  C  C     . LEU A 1 67  ? 11.87616  -0.91723  1.59298   1.000 12.55956 ? 67  LEU A C     1 
ATOM   528  O  O     . LEU A 1 67  ? 13.04938  -1.08598  1.24242   1.000 12.21467 ? 67  LEU A O     1 
ATOM   529  C  CB    . LEU A 1 67  ? 12.27251  0.95892   3.22938   1.000 10.25572 ? 67  LEU A CB    1 
ATOM   530  C  CG    . LEU A 1 67  ? 11.83281  2.06061   2.26466   1.000 10.17286 ? 67  LEU A CG    1 
ATOM   531  C  CD1   . LEU A 1 67  ? 10.34636  2.34124   2.44932   1.000 11.61316 ? 67  LEU A CD1   1 
ATOM   532  C  CD2   . LEU A 1 67  ? 12.63566  3.31147   2.48606   1.000 12.42526 ? 67  LEU A CD2   1 
ATOM   533  N  N     . PHE A 1 68  ? 10.84668  -1.20692  0.80656   1.000 10.24387 ? 68  PHE A N     1 
ATOM   534  C  CA    . PHE A 1 68  ? 11.04192  -1.79879  -0.50992  1.000 10.36475 ? 68  PHE A CA    1 
ATOM   535  C  C     . PHE A 1 68  ? 11.38336  -0.73315  -1.54261  1.000 13.09486 ? 68  PHE A C     1 
ATOM   536  O  O     . PHE A 1 68  ? 12.23591  -0.95051  -2.41047  1.000 12.60153 ? 68  PHE A O     1 
ATOM   537  C  CB    . PHE A 1 68  ? 9.77350   -2.56288  -0.89837  1.000 9.67738  ? 68  PHE A CB    1 
ATOM   538  C  CG    . PHE A 1 68  ? 9.89134   -3.36715  -2.15260  1.000 11.87992 ? 68  PHE A CG    1 
ATOM   539  C  CD1   . PHE A 1 68  ? 10.60961  -4.55181  -2.17412  1.000 14.59330 ? 68  PHE A CD1   1 
ATOM   540  C  CD2   . PHE A 1 68  ? 9.23065   -2.96340  -3.30217  1.000 14.10413 ? 68  PHE A CD2   1 
ATOM   541  C  CE1   . PHE A 1 68  ? 10.68895  -5.31157  -3.33560  1.000 19.34821 ? 68  PHE A CE1   1 
ATOM   542  C  CE2   . PHE A 1 68  ? 9.31026   -3.71034  -4.45574  1.000 16.53462 ? 68  PHE A CE2   1 
ATOM   543  C  CZ    . PHE A 1 68  ? 10.03464  -4.88755  -4.47083  1.000 18.33938 ? 68  PHE A CZ    1 
ATOM   544  N  N     . GLU A 1 69  ? 10.73951  0.42831   -1.44813  1.000 10.57028 ? 69  GLU A N     1 
ATOM   545  C  CA    . GLU A 1 69  ? 10.93919  1.51054   -2.39481  1.000 11.25915 ? 69  GLU A CA    1 
ATOM   546  C  C     . GLU A 1 69  ? 10.37193  2.78939   -1.79700  1.000 11.95876 ? 69  GLU A C     1 
ATOM   547  O  O     . GLU A 1 69  ? 9.37132   2.75993   -1.08385  1.000 11.20236 ? 69  GLU A O     1 
ATOM   548  C  CB    . GLU A 1 69  ? 10.25748  1.19520   -3.73325  1.000 11.98237 ? 69  GLU A CB    1 
ATOM   549  C  CG    . GLU A 1 69  ? 10.34550  2.30439   -4.79006  1.000 20.80019 ? 69  GLU A CG    1 
ATOM   550  C  CD    . GLU A 1 69  ? 11.69447  2.36802   -5.48049  1.000 24.27721 ? 69  GLU A CD    1 
ATOM   551  O  OE1   . GLU A 1 69  ? 12.72779  2.31447   -4.78673  1.000 29.90246 ? 69  GLU A OE1   1 
ATOM   552  O  OE2   . GLU A 1 69  ? 11.71957  2.48279   -6.72671  1.000 34.40843 ? 69  GLU A OE2   1 
ATOM   553  N  N     . LYS A 1 70  ? 11.02347  3.90849   -2.08116  1.000 10.53984 ? 70  LYS A N     1 
ATOM   554  C  CA    . LYS A 1 70  ? 10.49731  5.22676   -1.74958  1.000 8.98314  ? 70  LYS A CA    1 
ATOM   555  C  C     . LYS A 1 70  ? 10.59161  6.06622   -3.01328  1.000 12.64986 ? 70  LYS A C     1 
ATOM   556  O  O     . LYS A 1 70  ? 11.65000  6.11275   -3.64686  1.000 12.86858 ? 70  LYS A O     1 
ATOM   557  C  CB    . LYS A 1 70  ? 11.27629  5.88155   -0.58813  1.000 10.24942 ? 70  LYS A CB    1 
ATOM   558  C  CG    . LYS A 1 70  ? 10.75927  7.24662   -0.17710  1.000 12.75518 ? 70  LYS A CG    1 
ATOM   559  C  CD    . LYS A 1 70  ? 11.60197  7.82412   0.96508   1.000 17.96048 ? 70  LYS A CD    1 
ATOM   560  C  CE    . LYS A 1 70  ? 11.59387  9.34755   0.96027   1.000 20.35317 ? 70  LYS A CE    1 
ATOM   561  N  NZ    . LYS A 1 70  ? 12.66940  9.94119   1.82911   1.000 21.39558 ? 70  LYS A NZ    1 
ATOM   562  N  N     . LEU A 1 71  ? 9.48527   6.69312   -3.40255  1.000 10.03922 ? 71  LEU A N     1 
ATOM   563  C  CA    . LEU A 1 71  ? 9.49885   7.48115   -4.62809  1.000 11.66989 ? 71  LEU A CA    1 
ATOM   564  C  C     . LEU A 1 71  ? 8.55911   8.66818   -4.48354  1.000 10.84369 ? 71  LEU A C     1 
ATOM   565  O  O     . LEU A 1 71  ? 7.71739   8.71801   -3.58830  1.000 12.31616 ? 71  LEU A O     1 
ATOM   566  C  CB    . LEU A 1 71  ? 9.12334   6.63328   -5.84198  1.000 13.34349 ? 71  LEU A CB    1 
ATOM   567  C  CG    . LEU A 1 71  ? 7.80831   5.84773   -5.78676  1.000 11.53617 ? 71  LEU A CG    1 
ATOM   568  C  CD1   . LEU A 1 71  ? 6.59507   6.71503   -6.13417  1.000 14.94702 ? 71  LEU A CD1   1 
ATOM   569  C  CD2   . LEU A 1 71  ? 7.89169   4.65029   -6.73765  1.000 13.96547 ? 71  LEU A CD2   1 
ATOM   570  N  N     . GLU A 1 72  ? 8.71219   9.62893   -5.38664  1.000 12.48436 ? 72  GLU A N     1 
ATOM   571  C  CA    . GLU A 1 72  ? 7.83111   10.78029  -5.44060  1.000 11.35564 ? 72  GLU A CA    1 
ATOM   572  C  C     . GLU A 1 72  ? 7.02725   10.72578  -6.72678  1.000 13.15647 ? 72  GLU A C     1 
ATOM   573  O  O     . GLU A 1 72  ? 7.51199   10.23923  -7.74970  1.000 14.53108 ? 72  GLU A O     1 
ATOM   574  C  CB    . GLU A 1 72  ? 8.63584   12.08285  -5.36380  1.000 17.92056 ? 72  GLU A CB    1 
ATOM   575  C  CG    . GLU A 1 72  ? 9.61897   12.05536  -4.20555  1.000 23.50377 ? 72  GLU A CG    1 
ATOM   576  C  CD    . GLU A 1 72  ? 9.88403   13.40710  -3.61158  1.000 32.76695 ? 72  GLU A CD    1 
ATOM   577  O  OE1   . GLU A 1 72  ? 9.26593   14.39115  -4.06770  1.000 34.45077 ? 72  GLU A OE1   1 
ATOM   578  O  OE2   . GLU A 1 72  ? 10.71547  13.48505  -2.68049  1.000 38.50314 ? 72  GLU A OE2   1 
ATOM   579  N  N     . TYR A 1 73  ? 5.78487   11.19607  -6.66332  1.000 10.36860 ? 73  TYR A N     1 
ATOM   580  C  CA    . TYR A 1 73  ? 4.93602   11.22016  -7.84997  1.000 11.26993 ? 73  TYR A CA    1 
ATOM   581  C  C     . TYR A 1 73  ? 4.11493   12.49394  -7.84244  1.000 11.76542 ? 73  TYR A C     1 
ATOM   582  O  O     . TYR A 1 73  ? 3.52502   12.84978  -6.81686  1.000 10.87664 ? 73  TYR A O     1 
ATOM   583  C  CB    . TYR A 1 73  ? 4.00642   9.99692   -7.93865  1.000 12.43594 ? 73  TYR A CB    1 
ATOM   584  C  CG    . TYR A 1 73  ? 3.35310   9.86220   -9.29959  1.000 12.04921 ? 73  TYR A CG    1 
ATOM   585  C  CD1   . TYR A 1 73  ? 2.11263   10.43550  -9.56017  1.000 11.96616 ? 73  TYR A CD1   1 
ATOM   586  C  CD2   . TYR A 1 73  ? 3.99153   9.19127   -10.33616 1.000 11.58633 ? 73  TYR A CD2   1 
ATOM   587  C  CE1   . TYR A 1 73  ? 1.52808   10.33020  -10.81277 1.000 10.65759 ? 73  TYR A CE1   1 
ATOM   588  C  CE2   . TYR A 1 73  ? 3.41445   9.08747   -11.58576 1.000 13.00148 ? 73  TYR A CE2   1 
ATOM   589  C  CZ    . TYR A 1 73  ? 2.18444   9.65755   -11.81582 1.000 11.42537 ? 73  TYR A CZ    1 
ATOM   590  O  OH    . TYR A 1 73  ? 1.60436   9.55686   -13.06151 1.000 18.02611 ? 73  TYR A OH    1 
ATOM   591  N  N     . GLU A 1 74  ? 4.09444   13.18216  -8.98549  1.000 12.80429 ? 74  GLU A N     1 
ATOM   592  C  CA    . GLU A 1 74  ? 3.31166   14.40323  -9.16167  1.000 12.09134 ? 74  GLU A CA    1 
ATOM   593  C  C     . GLU A 1 74  ? 2.01197   14.04424  -9.88117  1.000 12.01367 ? 74  GLU A C     1 
ATOM   594  O  O     . GLU A 1 74  ? 2.00704   13.78132  -11.08638 1.000 13.20408 ? 74  GLU A O     1 
ATOM   595  C  CB    . GLU A 1 74  ? 4.10986   15.45007  -9.92762  1.000 15.78408 ? 74  GLU A CB    1 
ATOM   596  C  CG    . GLU A 1 74  ? 3.31342   16.70690  -10.22748 1.000 18.59912 ? 74  GLU A CG    1 
ATOM   597  C  CD    . GLU A 1 74  ? 3.50379   17.79732  -9.19978  1.000 29.49325 ? 74  GLU A CD    1 
ATOM   598  O  OE1   . GLU A 1 74  ? 4.11702   17.53614  -8.14054  1.000 32.74569 ? 74  GLU A OE1   1 
ATOM   599  O  OE2   . GLU A 1 74  ? 3.04722   18.93068  -9.46275  1.000 36.49002 ? 74  GLU A OE2   1 
ATOM   600  N  N     . PHE A 1 75  ? 0.91613   14.03010  -9.12577  1.000 9.51785  ? 75  PHE A N     1 
ATOM   601  C  CA    . PHE A 1 75  ? -0.42807  13.89150  -9.66455  1.000 10.44001 ? 75  PHE A CA    1 
ATOM   602  C  C     . PHE A 1 75  ? -0.89707  15.24227  -10.18478 1.000 10.44417 ? 75  PHE A C     1 
ATOM   603  O  O     . PHE A 1 75  ? -0.27549  16.27330  -9.91158  1.000 11.44303 ? 75  PHE A O     1 
ATOM   604  C  CB    . PHE A 1 75  ? -1.37779  13.37854  -8.57907  1.000 11.47753 ? 75  PHE A CB    1 
ATOM   605  C  CG    . PHE A 1 75  ? -1.19167  11.93099  -8.23199  1.000 11.84459 ? 75  PHE A CG    1 
ATOM   606  C  CD1   . PHE A 1 75  ? -1.68525  10.92741  -9.06055  1.000 10.90013 ? 75  PHE A CD1   1 
ATOM   607  C  CD2   . PHE A 1 75  ? -0.55313  11.56777  -7.05393  1.000 10.75666 ? 75  PHE A CD2   1 
ATOM   608  C  CE1   . PHE A 1 75  ? -1.52724  9.57751   -8.71829  1.000 11.60003 ? 75  PHE A CE1   1 
ATOM   609  C  CE2   . PHE A 1 75  ? -0.40015  10.22769  -6.71438  1.000 11.70000 ? 75  PHE A CE2   1 
ATOM   610  C  CZ    . PHE A 1 75  ? -0.87636  9.23620   -7.55352  1.000 10.80079 ? 75  PHE A CZ    1 
ATOM   611  N  N     . PRO A 1 76  ? -2.00276  15.27065  -10.93348 1.000 11.86695 ? 76  PRO A N     1 
ATOM   612  C  CA    . PRO A 1 76  ? -2.48296  16.55860  -11.46378 1.000 11.90527 ? 76  PRO A CA    1 
ATOM   613  C  C     . PRO A 1 76  ? -2.72937  17.61672  -10.40447 1.000 12.83883 ? 76  PRO A C     1 
ATOM   614  O  O     . PRO A 1 76  ? -2.53458  18.80535  -10.69214 1.000 12.12534 ? 76  PRO A O     1 
ATOM   615  C  CB    . PRO A 1 76  ? -3.77747  16.16722  -12.19064 1.000 11.02623 ? 76  PRO A CB    1 
ATOM   616  C  CG    . PRO A 1 76  ? -3.49736  14.77165  -12.68180 1.000 13.78943 ? 76  PRO A CG    1 
ATOM   617  C  CD    . PRO A 1 76  ? -2.70939  14.12702  -11.54760 1.000 12.85545 ? 76  PRO A CD    1 
ATOM   618  N  N     . ASP A 1 77  ? -3.14059  17.23799  -9.18921  1.000 10.77978 ? 77  ASP A N     1 
ATOM   619  C  CA    . ASP A 1 77  ? -3.47205  18.22677  -8.16923  1.000 13.32680 ? 77  ASP A CA    1 
ATOM   620  C  C     . ASP A 1 77  ? -2.78098  17.99755  -6.83040  1.000 17.64995 ? 77  ASP A C     1 
ATOM   621  O  O     . ASP A 1 77  ? -3.16711  18.62701  -5.83685  1.000 17.65056 ? 77  ASP A O     1 
ATOM   622  C  CB    . ASP A 1 77  ? -4.98926  18.28345  -7.96218  1.000 15.32871 ? 77  ASP A CB    1 
ATOM   623  C  CG    . ASP A 1 77  ? -5.51705  17.11185  -7.15387  1.000 17.45959 ? 77  ASP A CG    1 
ATOM   624  O  OD1   . ASP A 1 77  ? -4.84647  16.05915  -7.07942  1.000 16.61771 ? 77  ASP A OD1   1 
ATOM   625  O  OD2   . ASP A 1 77  ? -6.61900  17.23900  -6.58455  1.000 22.28985 ? 77  ASP A OD2   1 
ATOM   626  N  N     . ARG A 1 78  ? -1.77415  17.13016  -6.76823  1.000 13.39659 ? 78  ARG A N     1 
ATOM   627  C  CA    . ARG A 1 78  ? -1.08724  16.91216  -5.50053  1.000 12.52735 ? 78  ARG A CA    1 
ATOM   628  C  C     . ARG A 1 78  ? 0.23402   16.20953  -5.76658  1.000 13.12842 ? 78  ARG A C     1 
ATOM   629  O  O     . ARG A 1 78  ? 0.38868   15.49137  -6.75386  1.000 11.67213 ? 78  ARG A O     1 
ATOM   630  C  CB    . ARG A 1 78  ? -1.94562  16.10623  -4.51984  1.000 13.10660 ? 78  ARG A CB    1 
ATOM   631  C  CG    . ARG A 1 78  ? -2.19415  14.64984  -4.89669  1.000 12.70240 ? 78  ARG A CG    1 
ATOM   632  C  CD    . ARG A 1 78  ? -3.34221  14.11419  -4.06594  1.000 13.12380 ? 78  ARG A CD    1 
ATOM   633  N  NE    . ARG A 1 78  ? -4.60009  14.70499  -4.50934  1.000 16.41922 ? 78  ARG A NE    1 
ATOM   634  C  CZ    . ARG A 1 78  ? -5.73455  14.67842  -3.82019  1.000 18.57449 ? 78  ARG A CZ    1 
ATOM   635  N  NH1   . ARG A 1 78  ? -5.78619  14.10425  -2.62172  1.000 18.81267 ? 78  ARG A NH1   1 
ATOM   636  N  NH2   . ARG A 1 78  ? -6.81411  15.24761  -4.33010  1.000 18.92170 ? 78  ARG A NH2   1 
ATOM   637  N  N     . HIS A 1 79  ? 1.19115   16.44405  -4.88075  1.000 11.95471 ? 79  HIS A N     1 
ATOM   638  C  CA    . HIS A 1 79  ? 2.48363   15.78892  -4.94321  1.000 14.60095 ? 79  HIS A CA    1 
ATOM   639  C  C     . HIS A 1 79  ? 2.58611   14.84792  -3.75831  1.000 13.66558 ? 79  HIS A C     1 
ATOM   640  O  O     . HIS A 1 79  ? 2.32971   15.25948  -2.62661  1.000 15.17263 ? 79  HIS A O     1 
ATOM   641  C  CB    . HIS A 1 79  ? 3.61753   16.81107  -4.89605  1.000 18.60589 ? 79  HIS A CB    1 
ATOM   642  C  CG    . HIS A 1 79  ? 4.97013   16.19883  -5.02512  1.000 21.00743 ? 79  HIS A CG    1 
ATOM   643  N  ND1   . HIS A 1 79  ? 5.60224   16.05123  -6.24010  1.000 23.00115 ? 79  HIS A ND1   1 
ATOM   644  C  CD2   . HIS A 1 79  ? 5.79793   15.66134  -4.09921  1.000 21.54601 ? 79  HIS A CD2   1 
ATOM   645  C  CE1   . HIS A 1 79  ? 6.77479   15.47105  -6.05428  1.000 24.40462 ? 79  HIS A CE1   1 
ATOM   646  N  NE2   . HIS A 1 79  ? 6.91862   15.22575  -4.76462  1.000 23.31555 ? 79  HIS A NE2   1 
ATOM   647  N  N     . ILE A 1 80  ? 2.92753   13.58514  -4.00539  1.000 12.79287 ? 80  ILE A N     1 
ATOM   648  C  CA    . ILE A 1 80  ? 3.06729   12.67681  -2.87582  1.000 14.57272 ? 80  ILE A CA    1 
ATOM   649  C  C     . ILE A 1 80  ? 4.40562   11.95475  -2.91230  1.000 13.04080 ? 80  ILE A C     1 
ATOM   650  O  O     . ILE A 1 80  ? 4.98999   11.70183  -3.97147  1.000 12.17095 ? 80  ILE A O     1 
ATOM   651  C  CB    . ILE A 1 80  ? 1.91323   11.66011  -2.78541  1.000 15.87722 ? 80  ILE A CB    1 
ATOM   652  C  CG1   . ILE A 1 80  ? 2.00953   10.61548  -3.87989  1.000 18.17531 ? 80  ILE A CG1   1 
ATOM   653  C  CG2   . ILE A 1 80  ? 0.55932   12.36001  -2.77036  1.000 17.68809 ? 80  ILE A CG2   1 
ATOM   654  C  CD1   . ILE A 1 80  ? 1.06545   9.47468   -3.63920  1.000 19.70079 ? 80  ILE A CD1   1 
ATOM   655  N  N     . THR A 1 81  ? 4.90807   11.67001  -1.72316  1.000 10.39486 ? 81  THR A N     1 
ATOM   656  C  CA    . THR A 1 81  ? 6.04153   10.78468  -1.52201  1.000 11.30326 ? 81  THR A CA    1 
ATOM   657  C  C     . THR A 1 81  ? 5.49393   9.49166   -0.93906  1.000 9.55735  ? 81  THR A C     1 
ATOM   658  O  O     . THR A 1 81  ? 4.82592   9.51450   0.09785   1.000 10.49922 ? 81  THR A O     1 
ATOM   659  C  CB    . THR A 1 81  ? 7.06941   11.42432  -0.59034  1.000 12.89607 ? 81  THR A CB    1 
ATOM   660  O  OG1   . THR A 1 81  ? 7.51747   12.65356  -1.17373  1.000 16.59075 ? 81  THR A OG1   1 
ATOM   661  C  CG2   . THR A 1 81  ? 8.25684   10.48851  -0.36928  1.000 13.57533 ? 81  THR A CG2   1 
ATOM   662  N  N     . LEU A 1 82  ? 5.74891   8.38305   -1.62240  1.000 8.64495  ? 82  LEU A N     1 
ATOM   663  C  CA    . LEU A 1 82  ? 5.22862   7.07669   -1.24574  1.000 8.81737  ? 82  LEU A CA    1 
ATOM   664  C  C     . LEU A 1 82  ? 6.33285   6.23332   -0.63412  1.000 9.83380  ? 82  LEU A C     1 
ATOM   665  O  O     . LEU A 1 82  ? 7.39508   6.05717   -1.24073  1.000 11.32644 ? 82  LEU A O     1 
ATOM   666  C  CB    . LEU A 1 82  ? 4.64508   6.35429   -2.45699  1.000 10.81348 ? 82  LEU A CB    1 
ATOM   667  C  CG    . LEU A 1 82  ? 3.25075   6.83144   -2.81956  1.000 12.86280 ? 82  LEU A CG    1 
ATOM   668  C  CD1   . LEU A 1 82  ? 3.06928   6.70121   -4.31332  1.000 13.60747 ? 82  LEU A CD1   1 
ATOM   669  C  CD2   . LEU A 1 82  ? 2.21894   5.99848   -2.07845  1.000 10.06708 ? 82  LEU A CD2   1 
ATOM   670  N  N     . TRP A 1 83  ? 6.05755   5.68920   0.54492   1.000 8.42748  ? 83  TRP A N     1 
ATOM   671  C  CA    . TRP A 1 83  ? 6.94576   4.76664   1.23686   1.000 8.48707  ? 83  TRP A CA    1 
ATOM   672  C  C     . TRP A 1 83  ? 6.33178   3.38105   1.11329   1.000 10.22624 ? 83  TRP A C     1 
ATOM   673  O  O     . TRP A 1 83  ? 5.30961   3.09854   1.74563   1.000 9.45231  ? 83  TRP A O     1 
ATOM   674  C  CB    . TRP A 1 83  ? 7.09440   5.15361   2.70444   1.000 7.97135  ? 83  TRP A CB    1 
ATOM   675  C  CG    . TRP A 1 83  ? 7.65896   6.53007   2.95267   1.000 8.60719  ? 83  TRP A CG    1 
ATOM   676  C  CD1   . TRP A 1 83  ? 7.07285   7.72913   2.66895   1.000 10.10641 ? 83  TRP A CD1   1 
ATOM   677  C  CD2   . TRP A 1 83  ? 8.91799   6.82940   3.56598   1.000 9.54466  ? 83  TRP A CD2   1 
ATOM   678  N  NE1   . TRP A 1 83  ? 7.89768   8.76601   3.06892   1.000 10.23437 ? 83  TRP A NE1   1 
ATOM   679  C  CE2   . TRP A 1 83  ? 9.03161   8.23419   3.62612   1.000 11.06245 ? 83  TRP A CE2   1 
ATOM   680  C  CE3   . TRP A 1 83  ? 9.95874   6.04093   4.07000   1.000 9.68671  ? 83  TRP A CE3   1 
ATOM   681  C  CZ2   . TRP A 1 83  ? 10.15876  8.87268   4.17095   1.000 11.35104 ? 83  TRP A CZ2   1 
ATOM   682  C  CZ3   . TRP A 1 83  ? 11.06951  6.66891   4.61750   1.000 9.53489  ? 83  TRP A CZ3   1 
ATOM   683  C  CH2   . TRP A 1 83  ? 11.16103  8.07174   4.65994   1.000 10.75960 ? 83  TRP A CH2   1 
ATOM   684  N  N     . PHE A 1 84  ? 6.94504   2.52009   0.31225   1.000 8.47872  ? 84  PHE A N     1 
ATOM   685  C  CA    . PHE A 1 84  ? 6.42642   1.17530   0.07055   1.000 9.54469  ? 84  PHE A CA    1 
ATOM   686  C  C     . PHE A 1 84  ? 7.17756   0.21291   0.98146   1.000 9.75551  ? 84  PHE A C     1 
ATOM   687  O  O     . PHE A 1 84  ? 8.36177   -0.06142  0.75278   1.000 9.53025  ? 84  PHE A O     1 
ATOM   688  C  CB    . PHE A 1 84  ? 6.62277   0.77337   -1.39103  1.000 8.40004  ? 84  PHE A CB    1 
ATOM   689  C  CG    . PHE A 1 84  ? 5.81261   1.56723   -2.38278  1.000 9.01884  ? 84  PHE A CG    1 
ATOM   690  C  CD1   . PHE A 1 84  ? 4.56094   1.10157   -2.79197  1.000 9.76621  ? 84  PHE A CD1   1 
ATOM   691  C  CD2   . PHE A 1 84  ? 6.30740   2.73960   -2.94010  1.000 10.78462 ? 84  PHE A CD2   1 
ATOM   692  C  CE1   . PHE A 1 84  ? 3.80230   1.80042   -3.72421  1.000 9.80364  ? 84  PHE A CE1   1 
ATOM   693  C  CE2   . PHE A 1 84  ? 5.55085   3.44522   -3.88122  1.000 10.75931 ? 84  PHE A CE2   1 
ATOM   694  C  CZ    . PHE A 1 84  ? 4.29568   2.97513   -4.26454  1.000 10.32567 ? 84  PHE A CZ    1 
ATOM   695  N  N     . TRP A 1 85  ? 6.49569   -0.30185  2.00409   1.000 6.63683  ? 85  TRP A N     1 
ATOM   696  C  CA    . TRP A 1 85  ? 7.08499   -1.24684  2.94895   1.000 7.47999  ? 85  TRP A CA    1 
ATOM   697  C  C     . TRP A 1 85  ? 6.71168   -2.67385  2.56263   1.000 7.87752  ? 85  TRP A C     1 
ATOM   698  O  O     . TRP A 1 85  ? 5.52960   -2.97946  2.36102   1.000 10.05248 ? 85  TRP A O     1 
ATOM   699  C  CB    . TRP A 1 85  ? 6.61607   -0.94688  4.37612   1.000 9.27167  ? 85  TRP A CB    1 
ATOM   700  C  CG    . TRP A 1 85  ? 6.96943   0.43421   4.82727   1.000 7.63654  ? 85  TRP A CG    1 
ATOM   701  C  CD1   . TRP A 1 85  ? 6.18257   1.55116   4.75975   1.000 7.73480  ? 85  TRP A CD1   1 
ATOM   702  C  CD2   . TRP A 1 85  ? 8.19581   0.84291   5.43753   1.000 8.56050  ? 85  TRP A CD2   1 
ATOM   703  N  NE1   . TRP A 1 85  ? 6.85811   2.63757   5.27896   1.000 8.82210  ? 85  TRP A NE1   1 
ATOM   704  C  CE2   . TRP A 1 85  ? 8.09498   2.22269   5.70146   1.000 8.86500  ? 85  TRP A CE2   1 
ATOM   705  C  CE3   . TRP A 1 85  ? 9.37946   0.17484   5.77472   1.000 9.23115  ? 85  TRP A CE3   1 
ATOM   706  C  CZ2   . TRP A 1 85  ? 9.13163   2.94746   6.29764   1.000 7.95650  ? 85  TRP A CZ2   1 
ATOM   707  C  CZ3   . TRP A 1 85  ? 10.41299  0.90295   6.35335   1.000 11.55875 ? 85  TRP A CZ3   1 
ATOM   708  C  CH2   . TRP A 1 85  ? 10.27509  2.26833   6.61406   1.000 8.48317  ? 85  TRP A CH2   1 
ATOM   709  N  N     . LEU A 1 86  ? 7.71003   -3.54996  2.47882   1.000 8.76368  ? 86  LEU A N     1 
ATOM   710  C  CA    . LEU A 1 86  ? 7.46556   -4.96301  2.21373   1.000 7.96147  ? 86  LEU A CA    1 
ATOM   711  C  C     . LEU A 1 86  ? 7.18734   -5.66747  3.53622   1.000 9.91747  ? 86  LEU A C     1 
ATOM   712  O  O     . LEU A 1 86  ? 8.05569   -5.71397  4.41969   1.000 8.97828  ? 86  LEU A O     1 
ATOM   713  C  CB    . LEU A 1 86  ? 8.65078   -5.61072  1.49646   1.000 11.42319 ? 86  LEU A CB    1 
ATOM   714  C  CG    . LEU A 1 86  ? 8.52105   -7.09793  1.16599   1.000 10.56009 ? 86  LEU A CG    1 
ATOM   715  C  CD1   . LEU A 1 86  ? 7.34046   -7.35336  0.21677   1.000 12.51445 ? 86  LEU A CD1   1 
ATOM   716  C  CD2   . LEU A 1 86  ? 9.83167   -7.59382  0.56235   1.000 16.48549 ? 86  LEU A CD2   1 
ATOM   717  N  N     . VAL A 1 87  ? 5.98891   -6.23195  3.65712   1.000 8.28520  ? 87  VAL A N     1 
ATOM   718  C  CA    . VAL A 1 87  ? 5.48737   -6.80541  4.89204   1.000 9.35200  ? 87  VAL A CA    1 
ATOM   719  C  C     . VAL A 1 87  ? 5.30847   -8.30100  4.66895   1.000 9.51044  ? 87  VAL A C     1 
ATOM   720  O  O     . VAL A 1 87  ? 4.36794   -8.72592  3.98661   1.000 9.54832  ? 87  VAL A O     1 
ATOM   721  C  CB    . VAL A 1 87  ? 4.17451   -6.13712  5.32541   1.000 8.36574  ? 87  VAL A CB    1 
ATOM   722  C  CG1   . VAL A 1 87  ? 3.61996   -6.81065  6.57817   1.000 10.67947 ? 87  VAL A CG1   1 
ATOM   723  C  CG2   . VAL A 1 87  ? 4.40976   -4.65050  5.59067   1.000 8.29740  ? 87  VAL A CG2   1 
ATOM   724  N  N     . GLU A 1 88  ? 6.21627   -9.10551  5.22370   1.000 10.59284 ? 88  GLU A N     1 
ATOM   725  C  CA    . GLU A 1 88  ? 6.13538   -10.55367 5.06829   1.000 11.09408 ? 88  GLU A CA    1 
ATOM   726  C  C     . GLU A 1 88  ? 5.80624   -11.28040 6.36300   1.000 12.04971 ? 88  GLU A C     1 
ATOM   727  O  O     . GLU A 1 88  ? 5.60289   -12.50126 6.33555   1.000 12.46519 ? 88  GLU A O     1 
ATOM   728  C  CB    . GLU A 1 88  ? 7.44743   -11.08732 4.48091   1.000 14.36237 ? 88  GLU A CB    1 
ATOM   729  C  CG    . GLU A 1 88  ? 7.64676   -10.64463 3.03366   1.000 15.61733 ? 88  GLU A CG    1 
ATOM   730  C  CD    . GLU A 1 88  ? 9.06212   -10.84185 2.54302   1.000 25.66968 ? 88  GLU A CD    1 
ATOM   731  O  OE1   . GLU A 1 88  ? 10.00697  -10.54976 3.30782   1.000 29.89262 ? 88  GLU A OE1   1 
ATOM   732  O  OE2   . GLU A 1 88  ? 9.22418   -11.28639 1.38658   1.000 28.61196 ? 88  GLU A OE2   1 
ATOM   733  N  N     . ARG A 1 89  ? 5.73619   -10.56142 7.47612   1.000 10.85102 ? 89  ARG A N     1 
ATOM   734  C  CA    . ARG A 1 89  ? 5.34549   -11.09946 8.76412   1.000 13.38296 ? 89  ARG A CA    1 
ATOM   735  C  C     . ARG A 1 89  ? 4.37005   -10.12920 9.40438   1.000 10.72627 ? 89  ARG A C     1 
ATOM   736  O  O     . ARG A 1 89  ? 4.56054   -8.91362  9.31964   1.000 12.19416 ? 89  ARG A O     1 
ATOM   737  C  CB    . ARG A 1 89  ? 6.57077   -11.29369 9.67416   1.000 15.80792 ? 89  ARG A CB    1 
ATOM   738  C  CG    . ARG A 1 89  ? 6.21650   -11.70789 11.08978  1.000 20.75213 ? 89  ARG A CG    1 
ATOM   739  C  CD    . ARG A 1 89  ? 7.44672   -12.00148 11.95222  1.000 23.87636 ? 89  ARG A CD    1 
ATOM   740  N  NE    . ARG A 1 89  ? 8.08049   -13.24816 11.53625  1.000 27.52803 ? 89  ARG A NE    1 
ATOM   741  C  CZ    . ARG A 1 89  ? 7.63156   -14.45486 11.86426  1.000 25.62815 ? 89  ARG A CZ    1 
ATOM   742  N  NH1   . ARG A 1 89  ? 6.54187   -14.56903 12.61900  1.000 25.07955 ? 89  ARG A NH1   1 
ATOM   743  N  NH2   . ARG A 1 89  ? 8.26350   -15.54111 11.42605  1.000 24.35251 ? 89  ARG A NH2   1 
ATOM   744  N  N     . TRP A 1 90  ? 3.32873   -10.66028 10.04286  1.000 11.73790 ? 90  TRP A N     1 
ATOM   745  C  CA    . TRP A 1 90  ? 2.36748   -9.78689  10.70117  1.000 12.78509 ? 90  TRP A CA    1 
ATOM   746  C  C     . TRP A 1 90  ? 1.55889   -10.57754 11.71227  1.000 14.99010 ? 90  TRP A C     1 
ATOM   747  O  O     . TRP A 1 90  ? 1.45737   -11.80660 11.63660  1.000 14.39429 ? 90  TRP A O     1 
ATOM   748  C  CB    . TRP A 1 90  ? 1.42102   -9.12039  9.69089   1.000 10.60764 ? 90  TRP A CB    1 
ATOM   749  C  CG    . TRP A 1 90  ? 0.62581   -10.10775 8.87376   1.000 10.69305 ? 90  TRP A CG    1 
ATOM   750  C  CD1   . TRP A 1 90  ? -0.57188  -10.68287 9.20447   1.000 12.04026 ? 90  TRP A CD1   1 
ATOM   751  C  CD2   . TRP A 1 90  ? 0.98109   -10.63107 7.59140   1.000 10.35590 ? 90  TRP A CD2   1 
ATOM   752  N  NE1   . TRP A 1 90  ? -0.98940  -11.52326 8.19741   1.000 11.77390 ? 90  TRP A NE1   1 
ATOM   753  C  CE2   . TRP A 1 90  ? -0.05182  -11.51248 7.19653   1.000 11.32533 ? 90  TRP A CE2   1 
ATOM   754  C  CE3   . TRP A 1 90  ? 2.06709   -10.43272 6.73329   1.000 10.34277 ? 90  TRP A CE3   1 
ATOM   755  C  CZ2   . TRP A 1 90  ? -0.02184  -12.20631 5.98137   1.000 12.22841 ? 90  TRP A CZ2   1 
ATOM   756  C  CZ3   . TRP A 1 90  ? 2.09539   -11.12516 5.52262   1.000 10.74440 ? 90  TRP A CZ3   1 
ATOM   757  C  CH2   . TRP A 1 90  ? 1.05349   -11.99906 5.16164   1.000 10.87257 ? 90  TRP A CH2   1 
ATOM   758  N  N     . GLU A 1 91  ? 0.95635   -9.84283  12.63684  1.000 13.64071 ? 91  GLU A N     1 
ATOM   759  C  CA    . GLU A 1 91  ? -0.04244  -10.39982 13.54004  1.000 14.90668 ? 91  GLU A CA    1 
ATOM   760  C  C     . GLU A 1 91  ? -1.42839  -10.08017 12.99192  1.000 16.09391 ? 91  GLU A C     1 
ATOM   761  O  O     . GLU A 1 91  ? -1.70366  -8.94033  12.60078  1.000 15.65379 ? 91  GLU A O     1 
ATOM   762  C  CB    . GLU A 1 91  ? 0.13582   -9.84981  14.95456  1.000 22.63750 ? 91  GLU A CB    1 
ATOM   763  C  CG    . GLU A 1 91  ? 1.46818   -10.24847 15.57539  1.000 30.40023 ? 91  GLU A CG    1 
ATOM   764  C  CD    . GLU A 1 91  ? 1.64605   -9.73440  16.99847  1.000 42.97567 ? 91  GLU A CD    1 
ATOM   765  O  OE1   . GLU A 1 91  ? 0.64978   -9.25224  17.58645  1.000 44.45871 ? 91  GLU A OE1   1 
ATOM   766  O  OE2   . GLU A 1 91  ? 2.78325   -9.81433  17.52717  1.000 41.57373 ? 91  GLU A OE2   1 
ATOM   767  N  N     . GLY A 1 92  ? -2.28539  -11.09091 12.94173  1.000 13.81792 ? 92  GLY A N     1 
ATOM   768  C  CA    . GLY A 1 92  ? -3.63965  -10.92731 12.45929  1.000 14.98304 ? 92  GLY A CA    1 
ATOM   769  C  C     . GLY A 1 92  ? -3.81592  -11.51541 11.06913  1.000 14.64745 ? 92  GLY A C     1 
ATOM   770  O  O     . GLY A 1 92  ? -2.90541  -12.09131 10.47138  1.000 16.28914 ? 92  GLY A O     1 
ATOM   771  N  N     . GLU A 1 93  ? -5.03367  -11.35089 10.56424  1.000 15.07529 ? 93  GLU A N     1 
ATOM   772  C  CA    . GLU A 1 93  ? -5.44993  -11.90035 9.28245   1.000 12.28027 ? 93  GLU A CA    1 
ATOM   773  C  C     . GLU A 1 93  ? -6.06358  -10.73479 8.52137   1.000 8.95106  ? 93  GLU A C     1 
ATOM   774  O  O     . GLU A 1 93  ? -7.04525  -10.14631 9.00574   1.000 9.98589  ? 93  GLU A O     1 
ATOM   775  C  CB    . GLU A 1 93  ? -6.45734  -13.02936 9.51885   1.000 18.66636 ? 93  GLU A CB    1 
ATOM   776  C  CG    . GLU A 1 93  ? -6.97217  -13.68388 8.29007   1.000 14.56126 ? 93  GLU A CG    1 
ATOM   777  C  CD    . GLU A 1 93  ? -5.94456  -14.60176 7.65848   1.000 20.70000 ? 93  GLU A CD    1 
ATOM   778  O  OE1   . GLU A 1 93  ? -5.29488  -15.37169 8.39034   1.000 23.39814 ? 93  GLU A OE1   1 
ATOM   779  O  OE2   . GLU A 1 93  ? -5.77454  -14.54377 6.42799   1.000 18.23000 ? 93  GLU A OE2   1 
ATOM   780  N  N     . PRO A 1 94  ? -5.51031  -10.32039 7.37706   1.000 9.64308  ? 94  PRO A N     1 
ATOM   781  C  CA    . PRO A 1 94  ? -6.03455  -9.11346  6.71968   1.000 8.39563  ? 94  PRO A CA    1 
ATOM   782  C  C     . PRO A 1 94  ? -7.43974  -9.33964  6.18141   1.000 7.51281  ? 94  PRO A C     1 
ATOM   783  O  O     . PRO A 1 94  ? -7.76325  -10.41002 5.65923   1.000 9.29358  ? 94  PRO A O     1 
ATOM   784  C  CB    . PRO A 1 94  ? -5.03447  -8.84256  5.58988   1.000 9.72179  ? 94  PRO A CB    1 
ATOM   785  C  CG    . PRO A 1 94  ? -4.36796  -10.11572 5.34370   1.000 11.03498 ? 94  PRO A CG    1 
ATOM   786  C  CD    . PRO A 1 94  ? -4.36762  -10.89750 6.64572   1.000 11.64730 ? 94  PRO A CD    1 
ATOM   787  N  N     . TRP A 1 95  ? -8.27097  -8.30624  6.31938   1.000 8.23478  ? 95  TRP A N     1 
ATOM   788  C  CA    . TRP A 1 95  ? -9.64349  -8.32963  5.84009   1.000 8.28835  ? 95  TRP A CA    1 
ATOM   789  C  C     . TRP A 1 95  ? -10.04728 -6.90353  5.49070   1.000 9.22887  ? 95  TRP A C     1 
ATOM   790  O  O     . TRP A 1 95  ? -9.26707  -5.96021  5.66248   1.000 8.18357  ? 95  TRP A O     1 
ATOM   791  C  CB    . TRP A 1 95  ? -10.57990 -8.96219  6.88027   1.000 9.69790  ? 95  TRP A CB    1 
ATOM   792  C  CG    . TRP A 1 95  ? -10.72993 -8.19498  8.16707   1.000 8.35072  ? 95  TRP A CG    1 
ATOM   793  C  CD1   . TRP A 1 95  ? -9.76839  -7.97859  9.13583   1.000 9.04453  ? 95  TRP A CD1   1 
ATOM   794  C  CD2   . TRP A 1 95  ? -11.92380 -7.57225  8.64769   1.000 9.44248  ? 95  TRP A CD2   1 
ATOM   795  N  NE1   . TRP A 1 95  ? -10.30125 -7.24807  10.17262  1.000 10.33843 ? 95  TRP A NE1   1 
ATOM   796  C  CE2   . TRP A 1 95  ? -11.62398 -6.99212  9.89627   1.000 9.87379  ? 95  TRP A CE2   1 
ATOM   797  C  CE3   . TRP A 1 95  ? -13.22278 -7.44555  8.13784   1.000 9.17761  ? 95  TRP A CE3   1 
ATOM   798  C  CZ2   . TRP A 1 95  ? -12.58121 -6.29576  10.64686  1.000 12.76312 ? 95  TRP A CZ2   1 
ATOM   799  C  CZ3   . TRP A 1 95  ? -14.17124 -6.75343  8.88704   1.000 9.49500  ? 95  TRP A CZ3   1 
ATOM   800  C  CH2   . TRP A 1 95  ? -13.84295 -6.18932  10.12547  1.000 11.12336 ? 95  TRP A CH2   1 
ATOM   801  N  N     . GLY A 1 96  ? -11.27336 -6.74856  4.99032   1.000 9.06495  ? 96  GLY A N     1 
ATOM   802  C  CA    . GLY A 1 96  ? -11.77065 -5.43634  4.62716   1.000 10.53788 ? 96  GLY A CA    1 
ATOM   803  C  C     . GLY A 1 96  ? -12.31107 -4.70489  5.83369   1.000 9.11201  ? 96  GLY A C     1 
ATOM   804  O  O     . GLY A 1 96  ? -13.52458 -4.49767  5.95495   1.000 9.89885  ? 96  GLY A O     1 
ATOM   805  N  N     . LYS A 1 97  ? -11.40697 -4.29652  6.73062   1.000 7.67141  ? 97  LYS A N     1 
ATOM   806  C  CA    . LYS A 1 97  ? -11.82794 -3.79650  8.03804   1.000 8.76581  ? 97  LYS A CA    1 
ATOM   807  C  C     . LYS A 1 97  ? -12.60036 -2.48846  7.92952   1.000 11.84447 ? 97  LYS A C     1 
ATOM   808  O  O     . LYS A 1 97  ? -13.43808 -2.19240  8.78919   1.000 12.48336 ? 97  LYS A O     1 
ATOM   809  C  CB    . LYS A 1 97  ? -10.60619 -3.63227  8.93848   1.000 8.44488  ? 97  LYS A CB    1 
ATOM   810  C  CG    . LYS A 1 97  ? -10.89619 -3.04874  10.31252  1.000 8.34756  ? 97  LYS A CG    1 
ATOM   811  C  CD    . LYS A 1 97  ? -9.66083  -3.23905  11.20956  1.000 8.84716  ? 97  LYS A CD    1 
ATOM   812  C  CE    . LYS A 1 97  ? -9.81781  -2.52660  12.54523  1.000 11.16385 ? 97  LYS A CE    1 
ATOM   813  N  NZ    . LYS A 1 97  ? -8.57853  -2.58962  13.39199  1.000 10.12514 ? 97  LYS A NZ    1 
ATOM   814  N  N     . GLU A 1 98  ? -12.34164 -1.69436  6.88801   1.000 10.17254 ? 98  GLU A N     1 
ATOM   815  C  CA    . GLU A 1 98  ? -13.07460 -0.45721  6.65323   1.000 12.36627 ? 98  GLU A CA    1 
ATOM   816  C  C     . GLU A 1 98  ? -14.21621 -0.64556  5.66023   1.000 12.02668 ? 98  GLU A C     1 
ATOM   817  O  O     . GLU A 1 98  ? -14.72396 0.33859   5.11625   1.000 14.32186 ? 98  GLU A O     1 
ATOM   818  C  CB    . GLU A 1 98  ? -12.12136 0.64525   6.18228   1.000 13.32596 ? 98  GLU A CB    1 
ATOM   819  C  CG    . GLU A 1 98  ? -11.17923 1.14567   7.28694   1.000 13.99307 ? 98  GLU A CG    1 
ATOM   820  C  CD    . GLU A 1 98  ? -10.19967 2.22153   6.80876   1.000 15.29190 ? 98  GLU A CD    1 
ATOM   821  O  OE1   . GLU A 1 98  ? -10.02342 2.37369   5.58007   1.000 18.63450 ? 98  GLU A OE1   1 
ATOM   822  O  OE2   . GLU A 1 98  ? -9.58830  2.89887   7.67247   1.000 19.46902 ? 98  GLU A OE2   1 
ATOM   823  N  N     . GLY A 1 99  ? -14.63352 -1.88651  5.42454   1.000 10.52129 ? 99  GLY A N     1 
ATOM   824  C  CA    . GLY A 1 99  ? -15.70937 -2.16590  4.49628   1.000 13.40801 ? 99  GLY A CA    1 
ATOM   825  C  C     . GLY A 1 99  ? -15.30000 -2.17297  3.04303   1.000 13.84018 ? 99  GLY A C     1 
ATOM   826  O  O     . GLY A 1 99  ? -16.17166 -2.22715  2.16644   1.000 15.46806 ? 99  GLY A O     1 
ATOM   827  N  N     . GLN A 1 100 ? -14.02548 -2.09418  2.76066   1.000 10.00192 ? 100 GLN A N     1 
ATOM   828  C  CA    . GLN A 1 100 ? -13.50640 -2.00881  1.40377   1.000 10.23109 ? 100 GLN A CA    1 
ATOM   829  C  C     . GLN A 1 100 ? -13.22197 -3.39813  0.83687   1.000 9.89882  ? 100 GLN A C     1 
ATOM   830  O  O     . GLN A 1 100 ? -12.96835 -4.34480  1.59017   1.000 9.91957  ? 100 GLN A O     1 
ATOM   831  C  CB    . GLN A 1 100 ? -12.22606 -1.16032  1.37339   1.000 10.94603 ? 100 GLN A CB    1 
ATOM   832  C  CG    . GLN A 1 100 ? -10.93483 -1.86749  1.81827   1.000 9.65436  ? 100 GLN A CG    1 
ATOM   833  C  CD    . GLN A 1 100 ? -10.72539 -1.91156  3.32882   1.000 8.87297  ? 100 GLN A CD    1 
ATOM   834  O  OE1   . GLN A 1 100 ? -11.66593 -2.09676  4.10620   1.000 10.35763 ? 100 GLN A OE1   1 
ATOM   835  N  NE2   . GLN A 1 100 ? -9.47581  -1.76824  3.74453   1.000 9.45093  ? 100 GLN A NE2   1 
ATOM   836  N  N     . PRO A 1 101 ? -13.26705 -3.54050  -0.48847  1.000 10.12298 ? 101 PRO A N     1 
ATOM   837  C  CA    . PRO A 1 101 ? -12.88013 -4.81780  -1.10195  1.000 9.58380  ? 101 PRO A CA    1 
ATOM   838  C  C     . PRO A 1 101 ? -11.41714 -5.11275  -0.83647  1.000 10.76238 ? 101 PRO A C     1 
ATOM   839  O  O     . PRO A 1 101 ? -10.56659 -4.22852  -0.91916  1.000 12.43590 ? 101 PRO A O     1 
ATOM   840  C  CB    . PRO A 1 101 ? -13.13350 -4.59554  -2.59888  1.000 11.06552 ? 101 PRO A CB    1 
ATOM   841  C  CG    . PRO A 1 101 ? -13.99949 -3.38084  -2.68797  1.000 12.60195 ? 101 PRO A CG    1 
ATOM   842  C  CD    . PRO A 1 101 ? -13.66557 -2.53988  -1.48977  1.000 10.57161 ? 101 PRO A CD    1 
ATOM   843  N  N     . GLY A 1 102 ? -11.13352 -6.35656  -0.47977  1.000 10.45998 ? 102 GLY A N     1 
ATOM   844  C  CA    . GLY A 1 102 ? -9.75825  -6.77377  -0.33474  1.000 10.48750 ? 102 GLY A CA    1 
ATOM   845  C  C     . GLY A 1 102 ? -9.61950  -8.21804  -0.74394  1.000 14.18419 ? 102 GLY A C     1 
ATOM   846  O  O     . GLY A 1 102 ? -10.51095 -9.02420  -0.45545  1.000 16.53195 ? 102 GLY A O     1 
ATOM   847  N  N     . GLU A 1 103 ? -8.54094  -8.56703  -1.43737  1.000 11.28506 ? 103 GLU A N     1 
ATOM   848  C  CA    . GLU A 1 103 ? -8.30808  -9.98148  -1.67389  1.000 11.85452 ? 103 GLU A CA    1 
ATOM   849  C  C     . GLU A 1 103 ? -6.84319  -10.24165 -1.96466  1.000 10.61251 ? 103 GLU A C     1 
ATOM   850  O  O     . GLU A 1 103 ? -6.05811  -9.32663  -2.23188  1.000 8.34757  ? 103 GLU A O     1 
ATOM   851  C  CB    . GLU A 1 103 ? -9.16957  -10.50554 -2.81569  1.000 17.14382 ? 103 GLU A CB    1 
ATOM   852  C  CG    . GLU A 1 103 ? -8.98274  -9.76873  -4.10267  1.000 15.97194 ? 103 GLU A CG    1 
ATOM   853  C  CD    . GLU A 1 103 ? -10.04958 -10.13574 -5.11514  1.000 22.25117 ? 103 GLU A CD    1 
ATOM   854  O  OE1   . GLU A 1 103 ? -10.96305 -10.92132 -4.76256  1.000 28.52028 ? 103 GLU A OE1   1 
ATOM   855  O  OE2   . GLU A 1 103 ? -9.97466  -9.64966  -6.25928  1.000 20.60702 ? 103 GLU A OE2   1 
ATOM   856  N  N     . TRP A 1 104 ? -6.49563  -11.51933 -1.90270  1.000 9.59226  ? 104 TRP A N     1 
ATOM   857  C  CA    . TRP A 1 104 ? -5.15667  -11.97365 -2.22407  1.000 8.40658  ? 104 TRP A CA    1 
ATOM   858  C  C     . TRP A 1 104 ? -5.00722  -12.08601 -3.72952  1.000 8.67373  ? 104 TRP A C     1 
ATOM   859  O  O     . TRP A 1 104 ? -5.87605  -12.64823 -4.40572  1.000 9.54443  ? 104 TRP A O     1 
ATOM   860  C  CB    . TRP A 1 104 ? -4.89826  -13.31711 -1.55469  1.000 8.03672  ? 104 TRP A CB    1 
ATOM   861  C  CG    . TRP A 1 104 ? -4.82417  -13.18909 -0.06695  1.000 8.89965  ? 104 TRP A CG    1 
ATOM   862  C  CD1   . TRP A 1 104 ? -5.81965  -13.45481 0.83516   1.000 9.43318  ? 104 TRP A CD1   1 
ATOM   863  C  CD2   . TRP A 1 104 ? -3.69476  -12.74433 0.69370   1.000 7.76768  ? 104 TRP A CD2   1 
ATOM   864  N  NE1   . TRP A 1 104 ? -5.36460  -13.21197 2.11858   1.000 8.70543  ? 104 TRP A NE1   1 
ATOM   865  C  CE2   . TRP A 1 104 ? -4.06779  -12.77442 2.05489   1.000 8.87658  ? 104 TRP A CE2   1 
ATOM   866  C  CE3   . TRP A 1 104 ? -2.40470  -12.31067 0.35482   1.000 8.10598  ? 104 TRP A CE3   1 
ATOM   867  C  CZ2   . TRP A 1 104 ? -3.18782  -12.39914 3.08118   1.000 8.50842  ? 104 TRP A CZ2   1 
ATOM   868  C  CZ3   . TRP A 1 104 ? -1.53568  -11.94172 1.37519   1.000 9.52126  ? 104 TRP A CZ3   1 
ATOM   869  C  CH2   . TRP A 1 104 ? -1.93427  -11.99047 2.72033   1.000 9.23189  ? 104 TRP A CH2   1 
ATOM   870  N  N     . MET A 1 105 ? -3.90719  -11.55539 -4.25438  1.000 7.08703  ? 105 MET A N     1 
ATOM   871  C  CA    . MET A 1 105 ? -3.64370  -11.53083 -5.68678  1.000 9.09622  ? 105 MET A CA    1 
ATOM   872  C  C     . MET A 1 105 ? -2.25130  -12.07456 -5.94854  1.000 8.58081  ? 105 MET A C     1 
ATOM   873  O  O     . MET A 1 105 ? -1.28956  -11.61509 -5.32948  1.000 9.65767  ? 105 MET A O     1 
ATOM   874  C  CB    . MET A 1 105 ? -3.74944  -10.10363 -6.22607  1.000 8.07376  ? 105 MET A CB    1 
ATOM   875  C  CG    . MET A 1 105 ? -5.08283  -9.47328  -5.93212  1.000 9.94434  ? 105 MET A CG    1 
ATOM   876  S  SD    . MET A 1 105 ? -5.32844  -7.90735  -6.77188  1.000 11.77978 ? 105 MET A SD    1 
ATOM   877  C  CE    . MET A 1 105 ? -7.01800  -7.56860  -6.28796  1.000 13.87736 ? 105 MET A CE    1 
ATOM   878  N  N     . SER A 1 106 ? -2.12627  -13.01533 -6.88962  1.000 8.60821  ? 106 SER A N     1 
ATOM   879  C  CA    . SER A 1 106 ? -0.79185  -13.50363 -7.21305  1.000 8.59549  ? 106 SER A CA    1 
ATOM   880  C  C     . SER A 1 106 ? 0.07836   -12.34982 -7.68373  1.000 10.45024 ? 106 SER A C     1 
ATOM   881  O  O     . SER A 1 106 ? -0.36140  -11.49164 -8.45362  1.000 10.14839 ? 106 SER A O     1 
ATOM   882  C  CB    . SER A 1 106 ? -0.84225  -14.58266 -8.29697  1.000 11.45049 ? 106 SER A CB    1 
ATOM   883  O  OG    . SER A 1 106 ? -1.07340  -13.98735 -9.56390  1.000 13.31965 ? 106 SER A OG    1 
ATOM   884  N  N     . LEU A 1 107 ? 1.32366   -12.33211 -7.20505  1.000 9.64954  ? 107 LEU A N     1 
ATOM   885  C  CA    . LEU A 1 107 ? 2.27158   -11.30933 -7.63369  1.000 8.95101  ? 107 LEU A CA    1 
ATOM   886  C  C     . LEU A 1 107 ? 2.46520   -11.32501 -9.14702  1.000 12.16110 ? 107 LEU A C     1 
ATOM   887  O  O     . LEU A 1 107 ? 2.47413   -10.26782 -9.78868  1.000 10.99957 ? 107 LEU A O     1 
ATOM   888  C  CB    . LEU A 1 107 ? 3.60038   -11.52080 -6.91436  1.000 14.25852 ? 107 LEU A CB    1 
ATOM   889  C  CG    . LEU A 1 107 ? 4.73234   -10.55194 -7.21290  1.000 19.57728 ? 107 LEU A CG    1 
ATOM   890  C  CD1   . LEU A 1 107 ? 4.23056   -9.12015  -7.16325  1.000 22.52484 ? 107 LEU A CD1   1 
ATOM   891  C  CD2   . LEU A 1 107 ? 5.84019   -10.78289 -6.18982  1.000 19.66134 ? 107 LEU A CD2   1 
ATOM   892  N  N     . VAL A 1 108 ? 2.60207   -12.51526 -9.74146  1.000 11.57903 ? 108 VAL A N     1 
ATOM   893  C  CA    . VAL A 1 108 ? 2.86300   -12.57101 -11.18103 1.000 12.92545 ? 108 VAL A CA    1 
ATOM   894  C  C     . VAL A 1 108 ? 1.68793   -12.02689 -11.97730 1.000 12.36687 ? 108 VAL A C     1 
ATOM   895  O  O     . VAL A 1 108 ? 1.86547   -11.51577 -13.09069 1.000 14.63290 ? 108 VAL A O     1 
ATOM   896  C  CB    . VAL A 1 108 ? 3.21329   -14.00148 -11.62412 1.000 15.07077 ? 108 VAL A CB    1 
ATOM   897  C  CG1   . VAL A 1 108 ? 4.44850   -14.48481 -10.88644 1.000 18.34870 ? 108 VAL A CG1   1 
ATOM   898  C  CG2   . VAL A 1 108 ? 2.03888   -14.94244 -11.39511 1.000 15.92493 ? 108 VAL A CG2   1 
ATOM   899  N  N     . GLY A 1 109 ? 0.48607   -12.10312 -11.43174 1.000 10.36703 ? 109 GLY A N     1 
ATOM   900  C  CA    . GLY A 1 109 ? -0.67806  -11.64706 -12.14738 1.000 11.62111 ? 109 GLY A CA    1 
ATOM   901  C  C     . GLY A 1 109 ? -1.00668  -10.18274 -11.99633 1.000 12.32192 ? 109 GLY A C     1 
ATOM   902  O  O     . GLY A 1 109 ? -1.97003  -9.73434  -12.62288 1.000 12.42778 ? 109 GLY A O     1 
ATOM   903  N  N     . LEU A 1 110 ? -0.24512  -9.42331  -11.20160 1.000 10.53977 ? 110 LEU A N     1 
ATOM   904  C  CA    . LEU A 1 110 ? -0.56391  -8.01278  -10.99723 1.000 11.56148 ? 110 LEU A CA    1 
ATOM   905  C  C     . LEU A 1 110 ? -0.40284  -7.23019  -12.29230 1.000 11.71379 ? 110 LEU A C     1 
ATOM   906  O  O     . LEU A 1 110 ? 0.54335   -7.44036  -13.05494 1.000 13.27066 ? 110 LEU A O     1 
ATOM   907  C  CB    . LEU A 1 110 ? 0.31561   -7.39265  -9.90920  1.000 11.16067 ? 110 LEU A CB    1 
ATOM   908  C  CG    . LEU A 1 110 ? 0.08533   -7.88235  -8.47876  1.000 12.37399 ? 110 LEU A CG    1 
ATOM   909  C  CD1   . LEU A 1 110 ? 0.96605   -7.08821  -7.50548  1.000 14.92795 ? 110 LEU A CD1   1 
ATOM   910  C  CD2   . LEU A 1 110 ? -1.37485  -7.74866  -8.09802  1.000 12.75913 ? 110 LEU A CD2   1 
ATOM   911  N  N     . ASN A 1 111 ? -1.36096  -6.34343  -12.54041 1.000 11.99695 ? 111 ASN A N     1 
ATOM   912  C  CA    . ASN A 1 111 ? -1.38476  -5.46647  -13.70148 1.000 11.95211 ? 111 ASN A CA    1 
ATOM   913  C  C     . ASN A 1 111 ? -1.20303  -4.04519  -13.19241 1.000 11.80652 ? 111 ASN A C     1 
ATOM   914  O  O     . ASN A 1 111 ? -2.07998  -3.51205  -12.50227 1.000 12.55986 ? 111 ASN A O     1 
ATOM   915  C  CB    . ASN A 1 111 ? -2.69831  -5.63106  -14.46385 1.000 14.50705 ? 111 ASN A CB    1 
ATOM   916  C  CG    . ASN A 1 111 ? -2.74554  -4.81491  -15.73740 1.000 17.65038 ? 111 ASN A CG    1 
ATOM   917  O  OD1   . ASN A 1 111 ? -1.95375  -3.88836  -15.93583 1.000 17.99314 ? 111 ASN A OD1   1 
ATOM   918  N  ND2   . ASN A 1 111 ? -3.69450  -5.15013  -16.61494 1.000 23.10233 ? 111 ASN A ND2   1 
ATOM   919  N  N     . ALA A 1 112 ? -0.06535  -3.42503  -13.53161 1.000 10.20036 ? 112 ALA A N     1 
ATOM   920  C  CA    . ALA A 1 112 ? 0.20250   -2.08439  -13.02324 1.000 12.66914 ? 112 ALA A CA    1 
ATOM   921  C  C     . ALA A 1 112 ? -0.85360  -1.08608  -13.48159 1.000 11.80395 ? 112 ALA A C     1 
ATOM   922  O  O     . ALA A 1 112 ? -1.08002  -0.07725  -12.80415 1.000 11.08394 ? 112 ALA A O     1 
ATOM   923  C  CB    . ALA A 1 112 ? 1.60057   -1.62050  -13.44019 1.000 15.63036 ? 112 ALA A CB    1 
ATOM   924  N  N     . ASP A 1 113 ? -1.52436  -1.35102  -14.61177 1.000 11.85752 ? 113 ASP A N     1 
ATOM   925  C  CA    . ASP A 1 113 ? -2.56667  -0.44223  -15.07607 1.000 11.33002 ? 113 ASP A CA    1 
ATOM   926  C  C     . ASP A 1 113 ? -3.73476  -0.34974  -14.10081 1.000 11.16780 ? 113 ASP A C     1 
ATOM   927  O  O     . ASP A 1 113 ? -4.49072  0.62786   -14.15329 1.000 12.28723 ? 113 ASP A O     1 
ATOM   928  C  CB    . ASP A 1 113 ? -3.08666  -0.88162  -16.44922 1.000 13.67509 ? 113 ASP A CB    1 
ATOM   929  C  CG    . ASP A 1 113 ? -2.03579  -0.78023  -17.53781 1.000 21.99116 ? 113 ASP A CG    1 
ATOM   930  O  OD1   . ASP A 1 113 ? -1.14610  0.09174   -17.43871 1.000 23.91978 ? 113 ASP A OD1   1 
ATOM   931  O  OD2   . ASP A 1 113 ? -2.11952  -1.56296  -18.50599 1.000 25.37300 ? 113 ASP A OD2   1 
ATOM   932  N  N     . ASP A 1 114 ? -3.92262  -1.36305  -13.24117 1.000 9.23575  ? 114 ASP A N     1 
ATOM   933  C  CA    . ASP A 1 114 ? -5.00730  -1.37714  -12.26290 1.000 10.92915 ? 114 ASP A CA    1 
ATOM   934  C  C     . ASP A 1 114 ? -4.72304  -0.50380  -11.04267 1.000 9.43820  ? 114 ASP A C     1 
ATOM   935  O  O     . ASP A 1 114 ? -5.65070  -0.24255  -10.26269 1.000 9.75636  ? 114 ASP A O     1 
ATOM   936  C  CB    . ASP A 1 114 ? -5.28358  -2.80842  -11.77588 1.000 10.60641 ? 114 ASP A CB    1 
ATOM   937  C  CG    . ASP A 1 114 ? -5.81165  -3.73159  -12.87305 1.000 17.46730 ? 114 ASP A CG    1 
ATOM   938  O  OD1   . ASP A 1 114 ? -6.35504  -3.22991  -13.87729 1.000 18.90230 ? 114 ASP A OD1   1 
ATOM   939  O  OD2   . ASP A 1 114 ? -5.70640  -4.97251  -12.70301 1.000 17.65629 ? 114 ASP A OD2   1 
ATOM   940  N  N     . PHE A 1 115 ? -3.48412  -0.06116  -10.86027 1.000 8.27814  ? 115 PHE A N     1 
ATOM   941  C  CA    . PHE A 1 115 ? -3.00785  0.67793   -9.69603  1.000 8.46842  ? 115 PHE A CA    1 
ATOM   942  C  C     . PHE A 1 115 ? -2.76682  2.13786   -10.07548 1.000 9.17709  ? 115 PHE A C     1 
ATOM   943  O  O     . PHE A 1 115 ? -2.70474  2.47253   -11.26331 1.000 10.43572 ? 115 PHE A O     1 
ATOM   944  C  CB    . PHE A 1 115 ? -1.69857  0.05234   -9.17893  1.000 9.08687  ? 115 PHE A CB    1 
ATOM   945  C  CG    . PHE A 1 115 ? -1.86115  -1.30714  -8.54493  1.000 8.48003  ? 115 PHE A CG    1 
ATOM   946  C  CD1   . PHE A 1 115 ? -1.98785  -2.44365  -9.32575  1.000 8.93706  ? 115 PHE A CD1   1 
ATOM   947  C  CD2   . PHE A 1 115 ? -1.85478  -1.44325  -7.16257  1.000 8.96985  ? 115 PHE A CD2   1 
ATOM   948  C  CE1   . PHE A 1 115 ? -2.12550  -3.68530  -8.74522  1.000 9.13226  ? 115 PHE A CE1   1 
ATOM   949  C  CE2   . PHE A 1 115 ? -1.98702  -2.68233  -6.56947  1.000 8.24796  ? 115 PHE A CE2   1 
ATOM   950  C  CZ    . PHE A 1 115 ? -2.12174  -3.80612  -7.35836  1.000 6.80829  ? 115 PHE A CZ    1 
ATOM   951  N  N     . PRO A 1 116 ? -2.61752  3.03810   -9.10048  1.000 8.28651  ? 116 PRO A N     1 
ATOM   952  C  CA    . PRO A 1 116 ? -2.18450  4.39277   -9.44348  1.000 8.47381  ? 116 PRO A CA    1 
ATOM   953  C  C     . PRO A 1 116 ? -0.87863  4.35022   -10.19787 1.000 9.04757  ? 116 PRO A C     1 
ATOM   954  O  O     . PRO A 1 116 ? -0.02765  3.47006   -9.96311  1.000 9.75051  ? 116 PRO A O     1 
ATOM   955  C  CB    . PRO A 1 116 ? -2.01683  5.06940   -8.07246  1.000 7.34303  ? 116 PRO A CB    1 
ATOM   956  C  CG    . PRO A 1 116 ? -2.98758  4.29200   -7.16462  1.000 7.45411  ? 116 PRO A CG    1 
ATOM   957  C  CD    . PRO A 1 116 ? -2.80498  2.87163   -7.64575  1.000 8.50811  ? 116 PRO A CD    1 
ATOM   958  N  N     . PRO A 1 117 ? -0.65964  5.28973   -11.11835 1.000 10.48743 ? 117 PRO A N     1 
ATOM   959  C  CA    . PRO A 1 117 ? 0.56976   5.25374   -11.92464 1.000 10.13274 ? 117 PRO A CA    1 
ATOM   960  C  C     . PRO A 1 117 ? 1.82839   5.38068   -11.09889 1.000 12.54610 ? 117 PRO A C     1 
ATOM   961  O  O     . PRO A 1 117 ? 2.89555   4.92524   -11.53619 1.000 12.15962 ? 117 PRO A O     1 
ATOM   962  C  CB    . PRO A 1 117 ? 0.39324   6.44608   -12.88254 1.000 12.39063 ? 117 PRO A CB    1 
ATOM   963  C  CG    . PRO A 1 117 ? -0.58877  7.34016   -12.19195 1.000 11.31007 ? 117 PRO A CG    1 
ATOM   964  C  CD    . PRO A 1 117 ? -1.54003  6.41054   -11.48960 1.000 12.18264 ? 117 PRO A CD    1 
ATOM   965  N  N     . ALA A 1 118 ? 1.73022   5.96224   -9.90361  1.000 10.11363 ? 118 ALA A N     1 
ATOM   966  C  CA    . ALA A 1 118 ? 2.88462   6.03453   -9.01660  1.000 9.98519  ? 118 ALA A CA    1 
ATOM   967  C  C     . ALA A 1 118 ? 3.44351   4.65396   -8.69320  1.000 11.01677 ? 118 ALA A C     1 
ATOM   968  O  O     . ALA A 1 118 ? 4.62966   4.52450   -8.38191  1.000 13.61712 ? 118 ALA A O     1 
ATOM   969  C  CB    . ALA A 1 118 ? 2.48701   6.77249   -7.74247  1.000 12.79767 ? 118 ALA A CB    1 
ATOM   970  N  N     . ASN A 1 119 ? 2.60591   3.61500   -8.73625  1.000 9.35322  ? 119 ASN A N     1 
ATOM   971  C  CA    . ASN A 1 119 ? 3.02781   2.27992   -8.33513  1.000 8.70372  ? 119 ASN A CA    1 
ATOM   972  C  C     . ASN A 1 119 ? 3.77676   1.52151   -9.42029  1.000 9.83320  ? 119 ASN A C     1 
ATOM   973  O  O     . ASN A 1 119 ? 4.31232   0.44380   -9.13604  1.000 10.94986 ? 119 ASN A O     1 
ATOM   974  C  CB    . ASN A 1 119 ? 1.80318   1.46527   -7.90056  1.000 8.97443  ? 119 ASN A CB    1 
ATOM   975  C  CG    . ASN A 1 119 ? 1.17094   1.99309   -6.63526  1.000 10.25885 ? 119 ASN A CG    1 
ATOM   976  O  OD1   . ASN A 1 119 ? 1.26224   3.17197   -6.31581  1.000 10.12196 ? 119 ASN A OD1   1 
ATOM   977  N  ND2   . ASN A 1 119 ? 0.52681   1.10534   -5.89912  1.000 8.07442  ? 119 ASN A ND2   1 
ATOM   978  N  N     . GLU A 1 120 ? 3.83695   2.05244   -10.64506 1.000 10.91358 ? 120 GLU A N     1 
ATOM   979  C  CA    . GLU A 1 120 ? 4.40775   1.30573   -11.76736 1.000 12.56288 ? 120 GLU A CA    1 
ATOM   980  C  C     . GLU A 1 120 ? 5.79890   0.74397   -11.49385 1.000 12.19220 ? 120 GLU A C     1 
ATOM   981  O  O     . GLU A 1 120 ? 5.99187   -0.46948  -11.66893 1.000 13.43325 ? 120 GLU A O     1 
ATOM   982  C  CB    . GLU A 1 120 ? 4.39157   2.20831   -13.01138 1.000 15.75763 ? 120 GLU A CB    1 
ATOM   983  C  CG    . GLU A 1 120 ? 2.99771   2.48087   -13.55297 1.000 19.65714 ? 120 GLU A CG    1 
ATOM   984  C  CD    . GLU A 1 120 ? 2.65543   1.61447   -14.75730 1.000 31.34534 ? 120 GLU A CD    1 
ATOM   985  O  OE1   . GLU A 1 120 ? 3.52690   0.81451   -15.18158 1.000 32.85705 ? 120 GLU A OE1   1 
ATOM   986  O  OE2   . GLU A 1 120 ? 1.51671   1.73480   -15.27709 1.000 32.32343 ? 120 GLU A OE2   1 
ATOM   987  N  N     . PRO A 1 121 ? 6.78826   1.51870   -11.04105 1.000 12.77345 ? 121 PRO A N     1 
ATOM   988  C  CA    . PRO A 1 121 ? 8.11104   0.90468   -10.81324 1.000 15.14403 ? 121 PRO A CA    1 
ATOM   989  C  C     . PRO A 1 121 ? 8.11676   -0.11081  -9.68559  1.000 13.91177 ? 121 PRO A C     1 
ATOM   990  O  O     . PRO A 1 121 ? 8.93458   -1.03927  -9.71279  1.000 15.02509 ? 121 PRO A O     1 
ATOM   991  C  CB    . PRO A 1 121 ? 9.01395   2.10308   -10.50307 1.000 15.75437 ? 121 PRO A CB    1 
ATOM   992  C  CG    . PRO A 1 121 ? 8.10206   3.17500   -10.08074 1.000 19.36677 ? 121 PRO A CG    1 
ATOM   993  C  CD    . PRO A 1 121 ? 6.79510   2.96300   -10.76363 1.000 13.40104 ? 121 PRO A CD    1 
ATOM   994  N  N     . VAL A 1 122 ? 7.21034   0.02317   -8.71418  1.000 12.34008 ? 122 VAL A N     1 
ATOM   995  C  CA    . VAL A 1 122 ? 7.16619   -0.90775  -7.59102  1.000 12.97734 ? 122 VAL A CA    1 
ATOM   996  C  C     . VAL A 1 122 ? 6.60821   -2.25333  -8.02145  1.000 13.08101 ? 122 VAL A C     1 
ATOM   997  O  O     . VAL A 1 122 ? 7.11223   -3.30827  -7.61062  1.000 13.67303 ? 122 VAL A O     1 
ATOM   998  C  CB    . VAL A 1 122 ? 6.34316   -0.29870  -6.44436  1.000 11.49310 ? 122 VAL A CB    1 
ATOM   999  C  CG1   . VAL A 1 122 ? 6.00986   -1.36158  -5.39100  1.000 15.06822 ? 122 VAL A CG1   1 
ATOM   1000 C  CG2   . VAL A 1 122 ? 7.10589   0.85636   -5.83587  1.000 16.85109 ? 122 VAL A CG2   1 
ATOM   1001 N  N     . ILE A 1 123 ? 5.54789   -2.24125  -8.83148  1.000 11.83946 ? 123 ILE A N     1 
ATOM   1002 C  CA    . ILE A 1 123 ? 4.97526   -3.49609  -9.29869  1.000 14.29939 ? 123 ILE A CA    1 
ATOM   1003 C  C     . ILE A 1 123 ? 5.97654   -4.22958  -10.17251 1.000 14.66050 ? 123 ILE A C     1 
ATOM   1004 O  O     . ILE A 1 123 ? 6.12314   -5.45166  -10.07333 1.000 15.23716 ? 123 ILE A O     1 
ATOM   1005 C  CB    . ILE A 1 123 ? 3.63827   -3.23725  -10.01134 1.000 13.07438 ? 123 ILE A CB    1 
ATOM   1006 C  CG1   . ILE A 1 123 ? 2.58516   -2.89273  -8.95124  1.000 17.49669 ? 123 ILE A CG1   1 
ATOM   1007 C  CG2   . ILE A 1 123 ? 3.20681   -4.44979  -10.83046 1.000 13.73708 ? 123 ILE A CG2   1 
ATOM   1008 C  CD1   . ILE A 1 123 ? 1.42573   -2.15920  -9.49476  1.000 17.83263 ? 123 ILE A CD1   1 
ATOM   1009 N  N     . ALA A 1 124 ? 6.72828   -3.48862  -10.99464 1.000 15.09036 ? 124 ALA A N     1 
ATOM   1010 C  CA    . ALA A 1 124 ? 7.76290   -4.11547  -11.81207 1.000 15.64747 ? 124 ALA A CA    1 
ATOM   1011 C  C     . ALA A 1 124 ? 8.84287   -4.73769  -10.93761 1.000 17.04569 ? 124 ALA A C     1 
ATOM   1012 O  O     . ALA A 1 124 ? 9.25390   -5.88228  -11.15232 1.000 18.25539 ? 124 ALA A O     1 
ATOM   1013 C  CB    . ALA A 1 124 ? 8.36898   -3.08772  -12.77080 1.000 16.53076 ? 124 ALA A CB    1 
ATOM   1014 N  N     . LYS A 1 125 ? 9.29786   -3.99973  -9.92828  1.000 17.53082 ? 125 LYS A N     1 
ATOM   1015 C  CA    . LYS A 1 125 ? 10.34687  -4.50592  -9.05141  1.000 18.05156 ? 125 LYS A CA    1 
ATOM   1016 C  C     . LYS A 1 125 ? 9.86912   -5.71744  -8.26064  1.000 21.44410 ? 125 LYS A C     1 
ATOM   1017 O  O     . LYS A 1 125 ? 10.64192  -6.65243  -8.01729  1.000 20.79664 ? 125 LYS A O     1 
ATOM   1018 C  CB    . LYS A 1 125 ? 10.81588  -3.38698  -8.12150  1.000 19.28593 ? 125 LYS A CB    1 
ATOM   1019 C  CG    . LYS A 1 125 ? 11.90915  -3.78564  -7.14660  1.000 24.78649 ? 125 LYS A CG    1 
ATOM   1020 C  CD    . LYS A 1 125 ? 12.31112  -2.60978  -6.27755  1.000 28.20282 ? 125 LYS A CD    1 
ATOM   1021 C  CE    . LYS A 1 125 ? 13.37993  -3.00562  -5.28023  1.000 31.27870 ? 125 LYS A CE    1 
ATOM   1022 N  NZ    . LYS A 1 125 ? 13.81174  -1.84046  -4.47764  1.000 27.83813 ? 125 LYS A NZ    1 
ATOM   1023 N  N     . LEU A 1 126 ? 8.59345   -5.72432  -7.85486  1.000 17.07245 ? 126 LEU A N     1 
ATOM   1024 C  CA    . LEU A 1 126 ? 8.04885   -6.87795  -7.14319  1.000 19.47642 ? 126 LEU A CA    1 
ATOM   1025 C  C     . LEU A 1 126 ? 8.10487   -8.13650  -7.99528  1.000 21.67869 ? 126 LEU A C     1 
ATOM   1026 O  O     . LEU A 1 126 ? 8.46374   -9.21391  -7.50783  1.000 24.28447 ? 126 LEU A O     1 
ATOM   1027 C  CB    . LEU A 1 126 ? 6.60758   -6.60532  -6.72796  1.000 18.96968 ? 126 LEU A CB    1 
ATOM   1028 C  CG    . LEU A 1 126 ? 6.39150   -5.82046  -5.44096  1.000 19.38127 ? 126 LEU A CG    1 
ATOM   1029 C  CD1   . LEU A 1 126 ? 4.93891   -5.41340  -5.34424  1.000 17.03049 ? 126 LEU A CD1   1 
ATOM   1030 C  CD2   . LEU A 1 126 ? 6.80906   -6.65077  -4.22509  1.000 18.21202 ? 126 LEU A CD2   1 
ATOM   1031 N  N     . LYS A 1 127 ? 7.72658   -8.02631  -9.26405  1.000 20.01151 ? 127 LYS A N     1 
ATOM   1032 C  CA    . LYS A 1 127 ? 7.80930   -9.16281  -10.16981 1.000 25.69580 ? 127 LYS A CA    1 
ATOM   1033 C  C     . LYS A 1 127 ? 9.24432   -9.59521  -10.43924 1.000 30.03928 ? 127 LYS A C     1 
ATOM   1034 O  O     . LYS A 1 127 ? 9.45265   -10.69467 -10.96230 1.000 33.98205 ? 127 LYS A O     1 
ATOM   1035 C  CB    . LYS A 1 127 ? 7.10267   -8.82032  -11.47690 1.000 23.52790 ? 127 LYS A CB    1 
ATOM   1036 C  CG    . LYS A 1 127 ? 5.60337   -8.60756  -11.32894 1.000 18.98291 ? 127 LYS A CG    1 
ATOM   1037 C  CD    . LYS A 1 127 ? 5.02310   -8.18452  -12.65898 1.000 22.87969 ? 127 LYS A CD    1 
ATOM   1038 C  CE    . LYS A 1 127 ? 3.52206   -8.28776  -12.67430 1.000 21.47586 ? 127 LYS A CE    1 
ATOM   1039 N  NZ    . LYS A 1 127 ? 2.99399   -8.03132  -14.04559 1.000 21.57253 ? 127 LYS A NZ    1 
ATOM   1040 N  N     . ARG A 1 128 ? 10.22869  -8.76057  -10.09812 1.000 27.66356 ? 128 ARG A N     1 
ATOM   1041 C  CA    . ARG A 1 128 ? 11.63560  -9.11544  -10.23020 1.000 33.31119 ? 128 ARG A CA    1 
ATOM   1042 C  C     . ARG A 1 128 ? 12.11543  -10.04565 -9.12456  1.000 36.41738 ? 128 ARG A C     1 
ATOM   1043 O  O     . ARG A 1 128 ? 13.14965  -10.70080 -9.29421  1.000 43.87769 ? 128 ARG A O     1 
ATOM   1044 C  CB    . ARG A 1 128 ? 12.48997  -7.84789  -10.23135 1.000 33.51280 ? 128 ARG A CB    1 
ATOM   1045 C  CG    . ARG A 1 128 ? 13.88909  -8.02305  -10.76653 1.000 40.45731 ? 128 ARG A CG    1 
ATOM   1046 C  CD    . ARG A 1 128 ? 13.88667  -8.07623  -12.27862 1.000 41.11291 ? 128 ARG A CD    1 
ATOM   1047 N  NE    . ARG A 1 128 ? 13.15668  -6.95529  -12.86285 1.000 42.29237 ? 128 ARG A NE    1 
ATOM   1048 C  CZ    . ARG A 1 128 ? 11.98200  -7.06959  -13.47814 1.000 41.30852 ? 128 ARG A CZ    1 
ATOM   1049 N  NH1   . ARG A 1 128 ? 11.40505  -8.26185  -13.58909 1.000 44.64576 ? 128 ARG A NH1   1 
ATOM   1050 N  NH2   . ARG A 1 128 ? 11.38301  -5.99617  -13.98442 1.000 37.34215 ? 128 ARG A NH2   1 
ATOM   1051 N  N     . LEU A 1 129 ? 11.40239  -10.11285 -8.00142  1.000 34.48961 ? 129 LEU A N     1 
ATOM   1052 C  CA    . LEU A 1 129 ? 11.76400  -10.99225 -6.88965  1.000 38.74028 ? 129 LEU A CA    1 
ATOM   1053 C  C     . LEU A 1 129 ? 11.74278  -12.47108 -7.28454  1.000 43.50921 ? 129 LEU A C     1 
ATOM   1054 O  O     . LEU A 1 129 ? 11.32724  -12.84681 -8.38284  1.000 45.74543 ? 129 LEU A O     1 
ATOM   1055 C  CB    . LEU A 1 129 ? 10.81809  -10.77228 -5.70258  1.000 38.60506 ? 129 LEU A CB    1 
ATOM   1056 C  CG    . LEU A 1 129 ? 10.72453  -9.35292  -5.14032  1.000 34.81770 ? 129 LEU A CG    1 
ATOM   1057 C  CD1   . LEU A 1 129 ? 9.87681   -9.31841  -3.87706  1.000 32.08228 ? 129 LEU A CD1   1 
ATOM   1058 C  CD2   . LEU A 1 129 ? 12.11020  -8.79961  -4.88312  1.000 34.33987 ? 129 LEU A CD2   1 
ATOM   1059 O  OXT   . LEU A 1 129 ? 12.13890  -13.33489 -6.50126  1.000 49.97125 ? 129 LEU A OXT   1 
HETATM 1060 C  C1    . GLC B 2 .   ? 14.26370  -2.76258  11.51423  1.000 23.66314 ? 1   GLC B C1    1 
HETATM 1061 C  C2    . GLC B 2 .   ? 13.78098  -3.62074  12.67464  1.000 21.25065 ? 1   GLC B C2    1 
HETATM 1062 C  C3    . GLC B 2 .   ? 12.46339  -4.30084  12.32152  1.000 22.59184 ? 1   GLC B C3    1 
HETATM 1063 C  C4    . GLC B 2 .   ? 11.41856  -3.26327  11.92240  1.000 20.28190 ? 1   GLC B C4    1 
HETATM 1064 C  C5    . GLC B 2 .   ? 11.98504  -2.40571  10.78917  1.000 21.35718 ? 1   GLC B C5    1 
HETATM 1065 C  C6    . GLC B 2 .   ? 11.02178  -1.27585  10.42228  1.000 17.72747 ? 1   GLC B C6    1 
HETATM 1066 O  O2    . GLC B 2 .   ? 14.77582  -4.58882  12.92864  1.000 23.52948 ? 1   GLC B O2    1 
HETATM 1067 O  O3    . GLC B 2 .   ? 12.02511  -5.07606  13.41568  1.000 22.07795 ? 1   GLC B O3    1 
HETATM 1068 O  O4    . GLC B 2 .   ? 10.22320  -3.88743  11.47966  1.000 18.29414 ? 1   GLC B O4    1 
HETATM 1069 O  O5    . GLC B 2 .   ? 13.24224  -1.84753  11.14346  1.000 22.55166 ? 1   GLC B O5    1 
HETATM 1070 O  O6    . GLC B 2 .   ? 10.67399  -0.53247  11.57194  1.000 24.84425 ? 1   GLC B O6    1 
HETATM 1071 C  C1    . FRU B 2 .   ? 17.05213  -3.48298  10.63718  1.000 24.48368 ? 2   FRU B C1    1 
HETATM 1072 C  C2    . FRU B 2 .   ? 15.80328  -3.32135  9.76534   1.000 24.38193 ? 2   FRU B C2    1 
HETATM 1073 C  C3    . FRU B 2 .   ? 15.85692  -4.20117  8.52159   1.000 25.63109 ? 2   FRU B C3    1 
HETATM 1074 C  C4    . FRU B 2 .   ? 14.97743  -3.44868  7.54601   1.000 23.27089 ? 2   FRU B C4    1 
HETATM 1075 C  C5    . FRU B 2 .   ? 15.18709  -1.99259  7.95665   1.000 21.54322 ? 2   FRU B C5    1 
HETATM 1076 C  C6    . FRU B 2 .   ? 13.90877  -1.16602  7.88977   1.000 19.64964 ? 2   FRU B C6    1 
HETATM 1077 O  O1    . FRU B 2 .   ? 18.22455  -3.23633  9.88239   1.000 24.08314 ? 2   FRU B O1    1 
HETATM 1078 O  O2    . FRU B 2 .   ? 14.61723  -3.65059  10.47103  1.000 25.19560 ? 2   FRU B O2    1 
HETATM 1079 O  O3    . FRU B 2 .   ? 15.35207  -5.49460  8.76188   1.000 27.01848 ? 2   FRU B O3    1 
HETATM 1080 O  O4    . FRU B 2 .   ? 15.37311  -3.70277  6.21171   1.000 25.49439 ? 2   FRU B O4    1 
HETATM 1081 O  O5    . FRU B 2 .   ? 15.69108  -1.99450  9.28748   1.000 22.45605 ? 2   FRU B O5    1 
HETATM 1082 O  O6    . FRU B 2 .   ? 14.26528  0.19683   7.95445   1.000 21.83450 ? 2   FRU B O6    1 
HETATM 1083 O  OP3   . 8OG C 3 .   ? -6.38759  7.92044   0.36978   1.000 13.79690 ? 201 8OG A OP3   1 
HETATM 1084 P  P     . 8OG C 3 .   ? -5.31593  7.53583   1.34377   1.000 13.12579 ? 201 8OG A P     1 
HETATM 1085 O  OP1   . 8OG C 3 .   ? -5.49237  8.19561   2.69050   1.000 15.14404 ? 201 8OG A OP1   1 
HETATM 1086 O  OP2   . 8OG C 3 .   ? -5.06533  6.03456   1.42762   1.000 13.31879 ? 201 8OG A OP2   1 
HETATM 1087 O  "O5'" . 8OG C 3 .   ? -3.94800  8.20995   0.80730   1.000 13.35043 ? 201 8OG A "O5'" 1 
HETATM 1088 C  "C5'" . 8OG C 3 .   ? -3.15855  7.56537   -0.18031  1.000 10.90331 ? 201 8OG A "C5'" 1 
HETATM 1089 C  "C4'" . 8OG C 3 .   ? -2.70636  8.53241   -1.28453  1.000 9.54867  ? 201 8OG A "C4'" 1 
HETATM 1090 O  "O4'" . 8OG C 3 .   ? -1.61260  7.91183   -1.93155  1.000 9.31272  ? 201 8OG A "O4'" 1 
HETATM 1091 C  "C3'" . 8OG C 3 .   ? -3.74624  8.74446   -2.37789  1.000 10.16125 ? 201 8OG A "C3'" 1 
HETATM 1092 O  "O3'" . 8OG C 3 .   ? -3.47329  10.00582  -3.01052  1.000 11.98304 ? 201 8OG A "O3'" 1 
HETATM 1093 C  "C2'" . 8OG C 3 .   ? -3.44148  7.67066   -3.39863  1.000 9.71818  ? 201 8OG A "C2'" 1 
HETATM 1094 C  "C1'" . 8OG C 3 .   ? -1.92240  7.58598   -3.28083  1.000 9.68604  ? 201 8OG A "C1'" 1 
HETATM 1095 N  N9    . 8OG C 3 .   ? -1.46363  6.21603   -3.58629  1.000 9.25006  ? 201 8OG A N9    1 
HETATM 1096 C  C8    . 8OG C 3 .   ? -0.75123  5.81262   -4.63188  1.000 8.40767  ? 201 8OG A C8    1 
HETATM 1097 N  N7    . 8OG C 3 .   ? -0.46533  4.49704   -4.63847  1.000 8.01937  ? 201 8OG A N7    1 
HETATM 1098 C  C5    . 8OG C 3 .   ? -1.04817  4.03793   -3.48493  1.000 6.85155  ? 201 8OG A C5    1 
HETATM 1099 C  C6    . 8OG C 3 .   ? -1.14919  2.78522   -2.86675  1.000 7.43840  ? 201 8OG A C6    1 
HETATM 1100 O  O6    . 8OG C 3 .   ? -0.66022  1.73878   -3.37165  1.000 8.09229  ? 201 8OG A O6    1 
HETATM 1101 N  N1    . 8OG C 3 .   ? -1.80361  2.69343   -1.69060  1.000 6.46167  ? 201 8OG A N1    1 
HETATM 1102 C  C2    . 8OG C 3 .   ? -2.36920  3.75653   -1.10416  1.000 7.29512  ? 201 8OG A C2    1 
HETATM 1103 N  N2    . 8OG C 3 .   ? -3.00077  3.62767   0.08829   1.000 8.76198  ? 201 8OG A N2    1 
HETATM 1104 N  N3    . 8OG C 3 .   ? -2.29555  4.97350   -1.66412  1.000 8.84366  ? 201 8OG A N3    1 
HETATM 1105 C  C4    . 8OG C 3 .   ? -1.65427  5.12205   -2.84459  1.000 7.83319  ? 201 8OG A C4    1 
HETATM 1106 O  O8    . 8OG C 3 .   ? -0.39197  6.63565   -5.56787  1.000 8.09449  ? 201 8OG A O8    1 
HETATM 1107 S  S     . SO4 D 4 .   ? 8.84192   -4.77262  14.61213  0.650 19.97674 ? 202 SO4 A S     1 
HETATM 1108 O  O1    . SO4 D 4 .   ? 7.89217   -4.58074  15.71126  0.650 25.44360 ? 202 SO4 A O1    1 
HETATM 1109 O  O2    . SO4 D 4 .   ? 10.11818  -4.15020  14.94562  0.650 22.60670 ? 202 SO4 A O2    1 
HETATM 1110 O  O3    . SO4 D 4 .   ? 9.04002   -6.21428  14.46889  0.650 13.84893 ? 202 SO4 A O3    1 
HETATM 1111 O  O4    . SO4 D 4 .   ? 8.29131   -4.11691  13.42054  0.650 17.04181 ? 202 SO4 A O4    1 
HETATM 1112 MG MG    . MG  E 5 .   ? -5.63600  4.57700   2.81429   0.900 11.23488 ? 203 MG  A MG    1 
HETATM 1113 MG MG    . MG  F 5 .   ? -6.27653  4.84066   5.88574   0.500 17.82582 ? 204 MG  A MG    1 
HETATM 1114 O  O     . HOH G 6 .   ? 6.69146   -6.03429  16.84437  1.000 28.48941 ? 301 HOH A O     1 
HETATM 1115 O  O     . HOH G 6 .   ? -0.61077  9.12188   14.27466  1.000 18.67062 ? 302 HOH A O     1 
HETATM 1116 O  O     . HOH G 6 .   ? -4.50622  9.09184   4.68190   1.000 18.65926 ? 303 HOH A O     1 
HETATM 1117 O  O     . HOH G 6 .   ? -0.91499  15.20823  10.94319  1.000 26.24116 ? 304 HOH A O     1 
HETATM 1118 O  O     . HOH G 6 .   ? -2.36804  -19.46945 -1.35751  1.000 29.36797 ? 305 HOH A O     1 
HETATM 1119 O  O     . HOH G 6 .   ? -12.15453 -12.87935 -5.64467  1.000 28.38211 ? 306 HOH A O     1 
HETATM 1120 O  O     . HOH G 6 .   ? -10.57171 3.49118   9.84800   1.000 26.53600 ? 307 HOH A O     1 
HETATM 1121 O  O     . HOH G 6 .   ? -3.55015  9.30165   8.27556   1.000 19.19518 ? 308 HOH A O     1 
HETATM 1122 O  O     . HOH G 6 .   ? -8.33495  19.00678  -6.17533  1.000 30.57313 ? 309 HOH A O     1 
HETATM 1123 O  O     . HOH G 6 .   ? 5.75194   -15.59166 -0.90689  1.000 28.09487 ? 310 HOH A O     1 
HETATM 1124 O  O     . HOH G 6 .   ? -7.11753  4.15269   7.75025   1.000 23.84290 ? 311 HOH A O     1 
HETATM 1125 O  O     . HOH G 6 .   ? 5.01775   -13.89512 4.15352   1.000 18.27837 ? 312 HOH A O     1 
HETATM 1126 O  O     . HOH G 6 .   ? -8.77364  7.01279   0.78853   1.000 22.11114 ? 313 HOH A O     1 
HETATM 1127 O  O     . HOH G 6 .   ? -14.41098 -2.71510  11.13863  1.000 27.47249 ? 314 HOH A O     1 
HETATM 1128 O  O     . HOH G 6 .   ? 5.36922   -3.56213  14.36180  1.000 22.67309 ? 315 HOH A O     1 
HETATM 1129 O  O     . HOH G 6 .   ? -4.59931  14.16520  -8.88829  1.000 14.57703 ? 316 HOH A O     1 
HETATM 1130 O  O     . HOH G 6 .   ? -3.74969  -3.53092  -19.17418 1.000 32.89781 ? 317 HOH A O     1 
HETATM 1131 O  O     . HOH G 6 .   ? -4.01146  -19.61935 -3.65606  1.000 26.63516 ? 318 HOH A O     1 
HETATM 1132 O  O     . HOH G 6 .   ? -7.03439  -0.87195  2.47266   1.000 12.96976 ? 319 HOH A O     1 
HETATM 1133 O  O     . HOH G 6 .   ? -8.71039  2.56777   0.79650   1.000 17.74078 ? 320 HOH A O     1 
HETATM 1134 O  O     . HOH G 6 .   ? -1.42294  -17.77200 -6.31457  1.000 19.69374 ? 321 HOH A O     1 
HETATM 1135 O  O     . HOH G 6 .   ? -8.99510  16.92258  -7.73449  1.000 28.00526 ? 322 HOH A O     1 
HETATM 1136 O  O     . HOH G 6 .   ? 0.59597   18.42186  -11.22166 1.000 18.15994 ? 323 HOH A O     1 
HETATM 1137 O  O     . HOH G 6 .   ? 5.22055   -1.59156  -13.95896 1.000 21.44758 ? 324 HOH A O     1 
HETATM 1138 O  O     . HOH G 6 .   ? 7.65513   -8.15107  7.48044   1.000 15.78570 ? 325 HOH A O     1 
HETATM 1139 O  O     . HOH G 6 .   ? -0.53165  14.53938  14.29229  1.000 26.26555 ? 326 HOH A O     1 
HETATM 1140 O  O     . HOH G 6 .   ? -19.17830 10.88570  -2.30892  1.000 32.65225 ? 327 HOH A O     1 
HETATM 1141 O  O     . HOH G 6 .   ? -0.01439  -4.25313  -17.73436 1.000 25.74785 ? 328 HOH A O     1 
HETATM 1142 O  O     . HOH G 6 .   ? -7.16129  -9.43524  11.58636  1.000 12.07860 ? 329 HOH A O     1 
HETATM 1143 O  O     . HOH G 6 .   ? -3.61334  -13.73264 -10.40293 1.000 13.76950 ? 330 HOH A O     1 
HETATM 1144 O  O     . HOH G 6 .   ? 7.05797   9.28616   16.52368  1.000 13.02671 ? 331 HOH A O     1 
HETATM 1145 O  O     . HOH G 6 .   ? -5.63297  -16.40350 4.48565   1.000 16.39338 ? 332 HOH A O     1 
HETATM 1146 O  O     . HOH G 6 .   ? -10.61181 0.80611   11.12973  1.000 15.32549 ? 333 HOH A O     1 
HETATM 1147 O  O     . HOH G 6 .   ? -0.33022  -5.21412  0.04475   1.000 7.59208  ? 334 HOH A O     1 
HETATM 1148 O  O     . HOH G 6 .   ? 0.91179   1.34480   -11.33772 1.000 13.81092 ? 335 HOH A O     1 
HETATM 1149 O  O     . HOH G 6 .   ? 13.69480  1.66300   9.94227   1.000 15.26592 ? 336 HOH A O     1 
HETATM 1150 O  O     . HOH G 6 .   ? -6.39476  -6.66600  -14.69083 1.000 31.99896 ? 337 HOH A O     1 
HETATM 1151 O  O     . HOH G 6 .   ? -0.49539  1.90249   16.05140  1.000 14.42576 ? 338 HOH A O     1 
HETATM 1152 O  O     . HOH G 6 .   ? 9.53464   4.56871   14.44616  1.000 17.06951 ? 339 HOH A O     1 
HETATM 1153 O  O     . HOH G 6 .   ? -17.30482 -0.39776  0.52548   1.000 28.79673 ? 340 HOH A O     1 
HETATM 1154 O  O     . HOH G 6 .   ? 1.31298   6.05251   15.17089  1.000 16.09422 ? 341 HOH A O     1 
HETATM 1155 O  O     . HOH G 6 .   ? -10.34304 1.53607   3.02270   1.000 22.06197 ? 342 HOH A O     1 
HETATM 1156 O  O     . HOH G 6 .   ? -5.85983  5.99621   4.23115   1.000 15.81557 ? 343 HOH A O     1 
HETATM 1157 O  O     . HOH G 6 .   ? -9.15279  6.68560   -10.85244 1.000 19.43414 ? 344 HOH A O     1 
HETATM 1158 O  O     . HOH G 6 .   ? -7.68134  9.70638   3.26556   1.000 31.62709 ? 345 HOH A O     1 
HETATM 1159 O  O     . HOH G 6 .   ? 10.92851  -8.05425  15.14374  1.000 18.19259 ? 346 HOH A O     1 
HETATM 1160 O  O     . HOH G 6 .   ? -6.81670  -12.79232 4.61447   1.000 9.17404  ? 347 HOH A O     1 
HETATM 1161 O  O     . HOH G 6 .   ? -8.46705  4.61306   5.41260   1.000 23.45974 ? 348 HOH A O     1 
HETATM 1162 O  O     . HOH G 6 .   ? 10.31953  12.16733  2.39487   1.000 20.75923 ? 349 HOH A O     1 
HETATM 1163 O  O     . HOH G 6 .   ? -3.47893  -15.40508 10.44283  1.000 27.30209 ? 350 HOH A O     1 
HETATM 1164 O  O     A HOH G 6 .   ? -13.41812 8.62234   -0.41091  0.470 20.76357 ? 351 HOH A O     1 
HETATM 1165 O  O     B HOH G 6 .   ? -12.76229 6.96663   0.83631   0.530 23.30998 ? 351 HOH A O     1 
HETATM 1166 O  O     . HOH G 6 .   ? 13.24431  6.00226   -5.87878  1.000 28.72193 ? 352 HOH A O     1 
HETATM 1167 O  O     . HOH G 6 .   ? 11.36197  -0.47606  -10.88451 1.000 25.45909 ? 353 HOH A O     1 
HETATM 1168 O  O     . HOH G 6 .   ? 9.31851   -8.02873  5.21374   1.000 19.90421 ? 354 HOH A O     1 
HETATM 1169 O  O     . HOH G 6 .   ? -6.06553  7.40824   9.28729   1.000 26.82388 ? 355 HOH A O     1 
HETATM 1170 O  O     . HOH G 6 .   ? -5.58720  2.98078   1.48390   1.000 10.77810 ? 356 HOH A O     1 
HETATM 1171 O  O     . HOH G 6 .   ? -5.30280  8.01041   7.13350   1.000 20.29286 ? 357 HOH A O     1 
HETATM 1172 O  O     . HOH G 6 .   ? 11.95952  5.88684   12.59396  1.000 14.03049 ? 358 HOH A O     1 
HETATM 1173 O  O     . HOH G 6 .   ? 9.97906   -12.54669 9.63677   1.000 31.03130 ? 359 HOH A O     1 
HETATM 1174 O  O     . HOH G 6 .   ? 0.19522   14.39460  -13.10355 1.000 23.57924 ? 360 HOH A O     1 
HETATM 1175 O  O     . HOH G 6 .   ? 1.73701   3.09655   14.89472  1.000 12.73605 ? 361 HOH A O     1 
HETATM 1176 O  O     . HOH G 6 .   ? -0.44437  -8.64939  -15.38831 1.000 22.49401 ? 362 HOH A O     1 
HETATM 1177 O  O     . HOH G 6 .   ? -3.30387  21.49355  -10.42841 1.000 15.70417 ? 363 HOH A O     1 
HETATM 1178 O  O     . HOH G 6 .   ? 12.35128  -7.94224  6.64843   1.000 27.68049 ? 364 HOH A O     1 
HETATM 1179 O  O     . HOH G 6 .   ? -6.63364  10.62402  -0.42424  1.000 20.85521 ? 365 HOH A O     1 
HETATM 1180 O  O     . HOH G 6 .   ? -0.57335  -13.64776 10.84631  1.000 24.13716 ? 366 HOH A O     1 
HETATM 1181 O  O     . HOH G 6 .   ? -4.36619  11.98088  -1.18537  1.000 15.95623 ? 367 HOH A O     1 
HETATM 1182 O  O     . HOH G 6 .   ? 1.03757   11.22653  15.52013  1.000 20.01678 ? 368 HOH A O     1 
HETATM 1183 O  O     . HOH G 6 .   ? -2.96854  -11.12764 -9.51734  1.000 12.05686 ? 369 HOH A O     1 
HETATM 1184 O  O     A HOH G 6 .   ? -8.32779  -5.61657  -11.76411 0.510 18.51503 ? 370 HOH A O     1 
HETATM 1185 O  O     B HOH G 6 .   ? -9.36584  -3.53056  -11.82167 0.490 19.09476 ? 370 HOH A O     1 
HETATM 1186 O  O     . HOH G 6 .   ? 1.67472   -16.59672 4.61758   1.000 25.01694 ? 371 HOH A O     1 
HETATM 1187 O  O     . HOH G 6 .   ? -3.73213  -6.28522  -10.93963 1.000 13.99416 ? 372 HOH A O     1 
HETATM 1188 O  O     . HOH G 6 .   ? 4.07081   12.27355  18.62231  1.000 15.00223 ? 373 HOH A O     1 
HETATM 1189 O  O     . HOH G 6 .   ? -13.20609 -7.20025  1.63570   1.000 15.56168 ? 374 HOH A O     1 
HETATM 1190 O  O     . HOH G 6 .   ? -1.20286  2.86076   -13.67341 1.000 19.97142 ? 375 HOH A O     1 
HETATM 1191 O  O     . HOH G 6 .   ? 1.21186   -16.88549 -6.52571  1.000 21.99571 ? 376 HOH A O     1 
HETATM 1192 O  O     . HOH G 6 .   ? 14.82913  -3.32011  1.50071   1.000 30.86209 ? 377 HOH A O     1 
HETATM 1193 O  O     . HOH G 6 .   ? 5.54641   14.73477  -1.06882  1.000 18.46999 ? 378 HOH A O     1 
HETATM 1194 O  O     . HOH G 6 .   ? 9.92092   13.98368  0.03439   1.000 27.40788 ? 379 HOH A O     1 
HETATM 1195 O  O     . HOH G 6 .   ? 6.33720   6.24074   -9.92844  1.000 17.22367 ? 380 HOH A O     1 
HETATM 1196 O  O     . HOH G 6 .   ? 0.59720   15.49145  15.95620  1.000 32.00111 ? 381 HOH A O     1 
HETATM 1197 O  O     . HOH G 6 .   ? 12.70483  -4.74863  0.88555   1.000 23.65493 ? 382 HOH A O     1 
HETATM 1198 O  O     . HOH G 6 .   ? 3.24011   8.66818   -15.26586 1.000 30.21582 ? 383 HOH A O     1 
HETATM 1199 O  O     . HOH G 6 .   ? -9.11886  10.65136  -1.32409  1.000 21.52286 ? 384 HOH A O     1 
HETATM 1200 O  O     . HOH G 6 .   ? 3.91562   14.04502  8.71042   1.000 21.44102 ? 385 HOH A O     1 
HETATM 1201 O  O     . HOH G 6 .   ? -7.73467  4.67560   2.25278   1.000 14.77791 ? 386 HOH A O     1 
HETATM 1202 O  O     . HOH G 6 .   ? 2.89318   -15.03782 -8.05236  1.000 17.23980 ? 387 HOH A O     1 
HETATM 1203 O  O     . HOH G 6 .   ? -8.28076  -0.96372  -11.27641 1.000 19.40133 ? 388 HOH A O     1 
HETATM 1204 O  O     . HOH G 6 .   ? 2.21127   13.70508  5.16100   1.000 21.39928 ? 389 HOH A O     1 
HETATM 1205 O  O     . HOH G 6 .   ? -3.58401  -5.79340  14.80443  1.000 23.93696 ? 390 HOH A O     1 
HETATM 1206 O  O     . HOH G 6 .   ? -13.31654 0.07640   10.61832  1.000 26.61524 ? 391 HOH A O     1 
HETATM 1207 O  O     . HOH G 6 .   ? -15.20744 7.72536   -9.92518  1.000 15.27357 ? 392 HOH A O     1 
HETATM 1208 O  O     . HOH G 6 .   ? 13.42360  -6.93009  -7.16335  1.000 32.24367 ? 393 HOH A O     1 
HETATM 1209 O  O     . HOH G 6 .   ? 2.74245   -14.00532 13.08930  1.000 30.89172 ? 394 HOH A O     1 
HETATM 1210 O  O     . HOH G 6 .   ? 10.25791  -10.43956 7.67170   1.000 30.08655 ? 395 HOH A O     1 
HETATM 1211 O  O     . HOH G 6 .   ? 6.02125   12.54234  -11.10689 1.000 17.04491 ? 396 HOH A O     1 
HETATM 1212 O  O     . HOH G 6 .   ? 8.82746   -1.22582  13.55139  1.000 27.04890 ? 397 HOH A O     1 
HETATM 1213 O  O     . HOH G 6 .   ? -0.79777  11.24781  -13.24954 1.000 23.89328 ? 398 HOH A O     1 
HETATM 1214 O  O     . HOH G 6 .   ? -4.76904  -8.27702  14.45899  1.000 26.46626 ? 399 HOH A O     1 
HETATM 1215 O  O     . HOH G 6 .   ? -16.99650 3.46041   -3.18527  1.000 19.75951 ? 400 HOH A O     1 
HETATM 1216 O  O     . HOH G 6 .   ? 8.16317   7.87835   -9.41055  1.000 25.02032 ? 401 HOH A O     1 
HETATM 1217 O  O     . HOH G 6 .   ? 8.52427   -12.51392 -7.49440  1.000 40.64540 ? 402 HOH A O     1 
HETATM 1218 O  O     . HOH G 6 .   ? -9.50528  14.05228  -4.02356  1.000 34.03141 ? 403 HOH A O     1 
HETATM 1219 O  O     A HOH G 6 .   ? -16.46782 -4.51545  0.29828   0.580 16.06304 ? 404 HOH A O     1 
HETATM 1220 O  O     B HOH G 6 .   ? -16.70117 -2.92257  -0.49319  0.420 17.08713 ? 404 HOH A O     1 
HETATM 1221 O  O     . HOH G 6 .   ? 2.20469   -4.89915  -14.76103 1.000 17.43611 ? 405 HOH A O     1 
HETATM 1222 O  O     . HOH G 6 .   ? 3.86069   12.80897  -13.19764 1.000 21.20383 ? 406 HOH A O     1 
HETATM 1223 O  O     . HOH G 6 .   ? 11.10687  9.33244   -7.13199  1.000 20.62283 ? 407 HOH A O     1 
HETATM 1224 O  O     . HOH G 6 .   ? -13.98065 0.21262   -3.40409  1.000 14.25779 ? 408 HOH A O     1 
HETATM 1225 O  O     . HOH G 6 .   ? -2.61212  -13.97477 7.62607   1.000 22.26278 ? 409 HOH A O     1 
HETATM 1226 O  O     . HOH G 6 .   ? -11.04697 -5.55015  -6.16393  1.000 17.59587 ? 410 HOH A O     1 
HETATM 1227 O  O     . HOH G 6 .   ? -16.03131 -3.62850  8.27221   1.000 19.66282 ? 411 HOH A O     1 
HETATM 1228 O  O     . HOH G 6 .   ? -8.14919  11.00855  -8.91345  1.000 15.84424 ? 412 HOH A O     1 
HETATM 1229 O  O     . HOH G 6 .   ? 6.45541   15.30446  12.48599  1.000 12.31247 ? 413 HOH A O     1 
HETATM 1230 O  O     . HOH G 6 .   ? 14.86620  -1.83104  4.34265   1.000 26.32579 ? 414 HOH A O     1 
HETATM 1231 O  O     . HOH G 6 .   ? -3.98695  11.17149  1.53976   1.000 26.14644 ? 415 HOH A O     1 
HETATM 1232 O  O     . HOH G 6 .   ? -9.47792  -5.85224  -3.99302  1.000 16.29520 ? 416 HOH A O     1 
HETATM 1233 O  O     . HOH G 6 .   ? -4.18845  -11.51571 -13.87595 1.000 25.03582 ? 417 HOH A O     1 
HETATM 1234 O  O     . HOH G 6 .   ? 5.71730   6.04155   -12.23391 1.000 27.44309 ? 418 HOH A O     1 
HETATM 1235 O  O     . HOH G 6 .   ? -10.28180 4.60893   -0.68562  1.000 17.86513 ? 419 HOH A O     1 
HETATM 1236 O  O     . HOH G 6 .   ? 4.00030   8.90414   18.05971  1.000 19.19540 ? 420 HOH A O     1 
HETATM 1237 O  O     . HOH G 6 .   ? 7.69190   2.85166   17.49725  1.000 31.30729 ? 421 HOH A O     1 
HETATM 1238 O  O     . HOH G 6 .   ? -4.56437  2.97668   -16.30503 1.000 32.83219 ? 422 HOH A O     1 
HETATM 1239 O  O     . HOH G 6 .   ? 6.81575   0.72951   13.65966  1.000 18.93388 ? 423 HOH A O     1 
HETATM 1240 O  O     . HOH G 6 .   ? -11.73604 -7.92513  -3.47705  1.000 25.03423 ? 424 HOH A O     1 
HETATM 1241 O  O     . HOH G 6 .   ? -17.36902 -1.32384  7.60602   1.000 24.61494 ? 425 HOH A O     1 
HETATM 1242 O  O     . HOH G 6 .   ? -3.73720  21.89620  -7.12033  1.000 34.66769 ? 426 HOH A O     1 
HETATM 1243 O  O     . HOH G 6 .   ? -4.46242  -8.84171  -10.12599 1.000 22.77686 ? 427 HOH A O     1 
HETATM 1244 O  O     . HOH G 6 .   ? 2.73887   6.66074   17.31268  1.000 24.97739 ? 428 HOH A O     1 
HETATM 1245 O  O     . HOH G 6 .   ? -15.77714 -6.80593  2.05576   1.000 22.45254 ? 429 HOH A O     1 
HETATM 1246 O  O     . HOH G 6 .   ? -10.38502 5.42186   -13.05661 1.000 26.48055 ? 430 HOH A O     1 
HETATM 1247 O  O     . HOH G 6 .   ? -8.87111  9.22700   -10.81624 1.000 26.44600 ? 431 HOH A O     1 
HETATM 1248 O  O     . HOH G 6 .   ? -6.63107  12.98845  -10.42607 1.000 18.32894 ? 432 HOH A O     1 
HETATM 1249 O  O     . HOH G 6 .   ? 0.78265   -15.15179 8.55823   1.000 30.66362 ? 433 HOH A O     1 
HETATM 1250 O  O     . HOH G 6 .   ? 0.33316   16.88081  -13.89483 1.000 21.93970 ? 434 HOH A O     1 
HETATM 1251 O  O     . HOH G 6 .   ? -9.57689  13.11540  -7.03611  1.000 28.92810 ? 435 HOH A O     1 
HETATM 1252 O  O     . HOH G 6 .   ? 7.31211   9.92163   -11.99354 1.000 31.91650 ? 436 HOH A O     1 
HETATM 1253 O  O     . HOH G 6 .   ? 15.75277  -6.31781  5.28467   1.000 33.56967 ? 437 HOH A O     1 
HETATM 1254 O  O     . HOH G 6 .   ? 8.67865   2.19176   15.02695  1.000 25.63152 ? 438 HOH A O     1 
HETATM 1255 O  O     . HOH G 6 .   ? 7.51805   -15.17258 3.38018   1.000 33.42453 ? 439 HOH A O     1 
HETATM 1256 O  O     . HOH G 6 .   ? -1.47668  7.74771   16.46609  1.000 22.52593 ? 440 HOH A O     1 
HETATM 1257 O  O     . HOH G 6 .   ? -4.84965  12.53538  3.34040   1.000 34.20364 ? 441 HOH A O     1 
HETATM 1258 O  O     . HOH G 6 .   ? 3.79190   1.87614   16.18608  1.000 23.03183 ? 442 HOH A O     1 
HETATM 1259 O  O     . HOH G 6 .   ? -17.00813 -4.07462  10.96659  1.000 31.74480 ? 443 HOH A O     1 
HETATM 1260 O  O     . HOH G 6 .   ? 11.01360  6.17839   -9.53641  1.000 31.72685 ? 444 HOH A O     1 
HETATM 1261 O  O     . HOH G 6 .   ? 12.42222  7.59184   -8.04486  1.000 33.41012 ? 445 HOH A O     1 
HETATM 1262 O  O     . HOH G 6 .   ? 13.37850  -6.85486  -0.55581  1.000 32.11904 ? 446 HOH A O     1 
HETATM 1263 O  O     . HOH G 6 .   ? -3.15272  5.68970   16.41309  1.000 17.40506 ? 447 HOH A O     1 
HETATM 1264 O  O     . HOH G 6 .   ? -3.06246  10.46513  -12.60289 1.000 25.67998 ? 448 HOH A O     1 
HETATM 1265 O  O     . HOH G 6 .   ? 16.94973  1.46495   2.31779   1.000 32.16256 ? 449 HOH A O     1 
HETATM 1266 O  O     . HOH G 6 .   ? -4.06159  7.82190   -13.35291 1.000 23.92784 ? 450 HOH A O     1 
HETATM 1267 O  O     . HOH G 6 .   ? -2.88858  6.37739   -15.25230 1.000 34.88443 ? 451 HOH A O     1 
# 
loop_
_pdbx_poly_seq_scheme.asym_id 
_pdbx_poly_seq_scheme.entity_id 
_pdbx_poly_seq_scheme.seq_id 
_pdbx_poly_seq_scheme.mon_id 
_pdbx_poly_seq_scheme.ndb_seq_num 
_pdbx_poly_seq_scheme.pdb_seq_num 
_pdbx_poly_seq_scheme.auth_seq_num 
_pdbx_poly_seq_scheme.pdb_mon_id 
_pdbx_poly_seq_scheme.auth_mon_id 
_pdbx_poly_seq_scheme.pdb_strand_id 
_pdbx_poly_seq_scheme.pdb_ins_code 
_pdbx_poly_seq_scheme.hetero 
A 1 1   MET 1   1   1   MET MET A . n 
A 1 2   LYS 2   2   2   LYS LYS A . n 
A 1 3   LYS 3   3   3   LYS LYS A . n 
A 1 4   LEU 4   4   4   LEU LEU A . n 
A 1 5   GLN 5   5   5   GLN GLN A . n 
A 1 6   ILE 6   6   6   ILE ILE A . n 
A 1 7   ALA 7   7   7   ALA ALA A . n 
A 1 8   VAL 8   8   8   VAL VAL A . n 
A 1 9   GLY 9   9   9   GLY GLY A . n 
A 1 10  ILE 10  10  10  ILE ILE A . n 
A 1 11  ILE 11  11  11  ILE ILE A . n 
A 1 12  ARG 12  12  12  ARG ARG A . n 
A 1 13  ASN 13  13  13  ASN ASN A . n 
A 1 14  GLU 14  14  14  GLU GLU A . n 
A 1 15  ASN 15  15  15  ASN ASN A . n 
A 1 16  ASN 16  16  16  ASN ASN A . n 
A 1 17  GLU 17  17  17  GLU GLU A . n 
A 1 18  ILE 18  18  18  ILE ILE A . n 
A 1 19  PHE 19  19  19  PHE PHE A . n 
A 1 20  ILE 20  20  20  ILE ILE A . n 
A 1 21  THR 21  21  21  THR THR A . n 
A 1 22  ARG 22  22  22  ARG ARG A . n 
A 1 23  ARG 23  23  23  ARG ARG A . n 
A 1 24  ALA 24  24  24  ALA ALA A . n 
A 1 25  ALA 25  25  25  ALA ALA A . n 
A 1 26  ASP 26  26  26  ASP ASP A . n 
A 1 27  ALA 27  27  27  ALA ALA A . n 
A 1 28  HIS 28  28  28  HIS HIS A . n 
A 1 29  MET 29  29  29  MET MET A . n 
A 1 30  ALA 30  30  30  ALA ALA A . n 
A 1 31  ASN 31  31  31  ASN ASN A . n 
A 1 32  LYS 32  32  32  LYS LYS A . n 
A 1 33  LEU 33  33  33  LEU LEU A . n 
A 1 34  GLU 34  34  34  GLU GLU A . n 
A 1 35  PHE 35  35  35  PHE PHE A . n 
A 1 36  PRO 36  36  36  PRO PRO A . n 
A 1 37  GLY 37  37  37  GLY GLY A . n 
A 1 38  GLY 38  38  38  GLY GLY A . n 
A 1 39  LYS 39  39  39  LYS LYS A . n 
A 1 40  ILE 40  40  40  ILE ILE A . n 
A 1 41  GLU 41  41  41  GLU GLU A . n 
A 1 42  MET 42  42  42  MET MET A . n 
A 1 43  GLY 43  43  43  GLY GLY A . n 
A 1 44  GLU 44  44  44  GLU GLU A . n 
A 1 45  THR 45  45  45  THR THR A . n 
A 1 46  PRO 46  46  46  PRO PRO A . n 
A 1 47  GLU 47  47  47  GLU GLU A . n 
A 1 48  GLN 48  48  48  GLN GLN A . n 
A 1 49  ALA 49  49  49  ALA ALA A . n 
A 1 50  VAL 50  50  50  VAL VAL A . n 
A 1 51  VAL 51  51  51  VAL VAL A . n 
A 1 52  ARG 52  52  52  ARG ARG A . n 
A 1 53  GLU 53  53  53  GLU GLU A . n 
A 1 54  LEU 54  54  54  LEU LEU A . n 
A 1 55  GLN 55  55  55  GLN GLN A . n 
A 1 56  GLU 56  56  56  GLU GLU A . n 
A 1 57  GLU 57  57  57  GLU GLU A . n 
A 1 58  VAL 58  58  58  VAL VAL A . n 
A 1 59  GLY 59  59  59  GLY GLY A . n 
A 1 60  ILE 60  60  60  ILE ILE A . n 
A 1 61  THR 61  61  61  THR THR A . n 
A 1 62  PRO 62  62  62  PRO PRO A . n 
A 1 63  GLN 63  63  63  GLN GLN A . n 
A 1 64  HIS 64  64  64  HIS HIS A . n 
A 1 65  PHE 65  65  65  PHE PHE A . n 
A 1 66  SER 66  66  66  SER SER A . n 
A 1 67  LEU 67  67  67  LEU LEU A . n 
A 1 68  PHE 68  68  68  PHE PHE A . n 
A 1 69  GLU 69  69  69  GLU GLU A . n 
A 1 70  LYS 70  70  70  LYS LYS A . n 
A 1 71  LEU 71  71  71  LEU LEU A . n 
A 1 72  GLU 72  72  72  GLU GLU A . n 
A 1 73  TYR 73  73  73  TYR TYR A . n 
A 1 74  GLU 74  74  74  GLU GLU A . n 
A 1 75  PHE 75  75  75  PHE PHE A . n 
A 1 76  PRO 76  76  76  PRO PRO A . n 
A 1 77  ASP 77  77  77  ASP ASP A . n 
A 1 78  ARG 78  78  78  ARG ARG A . n 
A 1 79  HIS 79  79  79  HIS HIS A . n 
A 1 80  ILE 80  80  80  ILE ILE A . n 
A 1 81  THR 81  81  81  THR THR A . n 
A 1 82  LEU 82  82  82  LEU LEU A . n 
A 1 83  TRP 83  83  83  TRP TRP A . n 
A 1 84  PHE 84  84  84  PHE PHE A . n 
A 1 85  TRP 85  85  85  TRP TRP A . n 
A 1 86  LEU 86  86  86  LEU LEU A . n 
A 1 87  VAL 87  87  87  VAL VAL A . n 
A 1 88  GLU 88  88  88  GLU GLU A . n 
A 1 89  ARG 89  89  89  ARG ARG A . n 
A 1 90  TRP 90  90  90  TRP TRP A . n 
A 1 91  GLU 91  91  91  GLU GLU A . n 
A 1 92  GLY 92  92  92  GLY GLY A . n 
A 1 93  GLU 93  93  93  GLU GLU A . n 
A 1 94  PRO 94  94  94  PRO PRO A . n 
A 1 95  TRP 95  95  95  TRP TRP A . n 
A 1 96  GLY 96  96  96  GLY GLY A . n 
A 1 97  LYS 97  97  97  LYS LYS A . n 
A 1 98  GLU 98  98  98  GLU GLU A . n 
A 1 99  GLY 99  99  99  GLY GLY A . n 
A 1 100 GLN 100 100 100 GLN GLN A . n 
A 1 101 PRO 101 101 101 PRO PRO A . n 
A 1 102 GLY 102 102 102 GLY GLY A . n 
A 1 103 GLU 103 103 103 GLU GLU A . n 
A 1 104 TRP 104 104 104 TRP TRP A . n 
A 1 105 MET 105 105 105 MET MET A . n 
A 1 106 SER 106 106 106 SER SER A . n 
A 1 107 LEU 107 107 107 LEU LEU A . n 
A 1 108 VAL 108 108 108 VAL VAL A . n 
A 1 109 GLY 109 109 109 GLY GLY A . n 
A 1 110 LEU 110 110 110 LEU LEU A . n 
A 1 111 ASN 111 111 111 ASN ASN A . n 
A 1 112 ALA 112 112 112 ALA ALA A . n 
A 1 113 ASP 113 113 113 ASP ASP A . n 
A 1 114 ASP 114 114 114 ASP ASP A . n 
A 1 115 PHE 115 115 115 PHE PHE A . n 
A 1 116 PRO 116 116 116 PRO PRO A . n 
A 1 117 PRO 117 117 117 PRO PRO A . n 
A 1 118 ALA 118 118 118 ALA ALA A . n 
A 1 119 ASN 119 119 119 ASN ASN A . n 
A 1 120 GLU 120 120 120 GLU GLU A . n 
A 1 121 PRO 121 121 121 PRO PRO A . n 
A 1 122 VAL 122 122 122 VAL VAL A . n 
A 1 123 ILE 123 123 123 ILE ILE A . n 
A 1 124 ALA 124 124 124 ALA ALA A . n 
A 1 125 LYS 125 125 125 LYS LYS A . n 
A 1 126 LEU 126 126 126 LEU LEU A . n 
A 1 127 LYS 127 127 127 LYS LYS A . n 
A 1 128 ARG 128 128 128 ARG ARG A . n 
A 1 129 LEU 129 129 129 LEU LEU A . n 
# 
_pdbx_contact_author.id                 2 
_pdbx_contact_author.email              tnaka@gpo.kumamoto-u.ac.jp 
_pdbx_contact_author.name_first         Teruya 
_pdbx_contact_author.name_last          Nakamura 
_pdbx_contact_author.name_mi            ? 
_pdbx_contact_author.role               'principal investigator/group leader' 
_pdbx_contact_author.identifier_ORCID   0000-0003-2013-3057 
# 
loop_
_pdbx_nonpoly_scheme.asym_id 
_pdbx_nonpoly_scheme.entity_id 
_pdbx_nonpoly_scheme.mon_id 
_pdbx_nonpoly_scheme.ndb_seq_num 
_pdbx_nonpoly_scheme.pdb_seq_num 
_pdbx_nonpoly_scheme.auth_seq_num 
_pdbx_nonpoly_scheme.pdb_mon_id 
_pdbx_nonpoly_scheme.auth_mon_id 
_pdbx_nonpoly_scheme.pdb_strand_id 
_pdbx_nonpoly_scheme.pdb_ins_code 
C 3 8OG 1   201 25  8OG 8OG A . 
D 4 SO4 1   202 1   SO4 SO4 A . 
E 5 MG  1   203 1   MG  MG  A . 
F 5 MG  1   204 2   MG  MG  A . 
G 6 HOH 1   301 78  HOH HOH A . 
G 6 HOH 2   302 56  HOH HOH A . 
G 6 HOH 3   303 44  HOH HOH A . 
G 6 HOH 4   304 62  HOH HOH A . 
G 6 HOH 5   305 119 HOH HOH A . 
G 6 HOH 6   306 157 HOH HOH A . 
G 6 HOH 7   307 66  HOH HOH A . 
G 6 HOH 8   308 36  HOH HOH A . 
G 6 HOH 9   309 126 HOH HOH A . 
G 6 HOH 10  310 136 HOH HOH A . 
G 6 HOH 11  311 57  HOH HOH A . 
G 6 HOH 12  312 38  HOH HOH A . 
G 6 HOH 13  313 93  HOH HOH A . 
G 6 HOH 14  314 100 HOH HOH A . 
G 6 HOH 15  315 45  HOH HOH A . 
G 6 HOH 16  316 15  HOH HOH A . 
G 6 HOH 17  317 146 HOH HOH A . 
G 6 HOH 18  318 101 HOH HOH A . 
G 6 HOH 19  319 10  HOH HOH A . 
G 6 HOH 20  320 35  HOH HOH A . 
G 6 HOH 21  321 46  HOH HOH A . 
G 6 HOH 22  322 111 HOH HOH A . 
G 6 HOH 23  323 34  HOH HOH A . 
G 6 HOH 24  324 68  HOH HOH A . 
G 6 HOH 25  325 19  HOH HOH A . 
G 6 HOH 26  326 91  HOH HOH A . 
G 6 HOH 27  327 137 HOH HOH A . 
G 6 HOH 28  328 163 HOH HOH A . 
G 6 HOH 29  329 4   HOH HOH A . 
G 6 HOH 30  330 23  HOH HOH A . 
G 6 HOH 31  331 12  HOH HOH A . 
G 6 HOH 32  332 33  HOH HOH A . 
G 6 HOH 33  333 24  HOH HOH A . 
G 6 HOH 34  334 1   HOH HOH A . 
G 6 HOH 35  335 9   HOH HOH A . 
G 6 HOH 36  336 26  HOH HOH A . 
G 6 HOH 37  337 173 HOH HOH A . 
G 6 HOH 38  338 20  HOH HOH A . 
G 6 HOH 39  339 25  HOH HOH A . 
G 6 HOH 40  340 155 HOH HOH A . 
G 6 HOH 41  341 37  HOH HOH A . 
G 6 HOH 42  342 102 HOH HOH A . 
G 6 HOH 43  343 7   HOH HOH A . 
G 6 HOH 44  344 82  HOH HOH A . 
G 6 HOH 45  345 96  HOH HOH A . 
G 6 HOH 46  346 28  HOH HOH A . 
G 6 HOH 47  347 3   HOH HOH A . 
G 6 HOH 48  348 49  HOH HOH A . 
G 6 HOH 49  349 73  HOH HOH A . 
G 6 HOH 50  350 140 HOH HOH A . 
G 6 HOH 51  351 128 HOH HOH A . 
G 6 HOH 52  352 130 HOH HOH A . 
G 6 HOH 53  353 95  HOH HOH A . 
G 6 HOH 54  354 86  HOH HOH A . 
G 6 HOH 55  355 172 HOH HOH A . 
G 6 HOH 56  356 2   HOH HOH A . 
G 6 HOH 57  357 171 HOH HOH A . 
G 6 HOH 58  358 18  HOH HOH A . 
G 6 HOH 59  359 166 HOH HOH A . 
G 6 HOH 60  360 106 HOH HOH A . 
G 6 HOH 61  361 8   HOH HOH A . 
G 6 HOH 62  362 90  HOH HOH A . 
G 6 HOH 63  363 30  HOH HOH A . 
G 6 HOH 64  364 92  HOH HOH A . 
G 6 HOH 65  365 40  HOH HOH A . 
G 6 HOH 66  366 89  HOH HOH A . 
G 6 HOH 67  367 32  HOH HOH A . 
G 6 HOH 68  368 58  HOH HOH A . 
G 6 HOH 69  369 17  HOH HOH A . 
G 6 HOH 70  370 164 HOH HOH A . 
G 6 HOH 71  371 75  HOH HOH A . 
G 6 HOH 72  372 6   HOH HOH A . 
G 6 HOH 73  373 13  HOH HOH A . 
G 6 HOH 74  374 48  HOH HOH A . 
G 6 HOH 75  375 74  HOH HOH A . 
G 6 HOH 76  376 71  HOH HOH A . 
G 6 HOH 77  377 141 HOH HOH A . 
G 6 HOH 78  378 53  HOH HOH A . 
G 6 HOH 79  379 105 HOH HOH A . 
G 6 HOH 80  380 21  HOH HOH A . 
G 6 HOH 81  381 153 HOH HOH A . 
G 6 HOH 82  382 79  HOH HOH A . 
G 6 HOH 83  383 132 HOH HOH A . 
G 6 HOH 84  384 43  HOH HOH A . 
G 6 HOH 85  385 80  HOH HOH A . 
G 6 HOH 86  386 14  HOH HOH A . 
G 6 HOH 87  387 41  HOH HOH A . 
G 6 HOH 88  388 61  HOH HOH A . 
G 6 HOH 89  389 97  HOH HOH A . 
G 6 HOH 90  390 81  HOH HOH A . 
G 6 HOH 91  391 123 HOH HOH A . 
G 6 HOH 92  392 42  HOH HOH A . 
G 6 HOH 93  393 143 HOH HOH A . 
G 6 HOH 94  394 147 HOH HOH A . 
G 6 HOH 95  395 144 HOH HOH A . 
G 6 HOH 96  396 27  HOH HOH A . 
G 6 HOH 97  397 133 HOH HOH A . 
G 6 HOH 98  398 116 HOH HOH A . 
G 6 HOH 99  399 99  HOH HOH A . 
G 6 HOH 100 400 47  HOH HOH A . 
G 6 HOH 101 401 110 HOH HOH A . 
G 6 HOH 102 402 170 HOH HOH A . 
G 6 HOH 103 403 148 HOH HOH A . 
G 6 HOH 104 404 69  HOH HOH A . 
G 6 HOH 105 405 16  HOH HOH A . 
G 6 HOH 106 406 70  HOH HOH A . 
G 6 HOH 107 407 64  HOH HOH A . 
G 6 HOH 108 408 54  HOH HOH A . 
G 6 HOH 109 409 85  HOH HOH A . 
G 6 HOH 110 410 52  HOH HOH A . 
G 6 HOH 111 411 50  HOH HOH A . 
G 6 HOH 112 412 22  HOH HOH A . 
G 6 HOH 113 413 5   HOH HOH A . 
G 6 HOH 114 414 107 HOH HOH A . 
G 6 HOH 115 415 125 HOH HOH A . 
G 6 HOH 116 416 39  HOH HOH A . 
G 6 HOH 117 417 104 HOH HOH A . 
G 6 HOH 118 418 124 HOH HOH A . 
G 6 HOH 119 419 29  HOH HOH A . 
G 6 HOH 120 420 88  HOH HOH A . 
G 6 HOH 121 421 103 HOH HOH A . 
G 6 HOH 122 422 167 HOH HOH A . 
G 6 HOH 123 423 63  HOH HOH A . 
G 6 HOH 124 424 159 HOH HOH A . 
G 6 HOH 125 425 94  HOH HOH A . 
G 6 HOH 126 426 139 HOH HOH A . 
G 6 HOH 127 427 117 HOH HOH A . 
G 6 HOH 128 428 129 HOH HOH A . 
G 6 HOH 129 429 84  HOH HOH A . 
G 6 HOH 130 430 120 HOH HOH A . 
G 6 HOH 131 431 118 HOH HOH A . 
G 6 HOH 132 432 31  HOH HOH A . 
G 6 HOH 133 433 161 HOH HOH A . 
G 6 HOH 134 434 115 HOH HOH A . 
G 6 HOH 135 435 134 HOH HOH A . 
G 6 HOH 136 436 162 HOH HOH A . 
G 6 HOH 137 437 158 HOH HOH A . 
G 6 HOH 138 438 108 HOH HOH A . 
G 6 HOH 139 439 145 HOH HOH A . 
G 6 HOH 140 440 72  HOH HOH A . 
G 6 HOH 141 441 131 HOH HOH A . 
G 6 HOH 142 442 98  HOH HOH A . 
G 6 HOH 143 443 122 HOH HOH A . 
G 6 HOH 144 444 156 HOH HOH A . 
G 6 HOH 145 445 150 HOH HOH A . 
G 6 HOH 146 446 142 HOH HOH A . 
G 6 HOH 147 447 59  HOH HOH A . 
G 6 HOH 148 448 83  HOH HOH A . 
G 6 HOH 149 449 149 HOH HOH A . 
G 6 HOH 150 450 65  HOH HOH A . 
G 6 HOH 151 451 160 HOH HOH A . 
# 
_pdbx_molecule_features.prd_id    PRD_900003 
_pdbx_molecule_features.name      sucrose 
_pdbx_molecule_features.type      Oligosaccharide 
_pdbx_molecule_features.class     Nutrient 
_pdbx_molecule_features.details   'oligosaccharide with reducing-end-to-reducing-end glycosidic bond' 
# 
_pdbx_molecule.instance_id   1 
_pdbx_molecule.prd_id        PRD_900003 
_pdbx_molecule.asym_id       B 
# 
_pdbx_struct_assembly.id                   1 
_pdbx_struct_assembly.details              author_defined_assembly 
_pdbx_struct_assembly.method_details       ? 
_pdbx_struct_assembly.oligomeric_details   monomeric 
_pdbx_struct_assembly.oligomeric_count     1 
# 
_pdbx_struct_assembly_gen.assembly_id       1 
_pdbx_struct_assembly_gen.oper_expression   1 
_pdbx_struct_assembly_gen.asym_id_list      A,B,C,D,E,F,G 
# 
_pdbx_struct_oper_list.id                   1 
_pdbx_struct_oper_list.type                 'identity operation' 
_pdbx_struct_oper_list.name                 1_555 
_pdbx_struct_oper_list.symmetry_operation   x,y,z 
_pdbx_struct_oper_list.matrix[1][1]         1.0000000000 
_pdbx_struct_oper_list.matrix[1][2]         0.0000000000 
_pdbx_struct_oper_list.matrix[1][3]         0.0000000000 
_pdbx_struct_oper_list.vector[1]            0.0000000000 
_pdbx_struct_oper_list.matrix[2][1]         0.0000000000 
_pdbx_struct_oper_list.matrix[2][2]         1.0000000000 
_pdbx_struct_oper_list.matrix[2][3]         0.0000000000 
_pdbx_struct_oper_list.vector[2]            0.0000000000 
_pdbx_struct_oper_list.matrix[3][1]         0.0000000000 
_pdbx_struct_oper_list.matrix[3][2]         0.0000000000 
_pdbx_struct_oper_list.matrix[3][3]         1.0000000000 
_pdbx_struct_oper_list.vector[3]            0.0000000000 
# 
loop_
_pdbx_struct_conn_angle.id 
_pdbx_struct_conn_angle.ptnr1_label_atom_id 
_pdbx_struct_conn_angle.ptnr1_label_alt_id 
_pdbx_struct_conn_angle.ptnr1_label_asym_id 
_pdbx_struct_conn_angle.ptnr1_label_comp_id 
_pdbx_struct_conn_angle.ptnr1_label_seq_id 
_pdbx_struct_conn_angle.ptnr1_auth_atom_id 
_pdbx_struct_conn_angle.ptnr1_auth_asym_id 
_pdbx_struct_conn_angle.ptnr1_auth_comp_id 
_pdbx_struct_conn_angle.ptnr1_auth_seq_id 
_pdbx_struct_conn_angle.ptnr1_PDB_ins_code 
_pdbx_struct_conn_angle.ptnr1_symmetry 
_pdbx_struct_conn_angle.ptnr2_label_atom_id 
_pdbx_struct_conn_angle.ptnr2_label_alt_id 
_pdbx_struct_conn_angle.ptnr2_label_asym_id 
_pdbx_struct_conn_angle.ptnr2_label_comp_id 
_pdbx_struct_conn_angle.ptnr2_label_seq_id 
_pdbx_struct_conn_angle.ptnr2_auth_atom_id 
_pdbx_struct_conn_angle.ptnr2_auth_asym_id 
_pdbx_struct_conn_angle.ptnr2_auth_comp_id 
_pdbx_struct_conn_angle.ptnr2_auth_seq_id 
_pdbx_struct_conn_angle.ptnr2_PDB_ins_code 
_pdbx_struct_conn_angle.ptnr2_symmetry 
_pdbx_struct_conn_angle.ptnr3_label_atom_id 
_pdbx_struct_conn_angle.ptnr3_label_alt_id 
_pdbx_struct_conn_angle.ptnr3_label_asym_id 
_pdbx_struct_conn_angle.ptnr3_label_comp_id 
_pdbx_struct_conn_angle.ptnr3_label_seq_id 
_pdbx_struct_conn_angle.ptnr3_auth_atom_id 
_pdbx_struct_conn_angle.ptnr3_auth_asym_id 
_pdbx_struct_conn_angle.ptnr3_auth_comp_id 
_pdbx_struct_conn_angle.ptnr3_auth_seq_id 
_pdbx_struct_conn_angle.ptnr3_PDB_ins_code 
_pdbx_struct_conn_angle.ptnr3_symmetry 
_pdbx_struct_conn_angle.value 
_pdbx_struct_conn_angle.value_esd 
1  O   ? A GLY 37 ? A GLY 37  ? 1_555 MG ? E MG . ? A MG 203 ? 1_555 OE2 ? A GLU 57 ? A GLU 57  ? 1_555 87.1  ? 
2  O   ? A GLY 37 ? A GLY 37  ? 1_555 MG ? E MG . ? A MG 203 ? 1_555 OP2 ? C 8OG .  ? A 8OG 201 ? 1_555 93.9  ? 
3  OE2 ? A GLU 57 ? A GLU 57  ? 1_555 MG ? E MG . ? A MG 203 ? 1_555 OP2 ? C 8OG .  ? A 8OG 201 ? 1_555 177.2 ? 
4  O   ? A GLY 37 ? A GLY 37  ? 1_555 MG ? E MG . ? A MG 203 ? 1_555 O   ? G HOH .  ? A HOH 343 ? 1_555 94.1  ? 
5  OE2 ? A GLU 57 ? A GLU 57  ? 1_555 MG ? E MG . ? A MG 203 ? 1_555 O   ? G HOH .  ? A HOH 343 ? 1_555 87.0  ? 
6  OP2 ? C 8OG .  ? A 8OG 201 ? 1_555 MG ? E MG . ? A MG 203 ? 1_555 O   ? G HOH .  ? A HOH 343 ? 1_555 90.3  ? 
7  O   ? A GLY 37 ? A GLY 37  ? 1_555 MG ? E MG . ? A MG 203 ? 1_555 O   ? G HOH .  ? A HOH 356 ? 1_555 88.9  ? 
8  OE2 ? A GLU 57 ? A GLU 57  ? 1_555 MG ? E MG . ? A MG 203 ? 1_555 O   ? G HOH .  ? A HOH 356 ? 1_555 86.7  ? 
9  OP2 ? C 8OG .  ? A 8OG 201 ? 1_555 MG ? E MG . ? A MG 203 ? 1_555 O   ? G HOH .  ? A HOH 356 ? 1_555 96.0  ? 
10 O   ? G HOH .  ? A HOH 343 ? 1_555 MG ? E MG . ? A MG 203 ? 1_555 O   ? G HOH .  ? A HOH 356 ? 1_555 172.8 ? 
11 O   ? A GLY 37 ? A GLY 37  ? 1_555 MG ? E MG . ? A MG 203 ? 1_555 O   ? G HOH .  ? A HOH 386 ? 1_555 170.1 ? 
12 OE2 ? A GLU 57 ? A GLU 57  ? 1_555 MG ? E MG . ? A MG 203 ? 1_555 O   ? G HOH .  ? A HOH 386 ? 1_555 85.9  ? 
13 OP2 ? C 8OG .  ? A 8OG 201 ? 1_555 MG ? E MG . ? A MG 203 ? 1_555 O   ? G HOH .  ? A HOH 386 ? 1_555 93.5  ? 
14 O   ? G HOH .  ? A HOH 343 ? 1_555 MG ? E MG . ? A MG 203 ? 1_555 O   ? G HOH .  ? A HOH 386 ? 1_555 92.4  ? 
15 O   ? G HOH .  ? A HOH 356 ? 1_555 MG ? E MG . ? A MG 203 ? 1_555 O   ? G HOH .  ? A HOH 386 ? 1_555 83.8  ? 
16 OE1 ? A GLU 53 ? A GLU 53  ? 1_555 MG ? F MG . ? A MG 204 ? 1_555 OE2 ? A GLU 57 ? A GLU 57  ? 1_555 95.6  ? 
17 OE1 ? A GLU 53 ? A GLU 53  ? 1_555 MG ? F MG . ? A MG 204 ? 1_555 O   ? G HOH .  ? A HOH 311 ? 1_555 94.0  ? 
18 OE2 ? A GLU 57 ? A GLU 57  ? 1_555 MG ? F MG . ? A MG 204 ? 1_555 O   ? G HOH .  ? A HOH 311 ? 1_555 112.7 ? 
19 OE1 ? A GLU 53 ? A GLU 53  ? 1_555 MG ? F MG . ? A MG 204 ? 1_555 O   ? G HOH .  ? A HOH 343 ? 1_555 97.0  ? 
20 OE2 ? A GLU 57 ? A GLU 57  ? 1_555 MG ? F MG . ? A MG 204 ? 1_555 O   ? G HOH .  ? A HOH 343 ? 1_555 80.3  ? 
21 O   ? G HOH .  ? A HOH 311 ? 1_555 MG ? F MG . ? A MG 204 ? 1_555 O   ? G HOH .  ? A HOH 343 ? 1_555 162.0 ? 
22 OE1 ? A GLU 53 ? A GLU 53  ? 1_555 MG ? F MG . ? A MG 204 ? 1_555 O   ? G HOH .  ? A HOH 348 ? 1_555 165.5 ? 
23 OE2 ? A GLU 57 ? A GLU 57  ? 1_555 MG ? F MG . ? A MG 204 ? 1_555 O   ? G HOH .  ? A HOH 348 ? 1_555 78.2  ? 
24 O   ? G HOH .  ? A HOH 311 ? 1_555 MG ? F MG . ? A MG 204 ? 1_555 O   ? G HOH .  ? A HOH 348 ? 1_555 76.7  ? 
25 O   ? G HOH .  ? A HOH 343 ? 1_555 MG ? F MG . ? A MG 204 ? 1_555 O   ? G HOH .  ? A HOH 348 ? 1_555 94.9  ? 
# 
loop_
_pdbx_audit_revision_history.ordinal 
_pdbx_audit_revision_history.data_content_type 
_pdbx_audit_revision_history.major_revision 
_pdbx_audit_revision_history.minor_revision 
_pdbx_audit_revision_history.revision_date 
1 'Structure model' 1 0 2022-06-01 
2 'Structure model' 1 1 2023-11-29 
# 
_pdbx_audit_revision_details.ordinal             1 
_pdbx_audit_revision_details.revision_ordinal    1 
_pdbx_audit_revision_details.data_content_type   'Structure model' 
_pdbx_audit_revision_details.provider            repository 
_pdbx_audit_revision_details.type                'Initial release' 
_pdbx_audit_revision_details.description         ? 
_pdbx_audit_revision_details.details             ? 
# 
loop_
_pdbx_audit_revision_group.ordinal 
_pdbx_audit_revision_group.revision_ordinal 
_pdbx_audit_revision_group.data_content_type 
_pdbx_audit_revision_group.group 
1 2 'Structure model' 'Data collection'        
2 2 'Structure model' 'Refinement description' 
# 
loop_
_pdbx_audit_revision_category.ordinal 
_pdbx_audit_revision_category.revision_ordinal 
_pdbx_audit_revision_category.data_content_type 
_pdbx_audit_revision_category.category 
1 2 'Structure model' chem_comp_atom                
2 2 'Structure model' chem_comp_bond                
3 2 'Structure model' pdbx_initial_refinement_model 
# 
loop_
_space_group_symop.id 
_space_group_symop.operation_xyz 
1 x,y,z           
2 x+1/2,-y+1/2,-z 
3 -x,y+1/2,-z+1/2 
4 -x+1/2,-y,z+1/2 
# 
loop_
_software.citation_id 
_software.classification 
_software.compiler_name 
_software.compiler_version 
_software.contact_author 
_software.contact_author_email 
_software.date 
_software.description 
_software.dependencies 
_software.hardware 
_software.language 
_software.location 
_software.mods 
_software.name 
_software.os 
_software.os_version 
_software.type 
_software.version 
_software.pdbx_ordinal 
? refinement       ? ? ? ? ? ? ? ? ? ? ? PHENIX   ? ? ? 1.13_2998 1 
? 'data reduction' ? ? ? ? ? ? ? ? ? ? ? HKL-2000 ? ? ? .         2 
# 
_pdbx_entry_details.entry_id                 7X9O 
_pdbx_entry_details.has_ligand_of_interest   Y 
_pdbx_entry_details.compound_details         ? 
_pdbx_entry_details.source_details           ? 
_pdbx_entry_details.nonpolymer_details       ? 
_pdbx_entry_details.sequence_details         ? 
# 
loop_
_chem_comp_atom.comp_id 
_chem_comp_atom.atom_id 
_chem_comp_atom.type_symbol 
_chem_comp_atom.pdbx_aromatic_flag 
_chem_comp_atom.pdbx_stereo_config 
_chem_comp_atom.pdbx_ordinal 
8OG OP3    O  N N 1   
8OG P      P  N N 2   
8OG OP1    O  N N 3   
8OG OP2    O  N N 4   
8OG "O5'"  O  N N 5   
8OG "C5'"  C  N N 6   
8OG "C4'"  C  N R 7   
8OG "O4'"  O  N N 8   
8OG "C3'"  C  N S 9   
8OG "O3'"  O  N N 10  
8OG "C2'"  C  N N 11  
8OG "C1'"  C  N R 12  
8OG N9     N  N N 13  
8OG C8     C  N N 14  
8OG N7     N  N N 15  
8OG C5     C  N N 16  
8OG C6     C  N N 17  
8OG O6     O  N N 18  
8OG N1     N  N N 19  
8OG C2     C  N N 20  
8OG N2     N  N N 21  
8OG N3     N  N N 22  
8OG C4     C  N N 23  
8OG O8     O  N N 24  
8OG HOP3   H  N N 25  
8OG HOP2   H  N N 26  
8OG "H5'"  H  N N 27  
8OG "H5''" H  N N 28  
8OG "H4'"  H  N N 29  
8OG "H3'"  H  N N 30  
8OG "HO3'" H  N N 31  
8OG "H2'"  H  N N 32  
8OG "H2''" H  N N 33  
8OG "H1'"  H  N N 34  
8OG H7     H  N N 35  
8OG H1     H  N N 36  
8OG H21    H  N N 37  
8OG H22    H  N N 38  
ALA N      N  N N 39  
ALA CA     C  N S 40  
ALA C      C  N N 41  
ALA O      O  N N 42  
ALA CB     C  N N 43  
ALA OXT    O  N N 44  
ALA H      H  N N 45  
ALA H2     H  N N 46  
ALA HA     H  N N 47  
ALA HB1    H  N N 48  
ALA HB2    H  N N 49  
ALA HB3    H  N N 50  
ALA HXT    H  N N 51  
ARG N      N  N N 52  
ARG CA     C  N S 53  
ARG C      C  N N 54  
ARG O      O  N N 55  
ARG CB     C  N N 56  
ARG CG     C  N N 57  
ARG CD     C  N N 58  
ARG NE     N  N N 59  
ARG CZ     C  N N 60  
ARG NH1    N  N N 61  
ARG NH2    N  N N 62  
ARG OXT    O  N N 63  
ARG H      H  N N 64  
ARG H2     H  N N 65  
ARG HA     H  N N 66  
ARG HB2    H  N N 67  
ARG HB3    H  N N 68  
ARG HG2    H  N N 69  
ARG HG3    H  N N 70  
ARG HD2    H  N N 71  
ARG HD3    H  N N 72  
ARG HE     H  N N 73  
ARG HH11   H  N N 74  
ARG HH12   H  N N 75  
ARG HH21   H  N N 76  
ARG HH22   H  N N 77  
ARG HXT    H  N N 78  
ASN N      N  N N 79  
ASN CA     C  N S 80  
ASN C      C  N N 81  
ASN O      O  N N 82  
ASN CB     C  N N 83  
ASN CG     C  N N 84  
ASN OD1    O  N N 85  
ASN ND2    N  N N 86  
ASN OXT    O  N N 87  
ASN H      H  N N 88  
ASN H2     H  N N 89  
ASN HA     H  N N 90  
ASN HB2    H  N N 91  
ASN HB3    H  N N 92  
ASN HD21   H  N N 93  
ASN HD22   H  N N 94  
ASN HXT    H  N N 95  
ASP N      N  N N 96  
ASP CA     C  N S 97  
ASP C      C  N N 98  
ASP O      O  N N 99  
ASP CB     C  N N 100 
ASP CG     C  N N 101 
ASP OD1    O  N N 102 
ASP OD2    O  N N 103 
ASP OXT    O  N N 104 
ASP H      H  N N 105 
ASP H2     H  N N 106 
ASP HA     H  N N 107 
ASP HB2    H  N N 108 
ASP HB3    H  N N 109 
ASP HD2    H  N N 110 
ASP HXT    H  N N 111 
FRU C1     C  N N 112 
FRU C2     C  N R 113 
FRU C3     C  N S 114 
FRU C4     C  N S 115 
FRU C5     C  N R 116 
FRU C6     C  N N 117 
FRU O1     O  N N 118 
FRU O2     O  N N 119 
FRU O3     O  N N 120 
FRU O4     O  N N 121 
FRU O5     O  N N 122 
FRU O6     O  N N 123 
FRU H11    H  N N 124 
FRU H12    H  N N 125 
FRU H3     H  N N 126 
FRU H4     H  N N 127 
FRU H5     H  N N 128 
FRU H61    H  N N 129 
FRU H62    H  N N 130 
FRU HO1    H  N N 131 
FRU HO2    H  N N 132 
FRU HO3    H  N N 133 
FRU HO4    H  N N 134 
FRU HO6    H  N N 135 
GLC C1     C  N S 136 
GLC C2     C  N R 137 
GLC C3     C  N S 138 
GLC C4     C  N S 139 
GLC C5     C  N R 140 
GLC C6     C  N N 141 
GLC O1     O  N N 142 
GLC O2     O  N N 143 
GLC O3     O  N N 144 
GLC O4     O  N N 145 
GLC O5     O  N N 146 
GLC O6     O  N N 147 
GLC H1     H  N N 148 
GLC H2     H  N N 149 
GLC H3     H  N N 150 
GLC H4     H  N N 151 
GLC H5     H  N N 152 
GLC H61    H  N N 153 
GLC H62    H  N N 154 
GLC HO1    H  N N 155 
GLC HO2    H  N N 156 
GLC HO3    H  N N 157 
GLC HO4    H  N N 158 
GLC HO6    H  N N 159 
GLN N      N  N N 160 
GLN CA     C  N S 161 
GLN C      C  N N 162 
GLN O      O  N N 163 
GLN CB     C  N N 164 
GLN CG     C  N N 165 
GLN CD     C  N N 166 
GLN OE1    O  N N 167 
GLN NE2    N  N N 168 
GLN OXT    O  N N 169 
GLN H      H  N N 170 
GLN H2     H  N N 171 
GLN HA     H  N N 172 
GLN HB2    H  N N 173 
GLN HB3    H  N N 174 
GLN HG2    H  N N 175 
GLN HG3    H  N N 176 
GLN HE21   H  N N 177 
GLN HE22   H  N N 178 
GLN HXT    H  N N 179 
GLU N      N  N N 180 
GLU CA     C  N S 181 
GLU C      C  N N 182 
GLU O      O  N N 183 
GLU CB     C  N N 184 
GLU CG     C  N N 185 
GLU CD     C  N N 186 
GLU OE1    O  N N 187 
GLU OE2    O  N N 188 
GLU OXT    O  N N 189 
GLU H      H  N N 190 
GLU H2     H  N N 191 
GLU HA     H  N N 192 
GLU HB2    H  N N 193 
GLU HB3    H  N N 194 
GLU HG2    H  N N 195 
GLU HG3    H  N N 196 
GLU HE2    H  N N 197 
GLU HXT    H  N N 198 
GLY N      N  N N 199 
GLY CA     C  N N 200 
GLY C      C  N N 201 
GLY O      O  N N 202 
GLY OXT    O  N N 203 
GLY H      H  N N 204 
GLY H2     H  N N 205 
GLY HA2    H  N N 206 
GLY HA3    H  N N 207 
GLY HXT    H  N N 208 
HIS N      N  N N 209 
HIS CA     C  N S 210 
HIS C      C  N N 211 
HIS O      O  N N 212 
HIS CB     C  N N 213 
HIS CG     C  Y N 214 
HIS ND1    N  Y N 215 
HIS CD2    C  Y N 216 
HIS CE1    C  Y N 217 
HIS NE2    N  Y N 218 
HIS OXT    O  N N 219 
HIS H      H  N N 220 
HIS H2     H  N N 221 
HIS HA     H  N N 222 
HIS HB2    H  N N 223 
HIS HB3    H  N N 224 
HIS HD1    H  N N 225 
HIS HD2    H  N N 226 
HIS HE1    H  N N 227 
HIS HE2    H  N N 228 
HIS HXT    H  N N 229 
HOH O      O  N N 230 
HOH H1     H  N N 231 
HOH H2     H  N N 232 
ILE N      N  N N 233 
ILE CA     C  N S 234 
ILE C      C  N N 235 
ILE O      O  N N 236 
ILE CB     C  N S 237 
ILE CG1    C  N N 238 
ILE CG2    C  N N 239 
ILE CD1    C  N N 240 
ILE OXT    O  N N 241 
ILE H      H  N N 242 
ILE H2     H  N N 243 
ILE HA     H  N N 244 
ILE HB     H  N N 245 
ILE HG12   H  N N 246 
ILE HG13   H  N N 247 
ILE HG21   H  N N 248 
ILE HG22   H  N N 249 
ILE HG23   H  N N 250 
ILE HD11   H  N N 251 
ILE HD12   H  N N 252 
ILE HD13   H  N N 253 
ILE HXT    H  N N 254 
LEU N      N  N N 255 
LEU CA     C  N S 256 
LEU C      C  N N 257 
LEU O      O  N N 258 
LEU CB     C  N N 259 
LEU CG     C  N N 260 
LEU CD1    C  N N 261 
LEU CD2    C  N N 262 
LEU OXT    O  N N 263 
LEU H      H  N N 264 
LEU H2     H  N N 265 
LEU HA     H  N N 266 
LEU HB2    H  N N 267 
LEU HB3    H  N N 268 
LEU HG     H  N N 269 
LEU HD11   H  N N 270 
LEU HD12   H  N N 271 
LEU HD13   H  N N 272 
LEU HD21   H  N N 273 
LEU HD22   H  N N 274 
LEU HD23   H  N N 275 
LEU HXT    H  N N 276 
LYS N      N  N N 277 
LYS CA     C  N S 278 
LYS C      C  N N 279 
LYS O      O  N N 280 
LYS CB     C  N N 281 
LYS CG     C  N N 282 
LYS CD     C  N N 283 
LYS CE     C  N N 284 
LYS NZ     N  N N 285 
LYS OXT    O  N N 286 
LYS H      H  N N 287 
LYS H2     H  N N 288 
LYS HA     H  N N 289 
LYS HB2    H  N N 290 
LYS HB3    H  N N 291 
LYS HG2    H  N N 292 
LYS HG3    H  N N 293 
LYS HD2    H  N N 294 
LYS HD3    H  N N 295 
LYS HE2    H  N N 296 
LYS HE3    H  N N 297 
LYS HZ1    H  N N 298 
LYS HZ2    H  N N 299 
LYS HZ3    H  N N 300 
LYS HXT    H  N N 301 
MET N      N  N N 302 
MET CA     C  N S 303 
MET C      C  N N 304 
MET O      O  N N 305 
MET CB     C  N N 306 
MET CG     C  N N 307 
MET SD     S  N N 308 
MET CE     C  N N 309 
MET OXT    O  N N 310 
MET H      H  N N 311 
MET H2     H  N N 312 
MET HA     H  N N 313 
MET HB2    H  N N 314 
MET HB3    H  N N 315 
MET HG2    H  N N 316 
MET HG3    H  N N 317 
MET HE1    H  N N 318 
MET HE2    H  N N 319 
MET HE3    H  N N 320 
MET HXT    H  N N 321 
MG  MG     MG N N 322 
PHE N      N  N N 323 
PHE CA     C  N S 324 
PHE C      C  N N 325 
PHE O      O  N N 326 
PHE CB     C  N N 327 
PHE CG     C  Y N 328 
PHE CD1    C  Y N 329 
PHE CD2    C  Y N 330 
PHE CE1    C  Y N 331 
PHE CE2    C  Y N 332 
PHE CZ     C  Y N 333 
PHE OXT    O  N N 334 
PHE H      H  N N 335 
PHE H2     H  N N 336 
PHE HA     H  N N 337 
PHE HB2    H  N N 338 
PHE HB3    H  N N 339 
PHE HD1    H  N N 340 
PHE HD2    H  N N 341 
PHE HE1    H  N N 342 
PHE HE2    H  N N 343 
PHE HZ     H  N N 344 
PHE HXT    H  N N 345 
PRO N      N  N N 346 
PRO CA     C  N S 347 
PRO C      C  N N 348 
PRO O      O  N N 349 
PRO CB     C  N N 350 
PRO CG     C  N N 351 
PRO CD     C  N N 352 
PRO OXT    O  N N 353 
PRO H      H  N N 354 
PRO HA     H  N N 355 
PRO HB2    H  N N 356 
PRO HB3    H  N N 357 
PRO HG2    H  N N 358 
PRO HG3    H  N N 359 
PRO HD2    H  N N 360 
PRO HD3    H  N N 361 
PRO HXT    H  N N 362 
SER N      N  N N 363 
SER CA     C  N S 364 
SER C      C  N N 365 
SER O      O  N N 366 
SER CB     C  N N 367 
SER OG     O  N N 368 
SER OXT    O  N N 369 
SER H      H  N N 370 
SER H2     H  N N 371 
SER HA     H  N N 372 
SER HB2    H  N N 373 
SER HB3    H  N N 374 
SER HG     H  N N 375 
SER HXT    H  N N 376 
SO4 S      S  N N 377 
SO4 O1     O  N N 378 
SO4 O2     O  N N 379 
SO4 O3     O  N N 380 
SO4 O4     O  N N 381 
THR N      N  N N 382 
THR CA     C  N S 383 
THR C      C  N N 384 
THR O      O  N N 385 
THR CB     C  N R 386 
THR OG1    O  N N 387 
THR CG2    C  N N 388 
THR OXT    O  N N 389 
THR H      H  N N 390 
THR H2     H  N N 391 
THR HA     H  N N 392 
THR HB     H  N N 393 
THR HG1    H  N N 394 
THR HG21   H  N N 395 
THR HG22   H  N N 396 
THR HG23   H  N N 397 
THR HXT    H  N N 398 
TRP N      N  N N 399 
TRP CA     C  N S 400 
TRP C      C  N N 401 
TRP O      O  N N 402 
TRP CB     C  N N 403 
TRP CG     C  Y N 404 
TRP CD1    C  Y N 405 
TRP CD2    C  Y N 406 
TRP NE1    N  Y N 407 
TRP CE2    C  Y N 408 
TRP CE3    C  Y N 409 
TRP CZ2    C  Y N 410 
TRP CZ3    C  Y N 411 
TRP CH2    C  Y N 412 
TRP OXT    O  N N 413 
TRP H      H  N N 414 
TRP H2     H  N N 415 
TRP HA     H  N N 416 
TRP HB2    H  N N 417 
TRP HB3    H  N N 418 
TRP HD1    H  N N 419 
TRP HE1    H  N N 420 
TRP HE3    H  N N 421 
TRP HZ2    H  N N 422 
TRP HZ3    H  N N 423 
TRP HH2    H  N N 424 
TRP HXT    H  N N 425 
TYR N      N  N N 426 
TYR CA     C  N S 427 
TYR C      C  N N 428 
TYR O      O  N N 429 
TYR CB     C  N N 430 
TYR CG     C  Y N 431 
TYR CD1    C  Y N 432 
TYR CD2    C  Y N 433 
TYR CE1    C  Y N 434 
TYR CE2    C  Y N 435 
TYR CZ     C  Y N 436 
TYR OH     O  N N 437 
TYR OXT    O  N N 438 
TYR H      H  N N 439 
TYR H2     H  N N 440 
TYR HA     H  N N 441 
TYR HB2    H  N N 442 
TYR HB3    H  N N 443 
TYR HD1    H  N N 444 
TYR HD2    H  N N 445 
TYR HE1    H  N N 446 
TYR HE2    H  N N 447 
TYR HH     H  N N 448 
TYR HXT    H  N N 449 
VAL N      N  N N 450 
VAL CA     C  N S 451 
VAL C      C  N N 452 
VAL O      O  N N 453 
VAL CB     C  N N 454 
VAL CG1    C  N N 455 
VAL CG2    C  N N 456 
VAL OXT    O  N N 457 
VAL H      H  N N 458 
VAL H2     H  N N 459 
VAL HA     H  N N 460 
VAL HB     H  N N 461 
VAL HG11   H  N N 462 
VAL HG12   H  N N 463 
VAL HG13   H  N N 464 
VAL HG21   H  N N 465 
VAL HG22   H  N N 466 
VAL HG23   H  N N 467 
VAL HXT    H  N N 468 
# 
loop_
_chem_comp_bond.comp_id 
_chem_comp_bond.atom_id_1 
_chem_comp_bond.atom_id_2 
_chem_comp_bond.value_order 
_chem_comp_bond.pdbx_aromatic_flag 
_chem_comp_bond.pdbx_stereo_config 
_chem_comp_bond.pdbx_ordinal 
8OG OP3   P      sing N N 1   
8OG OP3   HOP3   sing N N 2   
8OG P     OP1    doub N N 3   
8OG P     OP2    sing N N 4   
8OG P     "O5'"  sing N N 5   
8OG OP2   HOP2   sing N N 6   
8OG "O5'" "C5'"  sing N N 7   
8OG "C5'" "C4'"  sing N N 8   
8OG "C5'" "H5'"  sing N N 9   
8OG "C5'" "H5''" sing N N 10  
8OG "C4'" "O4'"  sing N N 11  
8OG "C4'" "C3'"  sing N N 12  
8OG "C4'" "H4'"  sing N N 13  
8OG "O4'" "C1'"  sing N N 14  
8OG "C3'" "O3'"  sing N N 15  
8OG "C3'" "C2'"  sing N N 16  
8OG "C3'" "H3'"  sing N N 17  
8OG "O3'" "HO3'" sing N N 18  
8OG "C2'" "C1'"  sing N N 19  
8OG "C2'" "H2'"  sing N N 20  
8OG "C2'" "H2''" sing N N 21  
8OG "C1'" N9     sing N N 22  
8OG "C1'" "H1'"  sing N N 23  
8OG N9    C8     sing N N 24  
8OG N9    C4     sing N N 25  
8OG C8    N7     sing N N 26  
8OG C8    O8     doub N N 27  
8OG N7    C5     sing N N 28  
8OG N7    H7     sing N N 29  
8OG C5    C6     sing N N 30  
8OG C5    C4     doub N N 31  
8OG C6    O6     doub N N 32  
8OG C6    N1     sing N N 33  
8OG N1    C2     sing N N 34  
8OG N1    H1     sing N N 35  
8OG C2    N2     sing N N 36  
8OG C2    N3     doub N N 37  
8OG N2    H21    sing N N 38  
8OG N2    H22    sing N N 39  
8OG N3    C4     sing N N 40  
ALA N     CA     sing N N 41  
ALA N     H      sing N N 42  
ALA N     H2     sing N N 43  
ALA CA    C      sing N N 44  
ALA CA    CB     sing N N 45  
ALA CA    HA     sing N N 46  
ALA C     O      doub N N 47  
ALA C     OXT    sing N N 48  
ALA CB    HB1    sing N N 49  
ALA CB    HB2    sing N N 50  
ALA CB    HB3    sing N N 51  
ALA OXT   HXT    sing N N 52  
ARG N     CA     sing N N 53  
ARG N     H      sing N N 54  
ARG N     H2     sing N N 55  
ARG CA    C      sing N N 56  
ARG CA    CB     sing N N 57  
ARG CA    HA     sing N N 58  
ARG C     O      doub N N 59  
ARG C     OXT    sing N N 60  
ARG CB    CG     sing N N 61  
ARG CB    HB2    sing N N 62  
ARG CB    HB3    sing N N 63  
ARG CG    CD     sing N N 64  
ARG CG    HG2    sing N N 65  
ARG CG    HG3    sing N N 66  
ARG CD    NE     sing N N 67  
ARG CD    HD2    sing N N 68  
ARG CD    HD3    sing N N 69  
ARG NE    CZ     sing N N 70  
ARG NE    HE     sing N N 71  
ARG CZ    NH1    sing N N 72  
ARG CZ    NH2    doub N N 73  
ARG NH1   HH11   sing N N 74  
ARG NH1   HH12   sing N N 75  
ARG NH2   HH21   sing N N 76  
ARG NH2   HH22   sing N N 77  
ARG OXT   HXT    sing N N 78  
ASN N     CA     sing N N 79  
ASN N     H      sing N N 80  
ASN N     H2     sing N N 81  
ASN CA    C      sing N N 82  
ASN CA    CB     sing N N 83  
ASN CA    HA     sing N N 84  
ASN C     O      doub N N 85  
ASN C     OXT    sing N N 86  
ASN CB    CG     sing N N 87  
ASN CB    HB2    sing N N 88  
ASN CB    HB3    sing N N 89  
ASN CG    OD1    doub N N 90  
ASN CG    ND2    sing N N 91  
ASN ND2   HD21   sing N N 92  
ASN ND2   HD22   sing N N 93  
ASN OXT   HXT    sing N N 94  
ASP N     CA     sing N N 95  
ASP N     H      sing N N 96  
ASP N     H2     sing N N 97  
ASP CA    C      sing N N 98  
ASP CA    CB     sing N N 99  
ASP CA    HA     sing N N 100 
ASP C     O      doub N N 101 
ASP C     OXT    sing N N 102 
ASP CB    CG     sing N N 103 
ASP CB    HB2    sing N N 104 
ASP CB    HB3    sing N N 105 
ASP CG    OD1    doub N N 106 
ASP CG    OD2    sing N N 107 
ASP OD2   HD2    sing N N 108 
ASP OXT   HXT    sing N N 109 
FRU C1    C2     sing N N 110 
FRU C1    O1     sing N N 111 
FRU C1    H11    sing N N 112 
FRU C1    H12    sing N N 113 
FRU C2    C3     sing N N 114 
FRU C2    O2     sing N N 115 
FRU C2    O5     sing N N 116 
FRU C3    C4     sing N N 117 
FRU C3    O3     sing N N 118 
FRU C3    H3     sing N N 119 
FRU C4    C5     sing N N 120 
FRU C4    O4     sing N N 121 
FRU C4    H4     sing N N 122 
FRU C5    C6     sing N N 123 
FRU C5    O5     sing N N 124 
FRU C5    H5     sing N N 125 
FRU C6    O6     sing N N 126 
FRU C6    H61    sing N N 127 
FRU C6    H62    sing N N 128 
FRU O1    HO1    sing N N 129 
FRU O2    HO2    sing N N 130 
FRU O3    HO3    sing N N 131 
FRU O4    HO4    sing N N 132 
FRU O6    HO6    sing N N 133 
GLC C1    C2     sing N N 134 
GLC C1    O1     sing N N 135 
GLC C1    O5     sing N N 136 
GLC C1    H1     sing N N 137 
GLC C2    C3     sing N N 138 
GLC C2    O2     sing N N 139 
GLC C2    H2     sing N N 140 
GLC C3    C4     sing N N 141 
GLC C3    O3     sing N N 142 
GLC C3    H3     sing N N 143 
GLC C4    C5     sing N N 144 
GLC C4    O4     sing N N 145 
GLC C4    H4     sing N N 146 
GLC C5    C6     sing N N 147 
GLC C5    O5     sing N N 148 
GLC C5    H5     sing N N 149 
GLC C6    O6     sing N N 150 
GLC C6    H61    sing N N 151 
GLC C6    H62    sing N N 152 
GLC O1    HO1    sing N N 153 
GLC O2    HO2    sing N N 154 
GLC O3    HO3    sing N N 155 
GLC O4    HO4    sing N N 156 
GLC O6    HO6    sing N N 157 
GLN N     CA     sing N N 158 
GLN N     H      sing N N 159 
GLN N     H2     sing N N 160 
GLN CA    C      sing N N 161 
GLN CA    CB     sing N N 162 
GLN CA    HA     sing N N 163 
GLN C     O      doub N N 164 
GLN C     OXT    sing N N 165 
GLN CB    CG     sing N N 166 
GLN CB    HB2    sing N N 167 
GLN CB    HB3    sing N N 168 
GLN CG    CD     sing N N 169 
GLN CG    HG2    sing N N 170 
GLN CG    HG3    sing N N 171 
GLN CD    OE1    doub N N 172 
GLN CD    NE2    sing N N 173 
GLN NE2   HE21   sing N N 174 
GLN NE2   HE22   sing N N 175 
GLN OXT   HXT    sing N N 176 
GLU N     CA     sing N N 177 
GLU N     H      sing N N 178 
GLU N     H2     sing N N 179 
GLU CA    C      sing N N 180 
GLU CA    CB     sing N N 181 
GLU CA    HA     sing N N 182 
GLU C     O      doub N N 183 
GLU C     OXT    sing N N 184 
GLU CB    CG     sing N N 185 
GLU CB    HB2    sing N N 186 
GLU CB    HB3    sing N N 187 
GLU CG    CD     sing N N 188 
GLU CG    HG2    sing N N 189 
GLU CG    HG3    sing N N 190 
GLU CD    OE1    doub N N 191 
GLU CD    OE2    sing N N 192 
GLU OE2   HE2    sing N N 193 
GLU OXT   HXT    sing N N 194 
GLY N     CA     sing N N 195 
GLY N     H      sing N N 196 
GLY N     H2     sing N N 197 
GLY CA    C      sing N N 198 
GLY CA    HA2    sing N N 199 
GLY CA    HA3    sing N N 200 
GLY C     O      doub N N 201 
GLY C     OXT    sing N N 202 
GLY OXT   HXT    sing N N 203 
HIS N     CA     sing N N 204 
HIS N     H      sing N N 205 
HIS N     H2     sing N N 206 
HIS CA    C      sing N N 207 
HIS CA    CB     sing N N 208 
HIS CA    HA     sing N N 209 
HIS C     O      doub N N 210 
HIS C     OXT    sing N N 211 
HIS CB    CG     sing N N 212 
HIS CB    HB2    sing N N 213 
HIS CB    HB3    sing N N 214 
HIS CG    ND1    sing Y N 215 
HIS CG    CD2    doub Y N 216 
HIS ND1   CE1    doub Y N 217 
HIS ND1   HD1    sing N N 218 
HIS CD2   NE2    sing Y N 219 
HIS CD2   HD2    sing N N 220 
HIS CE1   NE2    sing Y N 221 
HIS CE1   HE1    sing N N 222 
HIS NE2   HE2    sing N N 223 
HIS OXT   HXT    sing N N 224 
HOH O     H1     sing N N 225 
HOH O     H2     sing N N 226 
ILE N     CA     sing N N 227 
ILE N     H      sing N N 228 
ILE N     H2     sing N N 229 
ILE CA    C      sing N N 230 
ILE CA    CB     sing N N 231 
ILE CA    HA     sing N N 232 
ILE C     O      doub N N 233 
ILE C     OXT    sing N N 234 
ILE CB    CG1    sing N N 235 
ILE CB    CG2    sing N N 236 
ILE CB    HB     sing N N 237 
ILE CG1   CD1    sing N N 238 
ILE CG1   HG12   sing N N 239 
ILE CG1   HG13   sing N N 240 
ILE CG2   HG21   sing N N 241 
ILE CG2   HG22   sing N N 242 
ILE CG2   HG23   sing N N 243 
ILE CD1   HD11   sing N N 244 
ILE CD1   HD12   sing N N 245 
ILE CD1   HD13   sing N N 246 
ILE OXT   HXT    sing N N 247 
LEU N     CA     sing N N 248 
LEU N     H      sing N N 249 
LEU N     H2     sing N N 250 
LEU CA    C      sing N N 251 
LEU CA    CB     sing N N 252 
LEU CA    HA     sing N N 253 
LEU C     O      doub N N 254 
LEU C     OXT    sing N N 255 
LEU CB    CG     sing N N 256 
LEU CB    HB2    sing N N 257 
LEU CB    HB3    sing N N 258 
LEU CG    CD1    sing N N 259 
LEU CG    CD2    sing N N 260 
LEU CG    HG     sing N N 261 
LEU CD1   HD11   sing N N 262 
LEU CD1   HD12   sing N N 263 
LEU CD1   HD13   sing N N 264 
LEU CD2   HD21   sing N N 265 
LEU CD2   HD22   sing N N 266 
LEU CD2   HD23   sing N N 267 
LEU OXT   HXT    sing N N 268 
LYS N     CA     sing N N 269 
LYS N     H      sing N N 270 
LYS N     H2     sing N N 271 
LYS CA    C      sing N N 272 
LYS CA    CB     sing N N 273 
LYS CA    HA     sing N N 274 
LYS C     O      doub N N 275 
LYS C     OXT    sing N N 276 
LYS CB    CG     sing N N 277 
LYS CB    HB2    sing N N 278 
LYS CB    HB3    sing N N 279 
LYS CG    CD     sing N N 280 
LYS CG    HG2    sing N N 281 
LYS CG    HG3    sing N N 282 
LYS CD    CE     sing N N 283 
LYS CD    HD2    sing N N 284 
LYS CD    HD3    sing N N 285 
LYS CE    NZ     sing N N 286 
LYS CE    HE2    sing N N 287 
LYS CE    HE3    sing N N 288 
LYS NZ    HZ1    sing N N 289 
LYS NZ    HZ2    sing N N 290 
LYS NZ    HZ3    sing N N 291 
LYS OXT   HXT    sing N N 292 
MET N     CA     sing N N 293 
MET N     H      sing N N 294 
MET N     H2     sing N N 295 
MET CA    C      sing N N 296 
MET CA    CB     sing N N 297 
MET CA    HA     sing N N 298 
MET C     O      doub N N 299 
MET C     OXT    sing N N 300 
MET CB    CG     sing N N 301 
MET CB    HB2    sing N N 302 
MET CB    HB3    sing N N 303 
MET CG    SD     sing N N 304 
MET CG    HG2    sing N N 305 
MET CG    HG3    sing N N 306 
MET SD    CE     sing N N 307 
MET CE    HE1    sing N N 308 
MET CE    HE2    sing N N 309 
MET CE    HE3    sing N N 310 
MET OXT   HXT    sing N N 311 
PHE N     CA     sing N N 312 
PHE N     H      sing N N 313 
PHE N     H2     sing N N 314 
PHE CA    C      sing N N 315 
PHE CA    CB     sing N N 316 
PHE CA    HA     sing N N 317 
PHE C     O      doub N N 318 
PHE C     OXT    sing N N 319 
PHE CB    CG     sing N N 320 
PHE CB    HB2    sing N N 321 
PHE CB    HB3    sing N N 322 
PHE CG    CD1    doub Y N 323 
PHE CG    CD2    sing Y N 324 
PHE CD1   CE1    sing Y N 325 
PHE CD1   HD1    sing N N 326 
PHE CD2   CE2    doub Y N 327 
PHE CD2   HD2    sing N N 328 
PHE CE1   CZ     doub Y N 329 
PHE CE1   HE1    sing N N 330 
PHE CE2   CZ     sing Y N 331 
PHE CE2   HE2    sing N N 332 
PHE CZ    HZ     sing N N 333 
PHE OXT   HXT    sing N N 334 
PRO N     CA     sing N N 335 
PRO N     CD     sing N N 336 
PRO N     H      sing N N 337 
PRO CA    C      sing N N 338 
PRO CA    CB     sing N N 339 
PRO CA    HA     sing N N 340 
PRO C     O      doub N N 341 
PRO C     OXT    sing N N 342 
PRO CB    CG     sing N N 343 
PRO CB    HB2    sing N N 344 
PRO CB    HB3    sing N N 345 
PRO CG    CD     sing N N 346 
PRO CG    HG2    sing N N 347 
PRO CG    HG3    sing N N 348 
PRO CD    HD2    sing N N 349 
PRO CD    HD3    sing N N 350 
PRO OXT   HXT    sing N N 351 
SER N     CA     sing N N 352 
SER N     H      sing N N 353 
SER N     H2     sing N N 354 
SER CA    C      sing N N 355 
SER CA    CB     sing N N 356 
SER CA    HA     sing N N 357 
SER C     O      doub N N 358 
SER C     OXT    sing N N 359 
SER CB    OG     sing N N 360 
SER CB    HB2    sing N N 361 
SER CB    HB3    sing N N 362 
SER OG    HG     sing N N 363 
SER OXT   HXT    sing N N 364 
SO4 S     O1     doub N N 365 
SO4 S     O2     doub N N 366 
SO4 S     O3     sing N N 367 
SO4 S     O4     sing N N 368 
THR N     CA     sing N N 369 
THR N     H      sing N N 370 
THR N     H2     sing N N 371 
THR CA    C      sing N N 372 
THR CA    CB     sing N N 373 
THR CA    HA     sing N N 374 
THR C     O      doub N N 375 
THR C     OXT    sing N N 376 
THR CB    OG1    sing N N 377 
THR CB    CG2    sing N N 378 
THR CB    HB     sing N N 379 
THR OG1   HG1    sing N N 380 
THR CG2   HG21   sing N N 381 
THR CG2   HG22   sing N N 382 
THR CG2   HG23   sing N N 383 
THR OXT   HXT    sing N N 384 
TRP N     CA     sing N N 385 
TRP N     H      sing N N 386 
TRP N     H2     sing N N 387 
TRP CA    C      sing N N 388 
TRP CA    CB     sing N N 389 
TRP CA    HA     sing N N 390 
TRP C     O      doub N N 391 
TRP C     OXT    sing N N 392 
TRP CB    CG     sing N N 393 
TRP CB    HB2    sing N N 394 
TRP CB    HB3    sing N N 395 
TRP CG    CD1    doub Y N 396 
TRP CG    CD2    sing Y N 397 
TRP CD1   NE1    sing Y N 398 
TRP CD1   HD1    sing N N 399 
TRP CD2   CE2    doub Y N 400 
TRP CD2   CE3    sing Y N 401 
TRP NE1   CE2    sing Y N 402 
TRP NE1   HE1    sing N N 403 
TRP CE2   CZ2    sing Y N 404 
TRP CE3   CZ3    doub Y N 405 
TRP CE3   HE3    sing N N 406 
TRP CZ2   CH2    doub Y N 407 
TRP CZ2   HZ2    sing N N 408 
TRP CZ3   CH2    sing Y N 409 
TRP CZ3   HZ3    sing N N 410 
TRP CH2   HH2    sing N N 411 
TRP OXT   HXT    sing N N 412 
TYR N     CA     sing N N 413 
TYR N     H      sing N N 414 
TYR N     H2     sing N N 415 
TYR CA    C      sing N N 416 
TYR CA    CB     sing N N 417 
TYR CA    HA     sing N N 418 
TYR C     O      doub N N 419 
TYR C     OXT    sing N N 420 
TYR CB    CG     sing N N 421 
TYR CB    HB2    sing N N 422 
TYR CB    HB3    sing N N 423 
TYR CG    CD1    doub Y N 424 
TYR CG    CD2    sing Y N 425 
TYR CD1   CE1    sing Y N 426 
TYR CD1   HD1    sing N N 427 
TYR CD2   CE2    doub Y N 428 
TYR CD2   HD2    sing N N 429 
TYR CE1   CZ     doub Y N 430 
TYR CE1   HE1    sing N N 431 
TYR CE2   CZ     sing Y N 432 
TYR CE2   HE2    sing N N 433 
TYR CZ    OH     sing N N 434 
TYR OH    HH     sing N N 435 
TYR OXT   HXT    sing N N 436 
VAL N     CA     sing N N 437 
VAL N     H      sing N N 438 
VAL N     H2     sing N N 439 
VAL CA    C      sing N N 440 
VAL CA    CB     sing N N 441 
VAL CA    HA     sing N N 442 
VAL C     O      doub N N 443 
VAL C     OXT    sing N N 444 
VAL CB    CG1    sing N N 445 
VAL CB    CG2    sing N N 446 
VAL CB    HB     sing N N 447 
VAL CG1   HG11   sing N N 448 
VAL CG1   HG12   sing N N 449 
VAL CG1   HG13   sing N N 450 
VAL CG2   HG21   sing N N 451 
VAL CG2   HG22   sing N N 452 
VAL CG2   HG23   sing N N 453 
VAL OXT   HXT    sing N N 454 
# 
_pdbx_audit_support.funding_organization   'Ministry of Education, Culture, Sports, Science and Technology (Japan)' 
_pdbx_audit_support.country                Japan 
_pdbx_audit_support.grant_number           ? 
_pdbx_audit_support.ordinal                1 
# 
loop_
_pdbx_branch_scheme.asym_id 
_pdbx_branch_scheme.entity_id 
_pdbx_branch_scheme.mon_id 
_pdbx_branch_scheme.num 
_pdbx_branch_scheme.pdb_asym_id 
_pdbx_branch_scheme.pdb_mon_id 
_pdbx_branch_scheme.pdb_seq_num 
_pdbx_branch_scheme.auth_asym_id 
_pdbx_branch_scheme.auth_mon_id 
_pdbx_branch_scheme.auth_seq_num 
_pdbx_branch_scheme.hetero 
B 2 GLC 1 B GLC 1 Y SUC 1 n 
B 2 FRU 2 B FRU 2 Y SUC 1 n 
# 
loop_
_pdbx_chem_comp_identifier.comp_id 
_pdbx_chem_comp_identifier.type 
_pdbx_chem_comp_identifier.program 
_pdbx_chem_comp_identifier.program_version 
_pdbx_chem_comp_identifier.identifier 
FRU 'CONDENSED IUPAC CARBOHYDRATE SYMBOL' GMML     1.0 DFrufb             
FRU 'COMMON NAME'                         GMML     1.0 b-D-fructofuranose 
FRU 'IUPAC CARBOHYDRATE SYMBOL'           PDB-CARE 1.0 b-D-Fruf           
FRU 'SNFG CARBOHYDRATE SYMBOL'            GMML     1.0 Fru                
GLC 'CONDENSED IUPAC CARBOHYDRATE SYMBOL' GMML     1.0 DGlcpa             
GLC 'COMMON NAME'                         GMML     1.0 a-D-glucopyranose  
GLC 'IUPAC CARBOHYDRATE SYMBOL'           PDB-CARE 1.0 a-D-Glcp           
GLC 'SNFG CARBOHYDRATE SYMBOL'            GMML     1.0 Glc                
# 
_pdbx_entity_branch.entity_id   2 
_pdbx_entity_branch.type        oligosaccharide 
# 
loop_
_pdbx_entity_branch_descriptor.ordinal 
_pdbx_entity_branch_descriptor.entity_id 
_pdbx_entity_branch_descriptor.descriptor 
_pdbx_entity_branch_descriptor.type 
_pdbx_entity_branch_descriptor.program 
_pdbx_entity_branch_descriptor.program_version 
1 2 DFrufb2-1DGlcpa                                            'Glycam Condensed Sequence' GMML       1.0   
2 2 'WURCS=2.0/2,2,1/[ha122h-2b_2-5][a2122h-1a_1-5]/1-2/a2-b1' WURCS                       PDB2Glycan 1.1.0 
3 2 '[][b-D-Fruf]{[(2+1)][a-D-Glcp]{}}'                        LINUCS                      PDB-CARE   ?     
# 
_pdbx_entity_branch_link.link_id                    1 
_pdbx_entity_branch_link.entity_id                  2 
_pdbx_entity_branch_link.entity_branch_list_num_1   1 
_pdbx_entity_branch_link.comp_id_1                  GLC 
_pdbx_entity_branch_link.atom_id_1                  C1 
_pdbx_entity_branch_link.leaving_atom_id_1          O1 
_pdbx_entity_branch_link.entity_branch_list_num_2   2 
_pdbx_entity_branch_link.comp_id_2                  FRU 
_pdbx_entity_branch_link.atom_id_2                  O2 
_pdbx_entity_branch_link.leaving_atom_id_2          HO2 
_pdbx_entity_branch_link.value_order                sing 
_pdbx_entity_branch_link.details                    ? 
# 
loop_
_pdbx_entity_branch_list.entity_id 
_pdbx_entity_branch_list.comp_id 
_pdbx_entity_branch_list.num 
_pdbx_entity_branch_list.hetero 
2 GLC 1 n 
2 FRU 2 n 
# 
_pdbx_entity_instance_feature.ordinal        1 
_pdbx_entity_instance_feature.comp_id        8OG 
_pdbx_entity_instance_feature.asym_id        ? 
_pdbx_entity_instance_feature.seq_num        ? 
_pdbx_entity_instance_feature.auth_comp_id   8OG 
_pdbx_entity_instance_feature.auth_asym_id   ? 
_pdbx_entity_instance_feature.auth_seq_num   ? 
_pdbx_entity_instance_feature.feature_type   'SUBJECT OF INVESTIGATION' 
_pdbx_entity_instance_feature.details        ? 
# 
loop_
_pdbx_entity_nonpoly.entity_id 
_pdbx_entity_nonpoly.name 
_pdbx_entity_nonpoly.comp_id 
3 "8-OXO-2'-DEOXY-GUANOSINE-5'-MONOPHOSPHATE" 8OG 
4 'SULFATE ION'                               SO4 
5 'MAGNESIUM ION'                             MG  
6 water                                       HOH 
# 
_pdbx_initial_refinement_model.id               1 
_pdbx_initial_refinement_model.entity_id_list   ? 
_pdbx_initial_refinement_model.type             'experimental model' 
_pdbx_initial_refinement_model.source_name      PDB 
_pdbx_initial_refinement_model.accession_code   3A6T 
_pdbx_initial_refinement_model.details          ? 
# 
_pdbx_struct_assembly_auth_evidence.id                     1 
_pdbx_struct_assembly_auth_evidence.assembly_id            1 
_pdbx_struct_assembly_auth_evidence.experimental_support   'gel filtration' 
_pdbx_struct_assembly_auth_evidence.details                ? 
# 
_space_group.name_H-M_alt     'P 21 21 21' 
_space_group.name_Hall        'P 2ac 2ab' 
_space_group.IT_number        19 
_space_group.crystal_system   orthorhombic 
_space_group.id               1 
# 
